data_6N81
#
_entry.id   6N81
#
_cell.length_a   82.602
_cell.length_b   150.100
_cell.length_c   117.250
_cell.angle_alpha   90.00
_cell.angle_beta   95.06
_cell.angle_gamma   90.00
#
_symmetry.space_group_name_H-M   'P 1 21 1'
#
loop_
_entity.id
_entity.type
_entity.pdbx_description
1 polymer 'Major capsid protein'
2 polymer 'A1227 Fab light chain'
3 polymer 'A1227 Fab heavy chain'
4 water water
#
loop_
_entity_poly.entity_id
_entity_poly.type
_entity_poly.pdbx_seq_one_letter_code
_entity_poly.pdbx_strand_id
1 'polypeptide(L)'
;GPSKPFTVPILTVEEMTNSRFPIPLEKLFTGPSGAFVVQPQNGRCTTDGVLLGTTQLSPVNICTFRGDVTHIAGTHNYTM
NLASQNWNNYDPTEEIPAPLGTPDFVGRIQGMLTQTTRGDGSTRGHKATVSTGDVHFTPKLGSIQFNTDTNNDFETGQNT
KFTPVGVVQDGNGAHQNEPQQWVLPSYSGRTGHNVHLAPAVAPTFPGEQLLFFRSTMPGCSGYPNMNLDCLLPQEWVQHF
YQEAAPAQSDVALLRFVNPDTGRVLFECKLHKSGYVTVAHTGQHDLVIPPNGYFRFDSWVNQFYTLAPM
;
A,B
2 'polypeptide(L)'
;DIRLTQSPSSLSASVGDRVTITCRASQSISSYLNWYQQKPGKAPDLLIYGASSLQSGVPSRFSGSGSGTDFTLTISSLQP
EDFGNYYCQQSFSTPRTFGQGTKVELKRTVAAPSVFIFPPSDEQLKSGTASVVCLLNNFYPREAKVQWKVDNALQSGNSQ
ESVTEQDSKDSTYSLSSTLTLSKADYEKHKVYACEVTHQGLSSPVTKSFNRGEC
;
D,L
3 'polypeptide(L)'
;QVQLVQSGGGMVQPGGSLSLSCAASGFTLSNYAMTWVRQAPGKGLEWVSSIGGSGGTTYYADSVKGRFTISRDSSMNTLY
LQMSNLRAGDTAVYYCAKDKTRTLRLGYSGMDVWGQGTTVTVSSASTKGPSVFPLAPSSKSTSGGTAALGCLVKDYFPEP
VTVSWNSGALTSGVHTFPAVLQSSGLYSLSSVVTVPSSSLGTQTYICNVNHKPSNTKVDKKVEPKSCDKGLEVLFQ
;
C,H
#
# COMPACT_ATOMS: atom_id res chain seq x y z
N LYS A 4 8.16 -5.34 8.26
CA LYS A 4 7.09 -4.77 7.44
C LYS A 4 5.70 -5.14 7.97
N PRO A 5 4.92 -4.12 8.35
CA PRO A 5 3.64 -4.29 9.07
C PRO A 5 2.46 -4.65 8.17
N PHE A 6 1.71 -5.66 8.59
CA PHE A 6 0.50 -6.07 7.88
C PHE A 6 -0.65 -5.08 8.07
N THR A 7 -1.43 -4.87 7.01
CA THR A 7 -2.59 -3.99 7.06
C THR A 7 -3.68 -4.46 6.12
N VAL A 8 -4.91 -4.03 6.39
CA VAL A 8 -5.98 -4.11 5.40
C VAL A 8 -6.31 -2.67 5.03
N PRO A 9 -6.69 -2.44 3.76
CA PRO A 9 -6.97 -1.07 3.33
C PRO A 9 -8.12 -0.45 4.11
N ILE A 10 -8.06 0.85 4.33
CA ILE A 10 -9.17 1.55 4.98
C ILE A 10 -10.28 1.80 3.95
N LEU A 11 -11.20 0.85 3.88
CA LEU A 11 -12.30 0.91 2.92
C LEU A 11 -13.57 0.36 3.54
N THR A 12 -14.66 1.12 3.41
CA THR A 12 -15.95 0.64 3.87
C THR A 12 -16.41 -0.49 2.95
N VAL A 13 -17.33 -1.31 3.45
CA VAL A 13 -17.85 -2.44 2.68
C VAL A 13 -18.35 -2.03 1.29
N GLU A 14 -19.13 -0.96 1.23
CA GLU A 14 -19.72 -0.53 -0.04
C GLU A 14 -18.70 0.13 -0.98
N GLU A 15 -17.56 0.54 -0.44
CA GLU A 15 -16.51 1.10 -1.29
C GLU A 15 -15.72 0.00 -1.98
N MET A 16 -15.84 -1.22 -1.47
CA MET A 16 -15.07 -2.34 -2.00
C MET A 16 -15.83 -3.14 -3.06
N THR A 17 -15.12 -4.04 -3.72
CA THR A 17 -15.63 -4.73 -4.90
C THR A 17 -15.62 -6.23 -4.71
N ASN A 18 -16.69 -6.90 -5.14
CA ASN A 18 -16.78 -8.35 -5.08
C ASN A 18 -15.69 -8.98 -5.94
N SER A 19 -15.12 -10.07 -5.46
CA SER A 19 -13.98 -10.67 -6.13
C SER A 19 -14.37 -11.85 -7.03
N ARG A 20 -15.66 -12.14 -7.11
CA ARG A 20 -16.13 -13.24 -7.94
C ARG A 20 -17.04 -12.75 -9.07
N PHE A 21 -17.31 -11.46 -9.09
CA PHE A 21 -18.13 -10.84 -10.14
C PHE A 21 -17.93 -9.33 -10.08
N PRO A 22 -17.76 -8.69 -11.24
CA PRO A 22 -17.44 -7.25 -11.32
C PRO A 22 -18.55 -6.34 -10.82
N ILE A 23 -18.91 -6.43 -9.54
CA ILE A 23 -19.94 -5.58 -8.95
C ILE A 23 -19.52 -5.17 -7.54
N PRO A 24 -20.06 -4.05 -7.03
CA PRO A 24 -19.71 -3.61 -5.67
C PRO A 24 -20.20 -4.56 -4.60
N LEU A 25 -19.48 -4.60 -3.48
CA LEU A 25 -19.97 -5.26 -2.27
C LEU A 25 -21.14 -4.46 -1.72
N GLU A 26 -22.03 -5.14 -1.00
CA GLU A 26 -23.17 -4.46 -0.41
C GLU A 26 -23.26 -4.65 1.10
N LYS A 27 -22.95 -5.86 1.56
CA LYS A 27 -23.16 -6.19 2.96
C LYS A 27 -22.35 -7.39 3.42
N LEU A 28 -22.37 -7.61 4.74
CA LEU A 28 -21.68 -8.73 5.36
C LEU A 28 -22.67 -9.77 5.86
N PHE A 29 -22.37 -11.03 5.58
CA PHE A 29 -23.26 -12.11 5.97
C PHE A 29 -22.49 -13.28 6.58
N THR A 30 -23.09 -13.93 7.56
CA THR A 30 -22.53 -15.15 8.13
C THR A 30 -23.60 -16.21 8.28
N GLY A 31 -23.17 -17.47 8.25
CA GLY A 31 -24.09 -18.58 8.38
C GLY A 31 -23.34 -19.88 8.34
N PRO A 32 -23.99 -20.98 8.76
CA PRO A 32 -23.37 -22.30 8.68
C PRO A 32 -23.14 -22.71 7.23
N SER A 33 -22.05 -23.43 6.98
CA SER A 33 -21.70 -23.83 5.63
C SER A 33 -21.43 -25.33 5.54
N GLY A 34 -22.12 -26.10 6.36
CA GLY A 34 -21.95 -27.55 6.38
C GLY A 34 -22.60 -28.24 5.21
N ALA A 35 -23.77 -27.73 4.79
CA ALA A 35 -24.55 -28.38 3.75
C ALA A 35 -24.00 -28.14 2.34
N PHE A 36 -22.79 -27.59 2.25
CA PHE A 36 -22.15 -27.36 0.96
C PHE A 36 -20.65 -27.15 1.08
N VAL A 37 -19.98 -27.21 -0.06
CA VAL A 37 -18.53 -27.07 -0.12
C VAL A 37 -18.14 -25.66 -0.56
N VAL A 38 -17.64 -24.86 0.36
CA VAL A 38 -17.19 -23.52 0.06
C VAL A 38 -15.81 -23.56 -0.59
N GLN A 39 -15.77 -23.64 -1.91
CA GLN A 39 -14.50 -23.70 -2.61
C GLN A 39 -14.44 -22.74 -3.80
N PRO A 40 -14.58 -21.44 -3.54
CA PRO A 40 -14.50 -20.48 -4.65
C PRO A 40 -13.07 -20.37 -5.17
N GLN A 41 -12.90 -20.11 -6.46
CA GLN A 41 -11.58 -20.05 -7.06
C GLN A 41 -11.13 -18.62 -7.35
N ASN A 42 -12.10 -17.71 -7.46
CA ASN A 42 -11.79 -16.28 -7.52
C ASN A 42 -11.86 -15.67 -6.13
N GLY A 43 -11.07 -14.63 -5.91
CA GLY A 43 -10.99 -14.00 -4.60
C GLY A 43 -10.18 -14.82 -3.61
N ARG A 44 -9.21 -15.58 -4.13
CA ARG A 44 -8.36 -16.38 -3.27
C ARG A 44 -6.95 -15.82 -3.25
N CYS A 45 -6.51 -15.44 -2.06
CA CYS A 45 -5.18 -14.88 -1.87
C CYS A 45 -4.75 -15.02 -0.42
N THR A 46 -3.49 -15.36 -0.19
CA THR A 46 -2.97 -15.42 1.17
C THR A 46 -2.59 -14.02 1.61
N THR A 47 -2.59 -13.79 2.92
CA THR A 47 -2.29 -12.47 3.47
C THR A 47 -0.85 -12.05 3.20
N ASP A 48 0.02 -13.02 2.92
CA ASP A 48 1.42 -12.70 2.60
C ASP A 48 1.64 -12.67 1.08
N GLY A 49 0.56 -12.52 0.33
CA GLY A 49 0.66 -12.15 -1.07
C GLY A 49 0.75 -13.25 -2.11
N VAL A 50 0.12 -14.39 -1.85
CA VAL A 50 0.12 -15.46 -2.85
C VAL A 50 -1.27 -15.66 -3.42
N LEU A 51 -1.42 -15.35 -4.70
CA LEU A 51 -2.67 -15.56 -5.42
C LEU A 51 -2.96 -17.05 -5.55
N LEU A 52 -4.22 -17.44 -5.38
CA LEU A 52 -4.60 -18.84 -5.44
C LEU A 52 -5.71 -19.08 -6.45
N GLY A 53 -5.85 -20.32 -6.88
CA GLY A 53 -6.92 -20.72 -7.79
C GLY A 53 -6.82 -20.06 -9.15
N THR A 54 -7.86 -19.30 -9.49
CA THR A 54 -7.91 -18.56 -10.76
C THR A 54 -7.93 -17.06 -10.50
N THR A 55 -7.56 -16.64 -9.30
CA THR A 55 -7.60 -15.23 -8.91
C THR A 55 -6.54 -14.37 -9.61
N GLN A 56 -6.99 -13.25 -10.17
CA GLN A 56 -6.09 -12.26 -10.74
C GLN A 56 -6.41 -10.89 -10.14
N LEU A 57 -5.76 -9.85 -10.63
CA LEU A 57 -5.80 -8.54 -9.97
C LEU A 57 -6.93 -7.63 -10.44
N SER A 58 -7.25 -7.69 -11.73
CA SER A 58 -8.23 -6.77 -12.31
C SER A 58 -9.67 -7.14 -11.97
N PRO A 59 -10.36 -6.26 -11.23
CA PRO A 59 -11.76 -6.43 -10.84
C PRO A 59 -12.74 -6.39 -12.02
N VAL A 60 -12.34 -5.79 -13.14
CA VAL A 60 -13.21 -5.69 -14.30
C VAL A 60 -12.99 -6.83 -15.30
N ASN A 61 -12.06 -7.73 -14.99
CA ASN A 61 -11.78 -8.85 -15.88
C ASN A 61 -12.35 -10.17 -15.37
N ILE A 62 -13.07 -10.11 -14.26
CA ILE A 62 -13.73 -11.29 -13.73
C ILE A 62 -14.95 -11.63 -14.58
N CYS A 63 -14.99 -12.87 -15.06
CA CYS A 63 -16.05 -13.39 -15.92
C CYS A 63 -16.10 -12.75 -17.31
N THR A 64 -14.97 -12.23 -17.78
CA THR A 64 -14.87 -11.77 -19.15
C THR A 64 -14.25 -12.86 -20.01
N PHE A 65 -14.43 -12.76 -21.33
CA PHE A 65 -13.86 -13.73 -22.26
C PHE A 65 -13.40 -13.05 -23.54
N ARG A 66 -12.19 -13.40 -23.98
CA ARG A 66 -11.67 -12.84 -25.22
C ARG A 66 -11.23 -13.95 -26.16
N GLY A 67 -11.48 -13.74 -27.46
CA GLY A 67 -11.06 -14.69 -28.46
C GLY A 67 -11.77 -14.47 -29.78
N ASP A 68 -11.62 -15.42 -30.69
CA ASP A 68 -12.36 -15.40 -31.94
C ASP A 68 -13.56 -16.35 -31.83
N VAL A 69 -14.53 -16.20 -32.72
CA VAL A 69 -15.72 -17.03 -32.67
C VAL A 69 -15.99 -17.71 -34.01
N THR A 70 -16.72 -18.81 -33.96
CA THR A 70 -17.18 -19.51 -35.15
C THR A 70 -18.62 -19.93 -34.95
N HIS A 71 -19.45 -19.68 -35.96
CA HIS A 71 -20.87 -19.96 -35.84
C HIS A 71 -21.17 -21.45 -35.89
N ILE A 72 -22.11 -21.89 -35.05
CA ILE A 72 -22.60 -23.27 -35.09
C ILE A 72 -23.84 -23.34 -35.98
N ALA A 73 -23.71 -24.08 -37.08
CA ALA A 73 -24.73 -24.09 -38.14
C ALA A 73 -26.14 -24.43 -37.63
N GLY A 74 -27.12 -23.64 -38.07
CA GLY A 74 -28.51 -23.88 -37.75
C GLY A 74 -28.89 -23.54 -36.32
N THR A 75 -28.05 -22.76 -35.65
CA THR A 75 -28.33 -22.33 -34.29
C THR A 75 -28.10 -20.83 -34.15
N HIS A 76 -28.19 -20.34 -32.91
CA HIS A 76 -27.79 -18.98 -32.61
C HIS A 76 -26.58 -19.00 -31.69
N ASN A 77 -25.84 -20.11 -31.73
CA ASN A 77 -24.70 -20.29 -30.86
C ASN A 77 -23.35 -20.13 -31.55
N TYR A 78 -22.37 -19.63 -30.80
CA TYR A 78 -21.01 -19.46 -31.30
C TYR A 78 -20.01 -20.12 -30.37
N THR A 79 -18.98 -20.73 -30.95
CA THR A 79 -17.87 -21.26 -30.18
C THR A 79 -16.77 -20.23 -30.11
N MET A 80 -16.34 -19.89 -28.90
CA MET A 80 -15.22 -18.97 -28.75
C MET A 80 -13.94 -19.73 -28.40
N ASN A 81 -12.96 -19.64 -29.30
CA ASN A 81 -11.62 -20.09 -28.98
C ASN A 81 -10.95 -19.03 -28.12
N LEU A 82 -10.72 -19.35 -26.86
CA LEU A 82 -10.26 -18.37 -25.89
C LEU A 82 -8.85 -17.87 -26.15
N ALA A 83 -8.65 -16.58 -25.89
CA ALA A 83 -7.33 -15.99 -25.87
C ALA A 83 -7.13 -15.32 -24.52
N SER A 84 -5.89 -15.03 -24.17
CA SER A 84 -5.62 -14.28 -22.96
C SER A 84 -6.08 -12.83 -23.12
N GLN A 85 -6.08 -12.08 -22.03
CA GLN A 85 -6.54 -10.68 -22.06
C GLN A 85 -5.81 -9.84 -23.11
N ASN A 86 -4.51 -10.02 -23.23
CA ASN A 86 -3.73 -9.34 -24.28
C ASN A 86 -3.87 -9.95 -25.68
N TRP A 87 -4.96 -10.68 -25.90
CA TRP A 87 -5.26 -11.25 -27.22
C TRP A 87 -4.20 -12.25 -27.69
N ASN A 88 -3.35 -12.72 -26.78
CA ASN A 88 -2.37 -13.74 -27.13
C ASN A 88 -2.98 -15.14 -26.98
N ASN A 89 -2.32 -16.13 -27.58
CA ASN A 89 -2.75 -17.52 -27.47
C ASN A 89 -2.87 -17.95 -26.02
N TYR A 90 -4.00 -18.54 -25.67
CA TYR A 90 -4.16 -19.11 -24.33
C TYR A 90 -3.32 -20.38 -24.20
N ASP A 91 -2.72 -20.56 -23.03
CA ASP A 91 -1.85 -21.72 -22.79
C ASP A 91 -2.46 -22.64 -21.72
N PRO A 92 -3.00 -23.78 -22.17
CA PRO A 92 -3.68 -24.71 -21.26
C PRO A 92 -2.72 -25.55 -20.41
N THR A 93 -1.42 -25.45 -20.68
CA THR A 93 -0.44 -26.24 -19.94
C THR A 93 -0.03 -25.57 -18.63
N GLU A 94 -0.39 -24.30 -18.47
CA GLU A 94 -0.11 -23.59 -17.23
C GLU A 94 -0.79 -24.27 -16.04
N GLU A 95 -0.13 -24.29 -14.89
CA GLU A 95 -0.65 -25.05 -13.76
C GLU A 95 -1.69 -24.24 -13.00
N ILE A 96 -2.85 -24.02 -13.64
CA ILE A 96 -3.97 -23.33 -13.02
C ILE A 96 -5.28 -24.04 -13.42
N PRO A 97 -6.33 -23.90 -12.60
CA PRO A 97 -7.60 -24.59 -12.89
C PRO A 97 -8.20 -24.20 -14.23
N ALA A 98 -8.07 -22.93 -14.57
CA ALA A 98 -8.68 -22.36 -15.77
C ALA A 98 -7.99 -21.02 -16.02
N PRO A 99 -8.29 -20.37 -17.16
CA PRO A 99 -7.83 -18.99 -17.32
C PRO A 99 -8.18 -18.13 -16.11
N LEU A 100 -7.27 -17.24 -15.70
CA LEU A 100 -7.54 -16.40 -14.55
C LEU A 100 -8.77 -15.52 -14.79
N GLY A 101 -9.63 -15.44 -13.78
CA GLY A 101 -10.83 -14.64 -13.90
C GLY A 101 -12.03 -15.44 -14.37
N THR A 102 -11.79 -16.69 -14.76
CA THR A 102 -12.86 -17.59 -15.19
C THR A 102 -13.92 -17.72 -14.10
N PRO A 103 -15.21 -17.72 -14.50
CA PRO A 103 -16.30 -17.90 -13.54
C PRO A 103 -16.11 -19.16 -12.70
N ASP A 104 -16.33 -19.06 -11.39
CA ASP A 104 -16.14 -20.20 -10.51
C ASP A 104 -17.46 -20.67 -9.88
N PHE A 105 -18.55 -20.55 -10.63
CA PHE A 105 -19.84 -21.05 -10.19
C PHE A 105 -20.65 -21.55 -11.38
N VAL A 106 -21.51 -22.53 -11.13
CA VAL A 106 -22.39 -23.05 -12.17
C VAL A 106 -23.61 -22.15 -12.31
N GLY A 107 -23.90 -21.75 -13.54
CA GLY A 107 -25.00 -20.85 -13.78
C GLY A 107 -24.90 -20.23 -15.15
N ARG A 108 -25.97 -19.56 -15.58
CA ARG A 108 -25.97 -18.91 -16.87
C ARG A 108 -25.74 -17.42 -16.72
N ILE A 109 -24.64 -16.94 -17.28
CA ILE A 109 -24.26 -15.54 -17.20
C ILE A 109 -24.63 -14.82 -18.49
N GLN A 110 -25.30 -13.69 -18.36
CA GLN A 110 -25.66 -12.92 -19.53
C GLN A 110 -24.87 -11.62 -19.60
N GLY A 111 -24.52 -11.24 -20.81
CA GLY A 111 -23.87 -9.98 -21.06
C GLY A 111 -23.93 -9.69 -22.55
N MET A 112 -22.89 -9.04 -23.08
CA MET A 112 -22.84 -8.79 -24.50
C MET A 112 -21.55 -9.31 -25.12
N LEU A 113 -21.69 -9.91 -26.31
CA LEU A 113 -20.55 -10.17 -27.17
C LEU A 113 -20.34 -8.97 -28.08
N THR A 114 -19.14 -8.39 -28.04
CA THR A 114 -18.80 -7.30 -28.96
C THR A 114 -17.68 -7.75 -29.87
N GLN A 115 -17.64 -7.20 -31.08
CA GLN A 115 -16.61 -7.58 -32.03
C GLN A 115 -16.21 -6.40 -32.92
N THR A 116 -14.92 -6.34 -33.25
CA THR A 116 -14.41 -5.30 -34.15
C THR A 116 -13.73 -5.93 -35.35
N THR A 117 -14.11 -5.49 -36.54
CA THR A 117 -13.43 -5.94 -37.76
C THR A 117 -12.15 -5.12 -37.94
N ARG A 118 -11.01 -5.82 -37.87
CA ARG A 118 -9.70 -5.20 -37.86
C ARG A 118 -9.42 -4.34 -39.10
N GLY A 119 -9.92 -4.80 -40.25
CA GLY A 119 -9.62 -4.15 -41.51
C GLY A 119 -10.25 -2.78 -41.73
N ASP A 120 -11.47 -2.58 -41.25
CA ASP A 120 -12.18 -1.33 -41.50
C ASP A 120 -12.74 -0.64 -40.26
N GLY A 121 -12.52 -1.25 -39.10
CA GLY A 121 -12.97 -0.67 -37.84
C GLY A 121 -14.47 -0.76 -37.59
N SER A 122 -15.15 -1.61 -38.35
CA SER A 122 -16.59 -1.80 -38.14
C SER A 122 -16.83 -2.64 -36.88
N THR A 123 -17.94 -2.36 -36.20
CA THR A 123 -18.23 -3.03 -34.93
C THR A 123 -19.63 -3.61 -34.89
N ARG A 124 -19.85 -4.53 -33.95
CA ARG A 124 -21.14 -5.17 -33.75
C ARG A 124 -21.23 -5.68 -32.32
N GLY A 125 -22.45 -5.68 -31.77
CA GLY A 125 -22.67 -6.12 -30.41
C GLY A 125 -24.03 -6.75 -30.22
N HIS A 126 -24.08 -7.83 -29.45
CA HIS A 126 -25.31 -8.57 -29.24
C HIS A 126 -25.40 -9.15 -27.84
N LYS A 127 -26.62 -9.28 -27.32
CA LYS A 127 -26.82 -9.99 -26.06
C LYS A 127 -26.38 -11.44 -26.23
N ALA A 128 -25.73 -11.97 -25.21
CA ALA A 128 -25.23 -13.32 -25.26
C ALA A 128 -25.23 -13.96 -23.88
N THR A 129 -25.45 -15.27 -23.84
CA THR A 129 -25.47 -16.03 -22.60
C THR A 129 -24.46 -17.17 -22.66
N VAL A 130 -23.71 -17.34 -21.58
CA VAL A 130 -22.84 -18.51 -21.47
C VAL A 130 -23.30 -19.37 -20.29
N SER A 131 -23.45 -20.67 -20.55
CA SER A 131 -23.82 -21.60 -19.49
C SER A 131 -22.57 -22.32 -18.98
N THR A 132 -22.20 -22.05 -17.73
CA THR A 132 -20.97 -22.60 -17.17
C THR A 132 -21.13 -24.04 -16.68
N GLY A 133 -22.35 -24.56 -16.74
CA GLY A 133 -22.60 -25.94 -16.36
C GLY A 133 -22.80 -26.79 -17.59
N ASP A 134 -22.76 -26.14 -18.75
CA ASP A 134 -22.91 -26.79 -20.04
C ASP A 134 -21.72 -27.70 -20.34
N VAL A 135 -21.92 -28.69 -21.20
CA VAL A 135 -20.85 -29.61 -21.57
C VAL A 135 -19.83 -28.93 -22.49
N HIS A 136 -20.24 -27.83 -23.10
CA HIS A 136 -19.37 -27.09 -24.02
C HIS A 136 -18.57 -26.02 -23.28
N PHE A 137 -18.83 -25.86 -21.99
CA PHE A 137 -18.03 -24.94 -21.17
C PHE A 137 -16.72 -25.60 -20.77
N THR A 138 -15.70 -25.45 -21.61
CA THR A 138 -14.41 -26.06 -21.38
C THR A 138 -13.26 -25.04 -21.48
N PRO A 139 -13.25 -24.03 -20.58
CA PRO A 139 -12.22 -22.99 -20.68
C PRO A 139 -10.80 -23.50 -20.48
N LYS A 140 -10.62 -24.52 -19.64
CA LYS A 140 -9.30 -25.10 -19.43
C LYS A 140 -8.74 -25.66 -20.74
N LEU A 141 -9.64 -26.17 -21.57
CA LEU A 141 -9.26 -26.66 -22.89
C LEU A 141 -9.15 -25.52 -23.89
N GLY A 142 -9.67 -24.34 -23.53
CA GLY A 142 -9.56 -23.15 -24.35
C GLY A 142 -10.75 -22.85 -25.25
N SER A 143 -11.92 -23.35 -24.85
CA SER A 143 -13.11 -23.23 -25.68
C SER A 143 -14.38 -23.16 -24.85
N ILE A 144 -15.26 -22.23 -25.20
CA ILE A 144 -16.60 -22.18 -24.59
C ILE A 144 -17.63 -21.88 -25.66
N GLN A 145 -18.89 -21.82 -25.25
CA GLN A 145 -19.98 -21.60 -26.18
C GLN A 145 -20.95 -20.52 -25.68
N PHE A 146 -21.40 -19.66 -26.59
CA PHE A 146 -22.38 -18.64 -26.26
C PHE A 146 -23.68 -18.86 -27.01
N ASN A 147 -24.79 -18.48 -26.40
CA ASN A 147 -26.05 -18.36 -27.11
C ASN A 147 -26.34 -16.88 -27.35
N THR A 148 -26.49 -16.49 -28.61
CA THR A 148 -26.65 -15.07 -28.96
C THR A 148 -27.98 -14.77 -29.64
N ASP A 149 -28.19 -13.48 -29.92
CA ASP A 149 -29.40 -13.03 -30.60
C ASP A 149 -29.28 -13.08 -32.10
N THR A 150 -28.07 -13.29 -32.59
CA THR A 150 -27.82 -13.32 -34.03
C THR A 150 -27.43 -14.71 -34.51
N ASN A 151 -27.44 -14.90 -35.83
CA ASN A 151 -27.04 -16.16 -36.42
C ASN A 151 -26.29 -15.95 -37.72
N ASN A 152 -25.87 -14.71 -37.98
CA ASN A 152 -25.16 -14.39 -39.22
C ASN A 152 -24.29 -13.14 -39.14
N ASP A 153 -24.27 -12.48 -37.99
CA ASP A 153 -23.58 -11.20 -37.89
C ASP A 153 -22.12 -11.32 -37.50
N PHE A 154 -21.82 -12.10 -36.46
CA PHE A 154 -20.45 -12.22 -35.98
C PHE A 154 -19.52 -12.87 -37.00
N GLU A 155 -18.33 -12.31 -37.12
CA GLU A 155 -17.37 -12.75 -38.13
C GLU A 155 -16.27 -13.61 -37.54
N THR A 156 -15.64 -14.42 -38.38
CA THR A 156 -14.56 -15.29 -37.96
C THR A 156 -13.21 -14.56 -38.04
N GLY A 157 -12.25 -15.02 -37.24
CA GLY A 157 -10.91 -14.45 -37.26
C GLY A 157 -10.84 -12.99 -36.84
N GLN A 158 -11.77 -12.59 -35.98
CA GLN A 158 -11.82 -11.21 -35.50
C GLN A 158 -11.92 -11.16 -33.99
N ASN A 159 -11.25 -10.19 -33.39
CA ASN A 159 -11.29 -10.01 -31.93
C ASN A 159 -12.71 -9.88 -31.40
N THR A 160 -13.05 -10.73 -30.44
CA THR A 160 -14.38 -10.73 -29.86
C THR A 160 -14.29 -10.77 -28.34
N LYS A 161 -15.07 -9.93 -27.67
CA LYS A 161 -15.07 -9.88 -26.21
C LYS A 161 -16.46 -10.11 -25.64
N PHE A 162 -16.52 -10.79 -24.51
CA PHE A 162 -17.78 -10.96 -23.78
C PHE A 162 -17.75 -10.16 -22.48
N THR A 163 -18.68 -9.23 -22.34
CA THR A 163 -18.76 -8.42 -21.12
C THR A 163 -19.94 -8.89 -20.29
N PRO A 164 -19.67 -9.41 -19.09
CA PRO A 164 -20.75 -9.96 -18.26
C PRO A 164 -21.60 -8.86 -17.62
N VAL A 165 -22.89 -9.13 -17.48
CA VAL A 165 -23.79 -8.17 -16.84
C VAL A 165 -24.50 -8.76 -15.64
N GLY A 166 -25.11 -9.93 -15.83
CA GLY A 166 -25.87 -10.55 -14.76
C GLY A 166 -26.10 -12.02 -15.01
N VAL A 167 -27.07 -12.58 -14.28
CA VAL A 167 -27.38 -13.99 -14.38
C VAL A 167 -28.85 -14.21 -14.68
N VAL A 168 -29.15 -15.29 -15.37
CA VAL A 168 -30.53 -15.62 -15.70
C VAL A 168 -30.94 -16.96 -15.10
N GLN A 169 -32.21 -17.29 -15.26
CA GLN A 169 -32.79 -18.48 -14.66
C GLN A 169 -33.99 -18.91 -15.46
N ASP A 170 -34.03 -20.17 -15.87
CA ASP A 170 -35.20 -20.73 -16.51
C ASP A 170 -36.35 -20.69 -15.52
N GLY A 171 -37.30 -19.79 -15.75
CA GLY A 171 -38.41 -19.60 -14.83
C GLY A 171 -39.32 -20.81 -14.68
N ASN A 172 -39.12 -21.83 -15.52
CA ASN A 172 -39.90 -23.06 -15.45
C ASN A 172 -39.50 -23.93 -14.26
N GLY A 173 -38.23 -23.85 -13.87
CA GLY A 173 -37.74 -24.58 -12.71
C GLY A 173 -38.06 -23.85 -11.42
N ALA A 174 -37.88 -24.53 -10.30
CA ALA A 174 -38.07 -23.94 -8.97
C ALA A 174 -37.34 -22.60 -8.86
N HIS A 175 -37.99 -21.61 -8.26
CA HIS A 175 -37.42 -20.28 -8.18
C HIS A 175 -36.12 -20.29 -7.38
N GLN A 176 -35.14 -19.50 -7.85
CA GLN A 176 -33.82 -19.37 -7.22
C GLN A 176 -33.01 -20.67 -7.20
N ASN A 177 -33.22 -21.53 -8.19
CA ASN A 177 -32.48 -22.80 -8.25
C ASN A 177 -31.17 -22.67 -9.01
N GLU A 178 -30.99 -21.53 -9.69
CA GLU A 178 -29.74 -21.23 -10.36
C GLU A 178 -29.51 -19.71 -10.37
N PRO A 179 -28.24 -19.26 -10.37
CA PRO A 179 -27.01 -20.07 -10.32
C PRO A 179 -26.76 -20.74 -8.98
N GLN A 180 -25.90 -21.75 -8.98
CA GLN A 180 -25.42 -22.39 -7.77
C GLN A 180 -24.01 -21.88 -7.47
N GLN A 181 -23.89 -20.96 -6.52
CA GLN A 181 -22.64 -20.23 -6.33
C GLN A 181 -21.56 -21.05 -5.64
N TRP A 182 -21.92 -22.15 -5.00
CA TRP A 182 -20.92 -22.96 -4.30
C TRP A 182 -20.62 -24.25 -5.06
N VAL A 183 -21.13 -24.36 -6.27
CA VAL A 183 -20.78 -25.47 -7.15
C VAL A 183 -19.79 -25.01 -8.20
N LEU A 184 -18.60 -25.61 -8.21
CA LEU A 184 -17.60 -25.27 -9.22
C LEU A 184 -17.96 -25.88 -10.56
N PRO A 185 -17.81 -25.10 -11.63
CA PRO A 185 -17.96 -25.67 -12.97
C PRO A 185 -16.87 -26.71 -13.26
N SER A 186 -17.13 -27.59 -14.22
CA SER A 186 -16.11 -28.51 -14.68
C SER A 186 -15.31 -27.84 -15.80
N TYR A 187 -14.19 -27.22 -15.43
CA TYR A 187 -13.40 -26.40 -16.35
C TYR A 187 -12.95 -27.14 -17.61
N SER A 188 -12.84 -28.46 -17.51
CA SER A 188 -12.45 -29.26 -18.67
C SER A 188 -13.62 -30.10 -19.19
N GLY A 189 -14.83 -29.72 -18.80
CA GLY A 189 -16.03 -30.43 -19.21
C GLY A 189 -16.05 -31.88 -18.79
N ARG A 190 -16.38 -32.76 -19.73
CA ARG A 190 -16.43 -34.19 -19.47
C ARG A 190 -15.06 -34.85 -19.66
N THR A 191 -14.08 -34.08 -20.14
CA THR A 191 -12.76 -34.60 -20.47
C THR A 191 -12.00 -35.08 -19.23
N GLY A 192 -12.07 -34.31 -18.15
CA GLY A 192 -11.38 -34.67 -16.92
C GLY A 192 -11.84 -33.88 -15.72
N HIS A 193 -11.20 -34.12 -14.58
CA HIS A 193 -11.55 -33.42 -13.35
C HIS A 193 -10.79 -32.11 -13.21
N ASN A 194 -11.24 -31.26 -12.30
CA ASN A 194 -10.57 -29.99 -12.05
C ASN A 194 -9.20 -30.19 -11.44
N VAL A 195 -8.28 -29.28 -11.75
CA VAL A 195 -6.90 -29.40 -11.27
C VAL A 195 -6.41 -28.09 -10.66
N HIS A 196 -5.51 -28.21 -9.69
CA HIS A 196 -4.79 -27.06 -9.11
C HIS A 196 -5.75 -26.07 -8.47
N LEU A 197 -6.81 -26.59 -7.88
CA LEU A 197 -7.80 -25.78 -7.19
C LEU A 197 -7.25 -25.20 -5.90
N ALA A 198 -7.68 -23.98 -5.57
CA ALA A 198 -7.52 -23.46 -4.23
C ALA A 198 -8.35 -24.34 -3.30
N PRO A 199 -7.87 -24.58 -2.07
CA PRO A 199 -8.56 -25.52 -1.18
C PRO A 199 -9.92 -24.99 -0.74
N ALA A 200 -10.83 -25.90 -0.42
CA ALA A 200 -12.09 -25.53 0.21
C ALA A 200 -11.79 -24.99 1.60
N VAL A 201 -12.67 -24.14 2.12
CA VAL A 201 -12.46 -23.60 3.45
C VAL A 201 -13.65 -23.90 4.36
N ALA A 202 -13.36 -23.95 5.66
CA ALA A 202 -14.38 -24.21 6.67
C ALA A 202 -13.88 -23.77 8.03
N PRO A 203 -14.78 -23.27 8.87
CA PRO A 203 -14.39 -22.94 10.24
C PRO A 203 -14.06 -24.20 11.04
N THR A 204 -12.82 -24.30 11.52
CA THR A 204 -12.37 -25.47 12.27
C THR A 204 -12.59 -25.27 13.77
N PHE A 205 -12.42 -24.03 14.23
CA PHE A 205 -12.64 -23.66 15.62
C PHE A 205 -14.13 -23.62 15.93
N PRO A 206 -14.53 -24.25 17.05
CA PRO A 206 -15.95 -24.36 17.42
C PRO A 206 -16.60 -23.01 17.68
N GLY A 207 -17.87 -22.87 17.31
CA GLY A 207 -18.61 -21.64 17.53
C GLY A 207 -18.36 -20.59 16.46
N GLU A 208 -17.47 -20.90 15.52
CA GLU A 208 -17.12 -19.94 14.48
C GLU A 208 -17.80 -20.26 13.14
N GLN A 209 -18.13 -19.21 12.41
CA GLN A 209 -18.67 -19.35 11.05
C GLN A 209 -17.89 -18.46 10.09
N LEU A 210 -17.93 -18.81 8.81
CA LEU A 210 -17.31 -17.98 7.79
C LEU A 210 -18.00 -16.63 7.69
N LEU A 211 -17.21 -15.57 7.49
CA LEU A 211 -17.78 -14.26 7.22
C LEU A 211 -17.77 -13.99 5.72
N PHE A 212 -18.95 -13.77 5.15
CA PHE A 212 -19.07 -13.62 3.71
C PHE A 212 -19.25 -12.16 3.32
N PHE A 213 -18.54 -11.75 2.27
CA PHE A 213 -18.71 -10.42 1.71
C PHE A 213 -19.70 -10.51 0.57
N ARG A 214 -20.90 -9.99 0.79
CA ARG A 214 -22.03 -10.27 -0.07
C ARG A 214 -22.37 -9.15 -1.06
N SER A 215 -22.69 -9.54 -2.28
CA SER A 215 -23.23 -8.64 -3.28
C SER A 215 -24.52 -9.20 -3.83
N THR A 216 -25.23 -8.41 -4.62
CA THR A 216 -26.40 -8.90 -5.33
C THR A 216 -26.17 -8.75 -6.84
N MET A 217 -25.93 -9.87 -7.50
CA MET A 217 -25.76 -9.88 -8.95
C MET A 217 -27.05 -9.39 -9.63
N PRO A 218 -26.92 -8.65 -10.74
CA PRO A 218 -28.13 -8.25 -11.45
C PRO A 218 -28.79 -9.46 -12.11
N GLY A 219 -30.11 -9.46 -12.17
CA GLY A 219 -30.83 -10.51 -12.88
C GLY A 219 -31.25 -9.99 -14.23
N CYS A 220 -31.19 -10.85 -15.24
CA CYS A 220 -31.49 -10.43 -16.60
C CYS A 220 -32.73 -11.12 -17.17
N SER A 221 -33.23 -12.12 -16.43
CA SER A 221 -34.37 -12.93 -16.87
C SER A 221 -34.67 -14.01 -15.83
N GLY A 222 -35.95 -14.36 -15.70
CA GLY A 222 -36.36 -15.43 -14.79
C GLY A 222 -36.31 -15.05 -13.32
N TYR A 223 -36.05 -16.06 -12.48
CA TYR A 223 -36.01 -15.86 -11.03
C TYR A 223 -34.70 -16.39 -10.46
N PRO A 224 -33.59 -15.74 -10.81
CA PRO A 224 -32.28 -16.27 -10.37
C PRO A 224 -31.97 -16.02 -8.91
N ASN A 225 -31.13 -16.88 -8.34
CA ASN A 225 -30.54 -16.62 -7.03
C ASN A 225 -29.41 -15.62 -7.22
N MET A 226 -29.59 -14.42 -6.69
CA MET A 226 -28.69 -13.32 -7.02
C MET A 226 -27.64 -13.06 -5.95
N ASN A 227 -27.74 -13.78 -4.84
CA ASN A 227 -26.70 -13.73 -3.81
C ASN A 227 -25.35 -14.19 -4.33
N LEU A 228 -24.33 -13.39 -4.09
CA LEU A 228 -22.97 -13.81 -4.41
C LEU A 228 -22.03 -13.43 -3.28
N ASP A 229 -21.43 -14.44 -2.66
CA ASP A 229 -20.54 -14.21 -1.53
C ASP A 229 -19.11 -14.49 -1.93
N CYS A 230 -18.20 -13.67 -1.44
CA CYS A 230 -16.77 -13.94 -1.65
C CYS A 230 -16.07 -13.99 -0.30
N LEU A 231 -14.93 -14.66 -0.26
CA LEU A 231 -14.17 -14.79 0.97
C LEU A 231 -13.34 -13.56 1.24
N LEU A 232 -13.00 -12.83 0.17
CA LEU A 232 -12.16 -11.64 0.27
C LEU A 232 -12.58 -10.59 -0.74
N PRO A 233 -12.69 -9.33 -0.29
CA PRO A 233 -12.89 -8.24 -1.25
C PRO A 233 -11.73 -8.17 -2.24
N GLN A 234 -11.99 -7.76 -3.47
CA GLN A 234 -10.95 -7.71 -4.50
C GLN A 234 -9.83 -6.75 -4.11
N GLU A 235 -10.18 -5.70 -3.38
CA GLU A 235 -9.18 -4.72 -2.94
C GLU A 235 -8.21 -5.35 -1.94
N TRP A 236 -8.74 -6.24 -1.10
CA TRP A 236 -7.90 -6.97 -0.16
C TRP A 236 -6.92 -7.88 -0.92
N VAL A 237 -7.42 -8.53 -1.96
CA VAL A 237 -6.55 -9.33 -2.82
C VAL A 237 -5.45 -8.47 -3.42
N GLN A 238 -5.83 -7.35 -4.02
CA GLN A 238 -4.88 -6.43 -4.62
C GLN A 238 -3.88 -5.90 -3.60
N HIS A 239 -4.36 -5.67 -2.39
CA HIS A 239 -3.54 -5.10 -1.32
C HIS A 239 -2.50 -6.11 -0.82
N PHE A 240 -2.96 -7.32 -0.54
CA PHE A 240 -2.09 -8.39 -0.05
C PHE A 240 -1.00 -8.71 -1.06
N TYR A 241 -1.36 -8.70 -2.35
CA TYR A 241 -0.41 -9.00 -3.41
C TYR A 241 0.70 -7.94 -3.45
N GLN A 242 0.31 -6.66 -3.39
CA GLN A 242 1.28 -5.57 -3.37
C GLN A 242 2.16 -5.60 -2.13
N GLU A 243 1.52 -5.52 -0.96
CA GLU A 243 2.23 -5.46 0.30
C GLU A 243 3.02 -6.74 0.58
N ALA A 244 2.32 -7.87 0.59
CA ALA A 244 2.95 -9.17 0.82
C ALA A 244 3.73 -9.19 2.13
N ALA A 245 3.12 -8.63 3.18
CA ALA A 245 3.75 -8.55 4.50
C ALA A 245 3.79 -9.93 5.16
N PRO A 246 4.84 -10.20 5.96
CA PRO A 246 4.96 -11.51 6.62
C PRO A 246 3.88 -11.72 7.67
N ALA A 247 3.29 -12.90 7.68
CA ALA A 247 2.35 -13.26 8.73
C ALA A 247 3.11 -13.71 9.97
N GLN A 248 2.88 -13.03 11.10
CA GLN A 248 3.54 -13.38 12.35
C GLN A 248 2.81 -14.54 13.01
N SER A 249 1.67 -14.91 12.43
CA SER A 249 0.85 -16.01 12.91
C SER A 249 -0.03 -16.51 11.76
N ASP A 250 -0.84 -17.53 12.02
CA ASP A 250 -1.75 -18.02 11.00
C ASP A 250 -3.07 -17.25 11.03
N VAL A 251 -3.26 -16.47 12.08
CA VAL A 251 -4.52 -15.74 12.26
C VAL A 251 -4.28 -14.26 12.60
N ALA A 252 -4.91 -13.38 11.83
CA ALA A 252 -4.86 -11.95 12.09
C ALA A 252 -6.14 -11.47 12.73
N LEU A 253 -6.04 -10.86 13.90
CA LEU A 253 -7.21 -10.32 14.58
C LEU A 253 -7.63 -8.99 13.99
N LEU A 254 -8.80 -8.96 13.33
CA LEU A 254 -9.35 -7.73 12.79
C LEU A 254 -10.46 -7.19 13.69
N ARG A 255 -10.49 -5.88 13.85
CA ARG A 255 -11.59 -5.20 14.53
C ARG A 255 -12.36 -4.36 13.51
N PHE A 256 -13.68 -4.53 13.48
CA PHE A 256 -14.52 -3.65 12.67
C PHE A 256 -14.85 -2.40 13.48
N VAL A 257 -14.42 -1.25 12.98
CA VAL A 257 -14.36 -0.03 13.77
C VAL A 257 -15.21 1.11 13.18
N ASN A 258 -15.82 1.90 14.06
CA ASN A 258 -16.48 3.13 13.66
C ASN A 258 -15.55 4.32 13.83
N PRO A 259 -15.09 4.90 12.71
CA PRO A 259 -14.09 5.98 12.68
C PRO A 259 -14.51 7.27 13.40
N ASP A 260 -15.78 7.38 13.76
CA ASP A 260 -16.24 8.55 14.51
C ASP A 260 -15.70 8.56 15.93
N THR A 261 -15.56 7.38 16.52
CA THR A 261 -15.25 7.25 17.94
C THR A 261 -14.16 6.23 18.20
N GLY A 262 -13.94 5.34 17.23
CA GLY A 262 -12.96 4.28 17.39
C GLY A 262 -13.58 3.04 18.03
N ARG A 263 -14.87 3.12 18.35
CA ARG A 263 -15.57 2.01 18.99
C ARG A 263 -15.69 0.79 18.07
N VAL A 264 -15.45 -0.37 18.65
CA VAL A 264 -15.44 -1.63 17.91
C VAL A 264 -16.83 -2.27 17.87
N LEU A 265 -17.33 -2.52 16.67
CA LEU A 265 -18.62 -3.15 16.52
C LEU A 265 -18.49 -4.65 16.77
N PHE A 266 -17.49 -5.26 16.15
CA PHE A 266 -17.17 -6.65 16.40
C PHE A 266 -15.73 -6.94 15.99
N GLU A 267 -15.25 -8.14 16.31
CA GLU A 267 -13.93 -8.57 15.91
C GLU A 267 -14.04 -9.85 15.09
N CYS A 268 -12.98 -10.16 14.35
CA CYS A 268 -12.98 -11.37 13.53
C CYS A 268 -11.58 -11.86 13.23
N LYS A 269 -11.49 -13.08 12.72
CA LYS A 269 -10.21 -13.70 12.41
C LYS A 269 -9.97 -13.73 10.91
N LEU A 270 -8.89 -13.07 10.47
CA LEU A 270 -8.46 -13.19 9.09
C LEU A 270 -7.36 -14.24 8.98
N HIS A 271 -7.70 -15.37 8.38
CA HIS A 271 -6.79 -16.51 8.30
C HIS A 271 -5.73 -16.29 7.22
N LYS A 272 -4.51 -16.72 7.51
CA LYS A 272 -3.36 -16.55 6.63
C LYS A 272 -3.65 -17.01 5.20
N SER A 273 -4.39 -18.11 5.08
CA SER A 273 -4.68 -18.68 3.77
C SER A 273 -5.78 -17.91 3.03
N GLY A 274 -6.38 -16.94 3.71
CA GLY A 274 -7.24 -15.97 3.04
C GLY A 274 -8.74 -16.14 3.17
N TYR A 275 -9.24 -16.12 4.40
CA TYR A 275 -10.69 -16.06 4.64
C TYR A 275 -10.98 -15.58 6.05
N VAL A 276 -12.23 -15.21 6.31
CA VAL A 276 -12.60 -14.62 7.59
C VAL A 276 -13.61 -15.49 8.34
N THR A 277 -13.45 -15.58 9.65
CA THR A 277 -14.46 -16.22 10.49
C THR A 277 -14.87 -15.29 11.63
N VAL A 278 -16.07 -15.52 12.15
CA VAL A 278 -16.60 -14.75 13.27
C VAL A 278 -17.18 -15.70 14.31
N ALA A 279 -17.36 -15.21 15.53
CA ALA A 279 -17.96 -16.02 16.58
C ALA A 279 -19.47 -15.80 16.63
N HIS A 280 -20.20 -16.65 15.92
CA HIS A 280 -21.66 -16.57 15.90
C HIS A 280 -22.25 -17.90 15.42
N THR A 281 -23.50 -18.16 15.79
CA THR A 281 -24.18 -19.37 15.35
C THR A 281 -25.53 -19.04 14.73
N GLY A 282 -25.69 -19.38 13.46
CA GLY A 282 -26.91 -19.10 12.73
C GLY A 282 -26.69 -18.17 11.56
N GLN A 283 -27.69 -18.07 10.68
CA GLN A 283 -27.64 -17.10 9.59
C GLN A 283 -27.86 -15.71 10.16
N HIS A 284 -27.15 -14.72 9.61
CA HIS A 284 -27.27 -13.37 10.12
C HIS A 284 -26.71 -12.32 9.16
N ASP A 285 -27.56 -11.37 8.78
CA ASP A 285 -27.12 -10.21 8.04
C ASP A 285 -26.59 -9.16 9.02
N LEU A 286 -25.29 -8.94 9.00
CA LEU A 286 -24.65 -8.00 9.94
C LEU A 286 -25.14 -6.57 9.71
N VAL A 287 -25.53 -5.92 10.80
CA VAL A 287 -25.92 -4.52 10.76
C VAL A 287 -24.76 -3.63 11.15
N ILE A 288 -24.27 -2.85 10.19
CA ILE A 288 -23.07 -2.06 10.39
C ILE A 288 -23.27 -0.57 10.05
N PRO A 289 -22.53 0.31 10.74
CA PRO A 289 -22.51 1.72 10.32
C PRO A 289 -21.88 1.83 8.94
N PRO A 290 -22.49 2.61 8.04
CA PRO A 290 -22.03 2.71 6.65
C PRO A 290 -20.59 3.21 6.53
N ASN A 291 -20.07 3.88 7.56
CA ASN A 291 -18.72 4.42 7.52
C ASN A 291 -17.67 3.48 8.12
N GLY A 292 -18.12 2.33 8.61
CA GLY A 292 -17.25 1.39 9.27
C GLY A 292 -16.26 0.68 8.37
N TYR A 293 -15.17 0.18 8.95
CA TYR A 293 -14.17 -0.56 8.20
C TYR A 293 -13.35 -1.48 9.09
N PHE A 294 -12.69 -2.46 8.48
CA PHE A 294 -11.86 -3.41 9.20
C PHE A 294 -10.49 -2.83 9.55
N ARG A 295 -9.98 -3.19 10.71
CA ARG A 295 -8.67 -2.72 11.15
C ARG A 295 -7.86 -3.84 11.80
N PHE A 296 -6.74 -4.19 11.18
CA PHE A 296 -5.81 -5.15 11.77
C PHE A 296 -5.23 -4.60 13.07
N ASP A 297 -5.35 -5.37 14.15
CA ASP A 297 -4.86 -4.92 15.45
C ASP A 297 -3.66 -5.73 15.93
N SER A 298 -3.74 -7.05 15.80
CA SER A 298 -2.60 -7.90 16.15
C SER A 298 -2.70 -9.30 15.58
N TRP A 299 -1.56 -9.97 15.50
CA TRP A 299 -1.52 -11.39 15.20
C TRP A 299 -1.80 -12.16 16.47
N VAL A 300 -2.66 -13.15 16.38
CA VAL A 300 -3.05 -13.94 17.54
C VAL A 300 -2.78 -15.42 17.32
N ASN A 301 -2.78 -16.17 18.41
CA ASN A 301 -2.67 -17.62 18.35
C ASN A 301 -3.78 -18.20 17.49
N GLN A 302 -3.46 -19.29 16.79
CA GLN A 302 -4.41 -19.96 15.90
C GLN A 302 -5.70 -20.34 16.62
N PHE A 303 -5.60 -20.66 17.90
CA PHE A 303 -6.75 -21.08 18.69
C PHE A 303 -7.25 -19.95 19.58
N TYR A 304 -7.35 -18.76 19.00
CA TYR A 304 -7.84 -17.59 19.71
C TYR A 304 -9.36 -17.60 19.74
N THR A 305 -9.92 -17.30 20.91
CA THR A 305 -11.37 -17.26 21.08
C THR A 305 -11.91 -15.86 20.88
N LEU A 306 -12.66 -15.65 19.80
CA LEU A 306 -13.23 -14.35 19.50
C LEU A 306 -14.31 -13.98 20.50
N ALA A 307 -14.52 -12.69 20.68
CA ALA A 307 -15.69 -12.20 21.39
C ALA A 307 -16.90 -12.43 20.50
N PRO A 308 -18.04 -12.80 21.10
CA PRO A 308 -19.28 -13.01 20.35
C PRO A 308 -19.64 -11.81 19.48
N MET A 309 -19.87 -12.05 18.20
CA MET A 309 -20.18 -11.01 17.24
C MET A 309 -21.45 -10.24 17.61
N LYS B 4 6.20 9.55 5.71
CA LYS B 4 6.32 8.24 5.08
C LYS B 4 6.49 8.37 3.57
N PRO B 5 7.20 7.43 2.95
CA PRO B 5 7.62 7.55 1.54
C PRO B 5 6.48 7.42 0.53
N PHE B 6 6.54 8.22 -0.53
CA PHE B 6 5.59 8.13 -1.62
C PHE B 6 5.94 6.98 -2.56
N THR B 7 4.93 6.26 -3.05
CA THR B 7 5.14 5.18 -4.00
C THR B 7 4.05 5.12 -5.06
N VAL B 8 4.32 4.37 -6.12
CA VAL B 8 3.29 3.97 -7.07
C VAL B 8 3.23 2.46 -7.04
N PRO B 9 2.04 1.88 -7.30
CA PRO B 9 1.91 0.42 -7.22
C PRO B 9 2.85 -0.28 -8.19
N ILE B 10 3.23 -1.51 -7.88
CA ILE B 10 4.04 -2.32 -8.77
C ILE B 10 3.11 -3.17 -9.64
N LEU B 11 2.66 -2.57 -10.73
CA LEU B 11 1.75 -3.22 -11.66
C LEU B 11 2.15 -2.86 -13.08
N THR B 12 2.17 -3.86 -13.97
CA THR B 12 2.36 -3.58 -15.38
C THR B 12 1.13 -2.85 -15.91
N VAL B 13 1.27 -2.24 -17.09
CA VAL B 13 0.17 -1.50 -17.69
C VAL B 13 -1.04 -2.39 -17.92
N GLU B 14 -0.81 -3.56 -18.49
CA GLU B 14 -1.89 -4.48 -18.82
C GLU B 14 -2.58 -5.06 -17.58
N GLU B 15 -1.93 -4.93 -16.43
CA GLU B 15 -2.50 -5.41 -15.16
C GLU B 15 -3.35 -4.34 -14.49
N MET B 16 -3.41 -3.16 -15.09
CA MET B 16 -4.14 -2.06 -14.49
C MET B 16 -5.41 -1.72 -15.25
N THR B 17 -6.25 -0.89 -14.65
CA THR B 17 -7.59 -0.63 -15.15
C THR B 17 -7.75 0.83 -15.56
N ASN B 18 -8.36 1.06 -16.71
CA ASN B 18 -8.68 2.41 -17.14
C ASN B 18 -9.62 3.04 -16.14
N SER B 19 -9.40 4.31 -15.83
CA SER B 19 -10.14 4.96 -14.76
C SER B 19 -11.33 5.77 -15.27
N ARG B 20 -11.56 5.74 -16.59
CA ARG B 20 -12.69 6.47 -17.18
C ARG B 20 -13.73 5.53 -17.76
N PHE B 21 -13.48 4.23 -17.65
CA PHE B 21 -14.36 3.20 -18.19
C PHE B 21 -13.91 1.84 -17.66
N PRO B 22 -14.86 1.00 -17.22
CA PRO B 22 -14.54 -0.27 -16.54
C PRO B 22 -13.88 -1.32 -17.45
N ILE B 23 -12.75 -0.98 -18.04
CA ILE B 23 -12.01 -1.89 -18.90
C ILE B 23 -10.53 -1.79 -18.56
N PRO B 24 -9.74 -2.84 -18.88
CA PRO B 24 -8.32 -2.77 -18.52
C PRO B 24 -7.53 -1.84 -19.43
N LEU B 25 -6.36 -1.40 -18.95
CA LEU B 25 -5.44 -0.64 -19.78
C LEU B 25 -4.79 -1.56 -20.80
N GLU B 26 -4.30 -0.99 -21.90
CA GLU B 26 -3.71 -1.79 -22.95
C GLU B 26 -2.32 -1.29 -23.36
N LYS B 27 -2.17 0.04 -23.43
CA LYS B 27 -0.91 0.60 -23.91
C LYS B 27 -0.68 2.03 -23.44
N LEU B 28 0.51 2.55 -23.73
CA LEU B 28 0.85 3.92 -23.41
C LEU B 28 0.96 4.76 -24.67
N PHE B 29 0.49 6.00 -24.59
CA PHE B 29 0.46 6.89 -25.74
C PHE B 29 0.89 8.29 -25.33
N THR B 30 1.60 8.97 -26.22
CA THR B 30 1.87 10.40 -26.03
C THR B 30 1.60 11.15 -27.32
N GLY B 31 1.05 12.34 -27.19
CA GLY B 31 0.74 13.17 -28.34
C GLY B 31 0.52 14.61 -27.93
N PRO B 32 0.69 15.54 -28.88
CA PRO B 32 0.40 16.95 -28.60
C PRO B 32 -1.09 17.14 -28.33
N SER B 33 -1.42 17.99 -27.36
CA SER B 33 -2.82 18.15 -26.96
C SER B 33 -3.25 19.61 -26.98
N GLY B 34 -2.62 20.41 -27.85
CA GLY B 34 -2.95 21.82 -27.97
C GLY B 34 -4.26 22.08 -28.66
N ALA B 35 -4.63 21.20 -29.59
CA ALA B 35 -5.82 21.40 -30.43
C ALA B 35 -7.12 21.16 -29.68
N PHE B 36 -7.03 20.81 -28.39
CA PHE B 36 -8.22 20.56 -27.58
C PHE B 36 -7.95 20.75 -26.10
N VAL B 37 -9.01 20.65 -25.30
CA VAL B 37 -8.91 20.79 -23.86
C VAL B 37 -8.96 19.43 -23.19
N VAL B 38 -7.91 19.09 -22.47
CA VAL B 38 -7.89 17.85 -21.70
C VAL B 38 -8.41 18.09 -20.29
N GLN B 39 -9.67 17.72 -20.04
CA GLN B 39 -10.26 17.90 -18.72
C GLN B 39 -11.19 16.74 -18.32
N PRO B 40 -10.64 15.52 -18.23
CA PRO B 40 -11.47 14.42 -17.72
C PRO B 40 -11.78 14.61 -16.23
N GLN B 41 -12.89 14.04 -15.78
CA GLN B 41 -13.32 14.25 -14.40
C GLN B 41 -13.21 12.95 -13.62
N ASN B 42 -13.11 11.83 -14.34
CA ASN B 42 -12.80 10.55 -13.73
C ASN B 42 -11.31 10.28 -13.87
N GLY B 43 -10.75 9.52 -12.93
CA GLY B 43 -9.33 9.25 -12.92
C GLY B 43 -8.52 10.48 -12.55
N ARG B 44 -9.09 11.29 -11.65
CA ARG B 44 -8.43 12.49 -11.19
C ARG B 44 -8.15 12.41 -9.70
N CYS B 45 -6.89 12.51 -9.33
CA CYS B 45 -6.47 12.42 -7.94
C CYS B 45 -5.11 13.05 -7.77
N THR B 46 -4.90 13.72 -6.64
CA THR B 46 -3.58 14.26 -6.34
C THR B 46 -2.71 13.14 -5.78
N THR B 47 -1.39 13.32 -5.81
CA THR B 47 -0.49 12.28 -5.33
C THR B 47 -0.52 12.18 -3.80
N ASP B 48 -0.94 13.26 -3.13
CA ASP B 48 -1.08 13.22 -1.69
C ASP B 48 -2.52 12.90 -1.27
N GLY B 49 -3.26 12.29 -2.20
CA GLY B 49 -4.49 11.60 -1.87
C GLY B 49 -5.78 12.40 -1.79
N VAL B 50 -5.98 13.33 -2.72
CA VAL B 50 -7.24 14.05 -2.76
C VAL B 50 -7.94 13.75 -4.07
N LEU B 51 -9.13 13.15 -3.96
CA LEU B 51 -9.94 12.84 -5.13
C LEU B 51 -10.51 14.11 -5.76
N LEU B 52 -10.49 14.17 -7.08
CA LEU B 52 -10.96 15.34 -7.81
C LEU B 52 -12.12 14.98 -8.73
N GLY B 53 -12.77 16.00 -9.29
CA GLY B 53 -13.83 15.81 -10.26
C GLY B 53 -14.96 14.92 -9.78
N THR B 54 -15.25 13.88 -10.56
CA THR B 54 -16.27 12.90 -10.20
C THR B 54 -15.64 11.55 -9.86
N THR B 55 -14.35 11.57 -9.54
CA THR B 55 -13.58 10.36 -9.30
C THR B 55 -13.97 9.65 -8.00
N GLN B 56 -14.23 8.36 -8.10
CA GLN B 56 -14.47 7.53 -6.92
C GLN B 56 -13.54 6.31 -6.96
N LEU B 57 -13.67 5.43 -5.97
CA LEU B 57 -12.64 4.39 -5.77
C LEU B 57 -12.82 3.11 -6.58
N SER B 58 -14.04 2.58 -6.67
CA SER B 58 -14.25 1.31 -7.36
C SER B 58 -14.33 1.50 -8.87
N PRO B 59 -13.63 0.65 -9.63
CA PRO B 59 -13.59 0.71 -11.09
C PRO B 59 -14.83 0.09 -11.74
N VAL B 60 -15.57 -0.74 -11.02
CA VAL B 60 -16.78 -1.35 -11.56
C VAL B 60 -17.96 -0.37 -11.56
N ASN B 61 -17.79 0.78 -10.93
CA ASN B 61 -18.87 1.76 -10.82
C ASN B 61 -18.79 2.87 -11.86
N ILE B 62 -17.74 2.87 -12.67
CA ILE B 62 -17.58 3.90 -13.67
C ILE B 62 -18.61 3.72 -14.78
N CYS B 63 -19.37 4.78 -15.06
CA CYS B 63 -20.42 4.78 -16.09
C CYS B 63 -21.54 3.77 -15.82
N THR B 64 -21.84 3.53 -14.56
CA THR B 64 -23.03 2.74 -14.21
C THR B 64 -24.09 3.68 -13.63
N PHE B 65 -25.35 3.27 -13.72
CA PHE B 65 -26.43 4.07 -13.16
C PHE B 65 -27.43 3.19 -12.41
N ARG B 66 -27.98 3.74 -11.33
CA ARG B 66 -28.96 3.03 -10.52
C ARG B 66 -30.16 3.93 -10.23
N GLY B 67 -31.35 3.36 -10.32
CA GLY B 67 -32.56 4.10 -10.00
C GLY B 67 -33.83 3.42 -10.46
N ASP B 68 -34.92 4.19 -10.51
CA ASP B 68 -36.18 3.69 -11.04
C ASP B 68 -36.39 4.30 -12.42
N VAL B 69 -37.14 3.61 -13.27
CA VAL B 69 -37.32 4.07 -14.64
C VAL B 69 -38.79 4.26 -14.99
N THR B 70 -39.03 5.20 -15.90
CA THR B 70 -40.38 5.53 -16.35
C THR B 70 -40.41 5.55 -17.86
N HIS B 71 -41.38 4.88 -18.45
CA HIS B 71 -41.48 4.83 -19.91
C HIS B 71 -41.95 6.17 -20.47
N ILE B 72 -41.44 6.52 -21.64
CA ILE B 72 -41.80 7.75 -22.31
C ILE B 72 -42.70 7.46 -23.51
N ALA B 73 -43.96 7.89 -23.40
CA ALA B 73 -44.99 7.62 -24.41
C ALA B 73 -44.51 7.83 -25.84
N GLY B 74 -44.81 6.86 -26.69
CA GLY B 74 -44.53 6.97 -28.11
C GLY B 74 -43.10 6.67 -28.51
N THR B 75 -42.27 6.35 -27.53
CA THR B 75 -40.87 6.00 -27.80
C THR B 75 -40.49 4.65 -27.22
N HIS B 76 -39.21 4.30 -27.39
CA HIS B 76 -38.64 3.14 -26.72
C HIS B 76 -37.65 3.63 -25.68
N ASN B 77 -37.90 4.84 -25.18
CA ASN B 77 -37.02 5.46 -24.21
C ASN B 77 -37.58 5.42 -22.79
N TYR B 78 -36.67 5.52 -21.83
CA TYR B 78 -37.01 5.53 -20.41
C TYR B 78 -36.24 6.60 -19.66
N THR B 79 -36.93 7.34 -18.79
CA THR B 79 -36.26 8.26 -17.90
C THR B 79 -35.87 7.52 -16.63
N MET B 80 -34.64 7.74 -16.17
CA MET B 80 -34.20 7.14 -14.91
C MET B 80 -34.01 8.22 -13.85
N ASN B 81 -34.71 8.06 -12.74
CA ASN B 81 -34.48 8.89 -11.57
C ASN B 81 -33.34 8.29 -10.75
N LEU B 82 -32.22 8.98 -10.71
CA LEU B 82 -30.99 8.42 -10.13
C LEU B 82 -31.03 8.23 -8.63
N ALA B 83 -30.35 7.17 -8.18
CA ALA B 83 -30.17 6.91 -6.75
C ALA B 83 -28.69 6.81 -6.46
N SER B 84 -28.34 6.75 -5.19
CA SER B 84 -26.95 6.48 -4.79
C SER B 84 -26.61 5.04 -5.13
N GLN B 85 -25.33 4.69 -5.03
CA GLN B 85 -24.90 3.32 -5.28
C GLN B 85 -25.63 2.35 -4.34
N ASN B 86 -25.92 2.82 -3.13
CA ASN B 86 -26.63 2.01 -2.13
C ASN B 86 -28.15 2.21 -2.17
N TRP B 87 -28.66 2.66 -3.31
CA TRP B 87 -30.10 2.79 -3.58
C TRP B 87 -30.79 3.86 -2.72
N ASN B 88 -30.01 4.66 -2.01
CA ASN B 88 -30.55 5.79 -1.27
C ASN B 88 -30.79 7.00 -2.19
N ASN B 89 -31.48 8.00 -1.67
CA ASN B 89 -31.75 9.21 -2.43
C ASN B 89 -30.47 9.94 -2.84
N TYR B 90 -30.42 10.37 -4.09
CA TYR B 90 -29.28 11.13 -4.58
C TYR B 90 -29.42 12.61 -4.25
N ASP B 91 -28.33 13.23 -3.82
CA ASP B 91 -28.35 14.62 -3.40
C ASP B 91 -27.60 15.53 -4.39
N PRO B 92 -28.36 16.38 -5.10
CA PRO B 92 -27.80 17.31 -6.09
C PRO B 92 -26.95 18.42 -5.47
N THR B 93 -27.25 18.80 -4.23
CA THR B 93 -26.58 19.93 -3.60
C THR B 93 -25.15 19.66 -3.16
N GLU B 94 -24.71 18.40 -3.23
CA GLU B 94 -23.32 18.09 -2.88
C GLU B 94 -22.38 18.74 -3.89
N GLU B 95 -21.31 19.35 -3.38
CA GLU B 95 -20.39 20.09 -4.22
C GLU B 95 -19.49 19.18 -5.06
N ILE B 96 -20.11 18.47 -5.99
CA ILE B 96 -19.42 17.66 -6.99
C ILE B 96 -20.07 17.95 -8.35
N PRO B 97 -19.36 17.70 -9.46
CA PRO B 97 -19.94 18.03 -10.76
C PRO B 97 -21.16 17.17 -11.12
N ALA B 98 -21.18 15.95 -10.60
CA ALA B 98 -22.20 14.97 -10.94
C ALA B 98 -22.04 13.79 -9.99
N PRO B 99 -22.98 12.82 -10.01
CA PRO B 99 -22.72 11.61 -9.21
C PRO B 99 -21.36 11.00 -9.53
N LEU B 100 -20.64 10.56 -8.50
CA LEU B 100 -19.31 9.99 -8.70
C LEU B 100 -19.35 8.80 -9.67
N GLY B 101 -18.43 8.81 -10.63
CA GLY B 101 -18.36 7.75 -11.61
C GLY B 101 -19.09 8.06 -12.90
N THR B 102 -19.80 9.19 -12.92
CA THR B 102 -20.52 9.65 -14.10
C THR B 102 -19.58 9.74 -15.31
N PRO B 103 -20.04 9.29 -16.49
CA PRO B 103 -19.25 9.40 -17.72
C PRO B 103 -18.74 10.83 -17.94
N ASP B 104 -17.48 10.97 -18.34
CA ASP B 104 -16.91 12.30 -18.50
C ASP B 104 -16.55 12.59 -19.95
N PHE B 105 -17.21 11.89 -20.88
CA PHE B 105 -17.09 12.21 -22.29
C PHE B 105 -18.46 12.27 -22.96
N VAL B 106 -18.49 12.85 -24.16
CA VAL B 106 -19.72 12.95 -24.93
C VAL B 106 -19.78 11.83 -25.95
N GLY B 107 -20.91 11.15 -26.00
CA GLY B 107 -21.10 10.04 -26.92
C GLY B 107 -22.19 9.11 -26.44
N ARG B 108 -22.53 8.13 -27.26
CA ARG B 108 -23.56 7.16 -26.90
C ARG B 108 -22.95 5.91 -26.31
N ILE B 109 -23.18 5.70 -25.01
CA ILE B 109 -22.70 4.50 -24.33
C ILE B 109 -23.77 3.42 -24.33
N GLN B 110 -23.44 2.25 -24.87
CA GLN B 110 -24.38 1.14 -24.92
C GLN B 110 -24.06 0.10 -23.85
N GLY B 111 -25.11 -0.42 -23.23
CA GLY B 111 -24.98 -1.46 -22.22
C GLY B 111 -26.31 -2.15 -22.00
N MET B 112 -26.57 -2.59 -20.78
CA MET B 112 -27.82 -3.25 -20.48
C MET B 112 -28.51 -2.67 -19.25
N LEU B 113 -29.81 -2.41 -19.39
CA LEU B 113 -30.65 -2.11 -18.25
C LEU B 113 -31.22 -3.40 -17.70
N THR B 114 -30.93 -3.68 -16.44
CA THR B 114 -31.52 -4.83 -15.78
C THR B 114 -32.37 -4.35 -14.61
N GLN B 115 -33.35 -5.15 -14.24
CA GLN B 115 -34.29 -4.77 -13.21
C GLN B 115 -34.77 -5.99 -12.42
N THR B 116 -34.80 -5.85 -11.10
CA THR B 116 -35.37 -6.88 -10.26
C THR B 116 -36.67 -6.37 -9.64
N THR B 117 -37.73 -7.17 -9.72
CA THR B 117 -38.96 -6.82 -9.03
C THR B 117 -38.88 -7.26 -7.58
N ARG B 118 -38.95 -6.29 -6.68
CA ARG B 118 -38.78 -6.48 -5.25
C ARG B 118 -39.71 -7.55 -4.67
N GLY B 119 -40.95 -7.58 -5.15
CA GLY B 119 -41.97 -8.45 -4.59
C GLY B 119 -41.76 -9.95 -4.79
N ASP B 120 -41.56 -10.36 -6.03
CA ASP B 120 -41.51 -11.78 -6.35
C ASP B 120 -40.15 -12.24 -6.87
N GLY B 121 -39.20 -11.31 -6.96
CA GLY B 121 -37.85 -11.64 -7.37
C GLY B 121 -37.67 -11.88 -8.85
N SER B 122 -38.66 -11.51 -9.65
CA SER B 122 -38.54 -11.63 -11.10
C SER B 122 -37.59 -10.57 -11.67
N THR B 123 -36.90 -10.91 -12.76
CA THR B 123 -35.94 -9.99 -13.34
C THR B 123 -36.09 -9.89 -14.86
N ARG B 124 -35.51 -8.83 -15.42
CA ARG B 124 -35.59 -8.56 -16.85
C ARG B 124 -34.41 -7.71 -17.32
N GLY B 125 -33.98 -7.91 -18.55
CA GLY B 125 -32.83 -7.19 -19.07
C GLY B 125 -32.91 -6.88 -20.56
N HIS B 126 -32.50 -5.67 -20.92
CA HIS B 126 -32.52 -5.25 -22.32
C HIS B 126 -31.35 -4.35 -22.66
N LYS B 127 -30.93 -4.39 -23.93
CA LYS B 127 -29.91 -3.47 -24.40
C LYS B 127 -30.40 -2.04 -24.27
N ALA B 128 -29.51 -1.15 -23.85
CA ALA B 128 -29.86 0.25 -23.69
C ALA B 128 -28.67 1.14 -24.04
N THR B 129 -28.97 2.34 -24.53
CA THR B 129 -27.94 3.32 -24.80
C THR B 129 -28.27 4.64 -24.12
N VAL B 130 -27.28 5.26 -23.50
CA VAL B 130 -27.43 6.60 -22.97
C VAL B 130 -26.62 7.56 -23.83
N SER B 131 -27.26 8.64 -24.28
CA SER B 131 -26.58 9.65 -25.07
C SER B 131 -26.16 10.82 -24.18
N THR B 132 -24.88 10.86 -23.81
CA THR B 132 -24.40 11.82 -22.82
C THR B 132 -24.28 13.24 -23.39
N GLY B 133 -24.41 13.37 -24.70
CA GLY B 133 -24.28 14.66 -25.35
C GLY B 133 -25.59 15.41 -25.53
N ASP B 134 -26.70 14.73 -25.27
CA ASP B 134 -28.03 15.30 -25.52
C ASP B 134 -28.65 15.86 -24.23
N VAL B 135 -29.74 16.59 -24.39
CA VAL B 135 -30.27 17.42 -23.32
C VAL B 135 -30.83 16.63 -22.14
N HIS B 136 -31.23 15.39 -22.39
CA HIS B 136 -31.85 14.57 -21.35
C HIS B 136 -30.81 13.99 -20.37
N PHE B 137 -29.55 14.06 -20.77
CA PHE B 137 -28.48 13.69 -19.86
C PHE B 137 -28.27 14.80 -18.83
N THR B 138 -28.91 14.65 -17.67
CA THR B 138 -28.78 15.62 -16.59
C THR B 138 -28.47 14.94 -15.26
N PRO B 139 -27.33 14.21 -15.18
CA PRO B 139 -27.02 13.44 -13.97
C PRO B 139 -26.90 14.29 -12.70
N LYS B 140 -26.41 15.51 -12.83
CA LYS B 140 -26.28 16.42 -11.70
C LYS B 140 -27.64 16.77 -11.11
N LEU B 141 -28.68 16.74 -11.95
CA LEU B 141 -30.04 17.00 -11.49
C LEU B 141 -30.73 15.74 -10.98
N GLY B 142 -30.08 14.60 -11.20
CA GLY B 142 -30.59 13.33 -10.71
C GLY B 142 -31.50 12.62 -11.69
N SER B 143 -31.36 12.96 -12.97
CA SER B 143 -32.20 12.37 -14.00
C SER B 143 -31.44 12.19 -15.31
N ILE B 144 -31.59 11.01 -15.91
CA ILE B 144 -31.08 10.76 -17.26
C ILE B 144 -32.10 9.98 -18.07
N GLN B 145 -31.79 9.71 -19.34
CA GLN B 145 -32.72 9.02 -20.22
C GLN B 145 -32.01 7.95 -21.05
N PHE B 146 -32.67 6.79 -21.19
CA PHE B 146 -32.13 5.68 -21.96
C PHE B 146 -32.96 5.37 -23.20
N ASN B 147 -32.28 5.04 -24.30
CA ASN B 147 -32.95 4.42 -25.43
C ASN B 147 -32.81 2.90 -25.32
N THR B 148 -33.91 2.17 -25.37
CA THR B 148 -33.85 0.73 -25.17
C THR B 148 -34.49 -0.07 -26.29
N ASP B 149 -34.39 -1.39 -26.18
CA ASP B 149 -35.02 -2.31 -27.12
C ASP B 149 -36.50 -2.49 -26.79
N THR B 150 -36.82 -2.40 -25.50
CA THR B 150 -38.18 -2.66 -25.05
C THR B 150 -39.09 -1.44 -25.13
N ASN B 151 -40.36 -1.68 -24.79
CA ASN B 151 -41.42 -0.72 -24.98
C ASN B 151 -42.47 -0.86 -23.87
N ASN B 152 -42.53 -2.05 -23.29
CA ASN B 152 -43.54 -2.35 -22.28
C ASN B 152 -43.08 -3.28 -21.17
N ASP B 153 -41.78 -3.54 -21.08
CA ASP B 153 -41.30 -4.58 -20.18
C ASP B 153 -40.77 -4.06 -18.84
N PHE B 154 -40.16 -2.87 -18.83
CA PHE B 154 -39.64 -2.33 -17.57
C PHE B 154 -40.76 -1.78 -16.70
N GLU B 155 -40.67 -2.04 -15.40
CA GLU B 155 -41.67 -1.61 -14.45
C GLU B 155 -41.23 -0.36 -13.68
N THR B 156 -42.20 0.39 -13.17
CA THR B 156 -41.91 1.56 -12.34
C THR B 156 -41.67 1.15 -10.90
N GLY B 157 -40.98 2.00 -10.15
CA GLY B 157 -40.77 1.78 -8.73
C GLY B 157 -39.92 0.57 -8.40
N GLN B 158 -39.10 0.13 -9.35
CA GLN B 158 -38.25 -1.03 -9.14
C GLN B 158 -36.79 -0.73 -9.40
N ASN B 159 -35.92 -1.29 -8.56
CA ASN B 159 -34.48 -1.14 -8.71
C ASN B 159 -33.99 -1.48 -10.11
N THR B 160 -33.45 -0.49 -10.80
CA THR B 160 -32.96 -0.68 -12.15
C THR B 160 -31.49 -0.26 -12.24
N LYS B 161 -30.69 -1.06 -12.91
CA LYS B 161 -29.26 -0.77 -13.04
C LYS B 161 -28.85 -0.74 -14.51
N PHE B 162 -27.94 0.16 -14.84
CA PHE B 162 -27.34 0.19 -16.17
C PHE B 162 -25.88 -0.25 -16.10
N THR B 163 -25.54 -1.29 -16.86
CA THR B 163 -24.17 -1.77 -16.93
C THR B 163 -23.56 -1.43 -18.27
N PRO B 164 -22.53 -0.58 -18.27
CA PRO B 164 -21.88 -0.13 -19.50
C PRO B 164 -21.08 -1.25 -20.15
N VAL B 165 -21.02 -1.25 -21.47
CA VAL B 165 -20.28 -2.27 -22.20
C VAL B 165 -19.34 -1.64 -23.22
N GLY B 166 -19.88 -0.73 -24.03
CA GLY B 166 -19.11 -0.09 -25.07
C GLY B 166 -19.78 1.14 -25.65
N VAL B 167 -19.37 1.51 -26.86
CA VAL B 167 -19.84 2.73 -27.48
C VAL B 167 -20.28 2.45 -28.91
N VAL B 168 -21.13 3.32 -29.46
CA VAL B 168 -21.63 3.15 -30.81
C VAL B 168 -21.39 4.38 -31.69
N GLN B 169 -21.66 4.23 -32.98
CA GLN B 169 -21.46 5.29 -33.96
C GLN B 169 -22.38 5.06 -35.15
N ASP B 170 -22.83 6.13 -35.77
CA ASP B 170 -23.70 6.02 -36.93
C ASP B 170 -22.88 5.96 -38.23
N GLY B 171 -22.97 4.82 -38.91
CA GLY B 171 -22.19 4.57 -40.11
C GLY B 171 -22.54 5.47 -41.29
N ASN B 172 -23.65 6.19 -41.18
CA ASN B 172 -24.04 7.14 -42.21
C ASN B 172 -23.18 8.40 -42.15
N GLY B 173 -22.49 8.58 -41.04
CA GLY B 173 -21.61 9.71 -40.86
C GLY B 173 -20.15 9.34 -41.00
N ALA B 174 -19.28 10.34 -40.97
CA ALA B 174 -17.84 10.12 -41.05
C ALA B 174 -17.37 9.17 -39.97
N HIS B 175 -16.49 8.26 -40.32
CA HIS B 175 -16.06 7.22 -39.39
C HIS B 175 -15.26 7.80 -38.22
N GLN B 176 -15.44 7.20 -37.05
CA GLN B 176 -14.78 7.62 -35.81
C GLN B 176 -15.15 9.03 -35.38
N ASN B 177 -16.32 9.51 -35.79
CA ASN B 177 -16.72 10.88 -35.45
C ASN B 177 -17.40 10.95 -34.08
N GLU B 178 -17.60 9.78 -33.46
CA GLU B 178 -18.06 9.72 -32.08
C GLU B 178 -17.59 8.39 -31.48
N PRO B 179 -17.40 8.35 -30.15
CA PRO B 179 -17.58 9.43 -29.18
C PRO B 179 -16.45 10.45 -29.21
N GLN B 180 -16.62 11.51 -28.42
CA GLN B 180 -15.64 12.57 -28.29
C GLN B 180 -15.11 12.57 -26.86
N GLN B 181 -13.98 11.90 -26.65
CA GLN B 181 -13.52 11.62 -25.30
C GLN B 181 -12.99 12.83 -24.54
N TRP B 182 -12.68 13.92 -25.24
CA TRP B 182 -12.14 15.10 -24.57
C TRP B 182 -13.17 16.20 -24.47
N VAL B 183 -14.43 15.87 -24.78
CA VAL B 183 -15.51 16.82 -24.62
C VAL B 183 -16.39 16.44 -23.44
N LEU B 184 -16.38 17.28 -22.41
CA LEU B 184 -17.21 17.05 -21.23
C LEU B 184 -18.68 17.23 -21.55
N PRO B 185 -19.52 16.31 -21.06
CA PRO B 185 -20.95 16.52 -21.19
C PRO B 185 -21.41 17.64 -20.25
N SER B 186 -22.57 18.20 -20.52
CA SER B 186 -23.13 19.19 -19.61
C SER B 186 -23.93 18.45 -18.53
N TYR B 187 -23.39 18.41 -17.32
CA TYR B 187 -23.95 17.56 -16.29
C TYR B 187 -25.34 17.98 -15.85
N SER B 188 -25.67 19.26 -16.05
CA SER B 188 -27.00 19.76 -15.71
C SER B 188 -27.81 20.13 -16.94
N GLY B 189 -27.41 19.58 -18.09
CA GLY B 189 -28.09 19.89 -19.33
C GLY B 189 -27.91 21.34 -19.70
N ARG B 190 -28.95 21.96 -20.26
CA ARG B 190 -28.86 23.36 -20.63
C ARG B 190 -29.31 24.26 -19.47
N THR B 191 -29.53 23.67 -18.30
CA THR B 191 -30.00 24.43 -17.14
C THR B 191 -28.91 25.30 -16.52
N GLY B 192 -27.66 24.96 -16.80
CA GLY B 192 -26.54 25.71 -16.26
C GLY B 192 -25.19 25.10 -16.61
N HIS B 193 -24.12 25.78 -16.23
CA HIS B 193 -22.76 25.32 -16.52
C HIS B 193 -22.29 24.26 -15.52
N ASN B 194 -21.29 23.49 -15.92
CA ASN B 194 -20.69 22.51 -15.01
C ASN B 194 -20.04 23.19 -13.82
N VAL B 195 -20.07 22.52 -12.66
CA VAL B 195 -19.48 23.07 -11.44
C VAL B 195 -18.48 22.13 -10.79
N HIS B 196 -17.59 22.69 -9.97
CA HIS B 196 -16.66 21.92 -9.14
C HIS B 196 -15.79 20.97 -9.94
N LEU B 197 -15.52 21.34 -11.19
CA LEU B 197 -14.73 20.50 -12.08
C LEU B 197 -13.29 20.36 -11.61
N ALA B 198 -12.67 19.23 -11.94
CA ALA B 198 -11.23 19.11 -11.84
C ALA B 198 -10.63 19.96 -12.95
N PRO B 199 -9.55 20.69 -12.66
CA PRO B 199 -8.96 21.59 -13.64
C PRO B 199 -8.50 20.87 -14.91
N ALA B 200 -8.40 21.61 -16.01
CA ALA B 200 -7.83 21.06 -17.23
C ALA B 200 -6.33 20.92 -17.08
N VAL B 201 -5.72 19.98 -17.80
CA VAL B 201 -4.28 19.81 -17.72
C VAL B 201 -3.61 20.07 -19.07
N ALA B 202 -2.43 20.66 -19.00
CA ALA B 202 -1.63 20.91 -20.19
C ALA B 202 -0.18 20.98 -19.77
N PRO B 203 0.71 20.38 -20.56
CA PRO B 203 2.15 20.54 -20.31
C PRO B 203 2.56 22.01 -20.39
N THR B 204 3.20 22.52 -19.34
CA THR B 204 3.64 23.90 -19.31
C THR B 204 5.15 23.99 -19.52
N PHE B 205 5.83 22.85 -19.42
CA PHE B 205 7.27 22.78 -19.61
C PHE B 205 7.62 22.50 -21.07
N PRO B 206 8.52 23.31 -21.65
CA PRO B 206 8.90 23.21 -23.07
C PRO B 206 9.49 21.86 -23.45
N GLY B 207 8.89 21.21 -24.45
CA GLY B 207 9.40 19.94 -24.95
C GLY B 207 8.66 18.75 -24.39
N GLU B 208 7.66 19.00 -23.54
CA GLU B 208 6.92 17.94 -22.90
C GLU B 208 5.52 17.76 -23.50
N GLN B 209 5.03 16.52 -23.46
CA GLN B 209 3.66 16.19 -23.81
C GLN B 209 3.04 15.35 -22.72
N LEU B 210 1.71 15.26 -22.72
CA LEU B 210 1.03 14.39 -21.78
C LEU B 210 1.31 12.93 -22.09
N LEU B 211 1.40 12.10 -21.05
CA LEU B 211 1.45 10.66 -21.24
C LEU B 211 0.07 10.09 -20.95
N PHE B 212 -0.45 9.31 -21.89
CA PHE B 212 -1.79 8.79 -21.73
C PHE B 212 -1.80 7.29 -21.51
N PHE B 213 -2.63 6.87 -20.57
CA PHE B 213 -2.87 5.46 -20.32
C PHE B 213 -4.07 5.06 -21.18
N ARG B 214 -3.78 4.31 -22.24
CA ARG B 214 -4.76 4.09 -23.30
C ARG B 214 -5.42 2.71 -23.24
N SER B 215 -6.73 2.70 -23.47
CA SER B 215 -7.50 1.47 -23.60
C SER B 215 -8.28 1.52 -24.89
N THR B 216 -8.74 0.37 -25.36
CA THR B 216 -9.66 0.32 -26.48
C THR B 216 -11.04 -0.08 -25.99
N MET B 217 -11.99 0.83 -26.12
CA MET B 217 -13.37 0.54 -25.73
C MET B 217 -14.00 -0.42 -26.72
N PRO B 218 -14.83 -1.34 -26.23
CA PRO B 218 -15.61 -2.18 -27.14
C PRO B 218 -16.57 -1.35 -27.99
N GLY B 219 -16.73 -1.72 -29.26
CA GLY B 219 -17.68 -1.09 -30.13
C GLY B 219 -18.89 -2.00 -30.34
N CYS B 220 -20.07 -1.40 -30.39
CA CYS B 220 -21.31 -2.19 -30.44
C CYS B 220 -22.08 -1.98 -31.73
N SER B 221 -21.72 -0.94 -32.48
CA SER B 221 -22.41 -0.61 -33.72
C SER B 221 -21.69 0.51 -34.47
N GLY B 222 -21.60 0.38 -35.80
CA GLY B 222 -20.97 1.39 -36.63
C GLY B 222 -19.44 1.42 -36.54
N TYR B 223 -18.87 2.60 -36.74
CA TYR B 223 -17.43 2.76 -36.74
C TYR B 223 -16.99 3.77 -35.69
N PRO B 224 -17.05 3.38 -34.41
CA PRO B 224 -16.73 4.34 -33.35
C PRO B 224 -15.24 4.57 -33.19
N ASN B 225 -14.90 5.70 -32.59
CA ASN B 225 -13.53 5.96 -32.15
C ASN B 225 -13.38 5.36 -30.77
N MET B 226 -12.62 4.27 -30.68
CA MET B 226 -12.60 3.47 -29.47
C MET B 226 -11.41 3.76 -28.56
N ASN B 227 -10.61 4.76 -28.93
CA ASN B 227 -9.53 5.22 -28.06
C ASN B 227 -10.06 5.88 -26.81
N LEU B 228 -9.66 5.38 -25.65
CA LEU B 228 -9.99 6.05 -24.40
C LEU B 228 -8.73 6.23 -23.56
N ASP B 229 -8.41 7.49 -23.28
CA ASP B 229 -7.19 7.84 -22.59
C ASP B 229 -7.47 8.44 -21.22
N CYS B 230 -6.76 7.96 -20.20
CA CYS B 230 -6.88 8.55 -18.87
C CYS B 230 -5.52 9.06 -18.40
N LEU B 231 -5.54 9.94 -17.40
CA LEU B 231 -4.32 10.55 -16.91
C LEU B 231 -3.70 9.72 -15.79
N LEU B 232 -4.53 8.94 -15.12
CA LEU B 232 -4.08 8.04 -14.06
C LEU B 232 -4.83 6.72 -14.17
N PRO B 233 -4.11 5.61 -13.96
CA PRO B 233 -4.80 4.32 -13.83
C PRO B 233 -5.66 4.32 -12.56
N GLN B 234 -6.70 3.49 -12.51
CA GLN B 234 -7.57 3.48 -11.35
C GLN B 234 -6.83 3.00 -10.11
N GLU B 235 -5.87 2.09 -10.31
CA GLU B 235 -5.09 1.55 -9.20
C GLU B 235 -4.21 2.62 -8.55
N TRP B 236 -3.70 3.55 -9.38
CA TRP B 236 -2.92 4.67 -8.85
C TRP B 236 -3.80 5.56 -7.98
N VAL B 237 -5.02 5.82 -8.46
CA VAL B 237 -5.99 6.60 -7.70
C VAL B 237 -6.27 5.97 -6.34
N GLN B 238 -6.64 4.69 -6.37
CA GLN B 238 -6.90 3.93 -5.15
C GLN B 238 -5.71 3.98 -4.21
N HIS B 239 -4.52 3.80 -4.77
CA HIS B 239 -3.29 3.81 -3.99
C HIS B 239 -3.05 5.16 -3.32
N PHE B 240 -3.13 6.23 -4.10
CA PHE B 240 -2.87 7.58 -3.60
C PHE B 240 -3.87 7.96 -2.51
N TYR B 241 -5.11 7.53 -2.68
CA TYR B 241 -6.15 7.81 -1.69
C TYR B 241 -5.83 7.14 -0.35
N GLN B 242 -5.39 5.89 -0.41
CA GLN B 242 -4.99 5.17 0.81
C GLN B 242 -3.72 5.75 1.42
N GLU B 243 -2.65 5.78 0.64
CA GLU B 243 -1.35 6.24 1.13
C GLU B 243 -1.36 7.69 1.58
N ALA B 244 -1.79 8.58 0.69
CA ALA B 244 -1.85 10.02 0.96
C ALA B 244 -0.56 10.54 1.56
N ALA B 245 0.56 10.18 0.94
CA ALA B 245 1.87 10.64 1.40
C ALA B 245 2.06 12.10 1.02
N PRO B 246 2.77 12.87 1.86
CA PRO B 246 3.00 14.27 1.52
C PRO B 246 3.90 14.42 0.30
N ALA B 247 3.57 15.37 -0.58
CA ALA B 247 4.40 15.64 -1.74
C ALA B 247 5.54 16.57 -1.37
N GLN B 248 6.78 16.11 -1.54
CA GLN B 248 7.95 16.91 -1.18
C GLN B 248 8.17 18.05 -2.18
N SER B 249 7.61 17.89 -3.37
CA SER B 249 7.62 18.94 -4.38
C SER B 249 6.44 18.74 -5.31
N ASP B 250 6.30 19.60 -6.31
CA ASP B 250 5.16 19.51 -7.22
C ASP B 250 5.35 18.43 -8.28
N VAL B 251 6.57 17.91 -8.38
CA VAL B 251 6.86 16.90 -9.40
C VAL B 251 7.56 15.68 -8.83
N ALA B 252 7.07 14.50 -9.18
CA ALA B 252 7.71 13.24 -8.81
C ALA B 252 8.31 12.57 -10.04
N LEU B 253 9.60 12.26 -9.97
CA LEU B 253 10.27 11.57 -11.07
C LEU B 253 9.96 10.07 -11.02
N LEU B 254 9.53 9.54 -12.16
CA LEU B 254 9.28 8.11 -12.27
C LEU B 254 10.17 7.51 -13.35
N ARG B 255 10.67 6.32 -13.09
CA ARG B 255 11.38 5.56 -14.10
C ARG B 255 10.53 4.36 -14.52
N PHE B 256 10.48 4.09 -15.82
CA PHE B 256 9.82 2.90 -16.30
C PHE B 256 10.88 1.82 -16.48
N VAL B 257 10.82 0.78 -15.67
CA VAL B 257 11.89 -0.22 -15.61
C VAL B 257 11.47 -1.63 -16.01
N ASN B 258 12.44 -2.39 -16.51
CA ASN B 258 12.27 -3.81 -16.79
C ASN B 258 12.82 -4.59 -15.61
N PRO B 259 11.93 -5.26 -14.85
CA PRO B 259 12.31 -5.94 -13.61
C PRO B 259 13.34 -7.05 -13.82
N ASP B 260 13.53 -7.46 -15.06
CA ASP B 260 14.53 -8.47 -15.40
C ASP B 260 15.94 -8.02 -15.08
N THR B 261 16.22 -6.75 -15.32
CA THR B 261 17.57 -6.22 -15.22
C THR B 261 17.60 -4.90 -14.45
N GLY B 262 16.43 -4.30 -14.26
CA GLY B 262 16.33 -3.01 -13.61
C GLY B 262 16.63 -1.89 -14.59
N ARG B 263 16.78 -2.25 -15.86
CA ARG B 263 17.08 -1.26 -16.90
C ARG B 263 15.92 -0.29 -17.09
N VAL B 264 16.26 0.99 -17.23
CA VAL B 264 15.25 2.02 -17.43
C VAL B 264 14.97 2.25 -18.90
N LEU B 265 13.69 2.24 -19.26
CA LEU B 265 13.26 2.48 -20.63
C LEU B 265 13.10 3.98 -20.90
N PHE B 266 12.42 4.65 -20.00
CA PHE B 266 12.25 6.11 -20.06
C PHE B 266 11.92 6.63 -18.68
N GLU B 267 12.05 7.94 -18.51
CA GLU B 267 11.58 8.57 -17.29
C GLU B 267 10.45 9.53 -17.61
N CYS B 268 9.68 9.88 -16.60
CA CYS B 268 8.54 10.75 -16.78
C CYS B 268 8.30 11.56 -15.51
N LYS B 269 7.43 12.56 -15.61
CA LYS B 269 7.07 13.36 -14.45
C LYS B 269 5.64 13.08 -14.01
N LEU B 270 5.50 12.68 -12.75
CA LEU B 270 4.18 12.57 -12.14
C LEU B 270 3.93 13.82 -11.33
N HIS B 271 3.07 14.68 -11.84
CA HIS B 271 2.78 15.95 -11.18
C HIS B 271 1.87 15.73 -9.98
N LYS B 272 2.11 16.52 -8.95
CA LYS B 272 1.37 16.46 -7.70
C LYS B 272 -0.15 16.51 -7.91
N SER B 273 -0.58 17.26 -8.90
CA SER B 273 -2.02 17.43 -9.16
C SER B 273 -2.60 16.24 -9.92
N GLY B 274 -1.74 15.30 -10.32
CA GLY B 274 -2.20 14.01 -10.79
C GLY B 274 -2.27 13.79 -12.30
N TYR B 275 -1.13 13.90 -12.98
CA TYR B 275 -1.03 13.53 -14.38
C TYR B 275 0.44 13.36 -14.75
N VAL B 276 0.69 12.75 -15.91
CA VAL B 276 2.05 12.39 -16.29
C VAL B 276 2.49 13.05 -17.60
N THR B 277 3.70 13.59 -17.61
CA THR B 277 4.29 14.14 -18.83
C THR B 277 5.61 13.44 -19.19
N VAL B 278 5.89 13.39 -20.48
CA VAL B 278 7.16 12.86 -20.97
C VAL B 278 7.82 13.86 -21.90
N ALA B 279 9.13 13.71 -22.12
CA ALA B 279 9.87 14.57 -23.04
C ALA B 279 9.85 14.00 -24.45
N HIS B 280 8.90 14.46 -25.27
CA HIS B 280 8.73 13.97 -26.63
C HIS B 280 7.87 14.93 -27.44
N THR B 281 8.10 14.97 -28.75
CA THR B 281 7.31 15.81 -29.65
C THR B 281 6.71 14.97 -30.78
N GLY B 282 5.39 14.96 -30.87
CA GLY B 282 4.70 14.18 -31.89
C GLY B 282 3.91 13.01 -31.30
N GLN B 283 3.02 12.44 -32.10
CA GLN B 283 2.25 11.28 -31.67
C GLN B 283 3.12 10.03 -31.66
N HIS B 284 3.00 9.22 -30.61
CA HIS B 284 3.81 8.02 -30.49
C HIS B 284 3.17 6.95 -29.62
N ASP B 285 3.13 5.73 -30.13
CA ASP B 285 2.74 4.56 -29.34
C ASP B 285 3.98 3.98 -28.68
N LEU B 286 4.07 4.09 -27.37
CA LEU B 286 5.27 3.63 -26.66
C LEU B 286 5.44 2.12 -26.77
N VAL B 287 6.61 1.70 -27.23
CA VAL B 287 6.94 0.29 -27.29
C VAL B 287 7.59 -0.14 -25.99
N ILE B 288 6.86 -0.92 -25.20
CA ILE B 288 7.30 -1.29 -23.86
C ILE B 288 7.35 -2.80 -23.66
N PRO B 289 8.30 -3.27 -22.84
CA PRO B 289 8.27 -4.68 -22.45
C PRO B 289 7.04 -4.94 -21.57
N PRO B 290 6.33 -6.04 -21.82
CA PRO B 290 5.04 -6.28 -21.17
C PRO B 290 5.14 -6.56 -19.67
N ASN B 291 6.36 -6.71 -19.16
CA ASN B 291 6.56 -6.91 -17.73
C ASN B 291 6.97 -5.63 -17.00
N GLY B 292 7.17 -4.56 -17.78
CA GLY B 292 7.66 -3.30 -17.23
C GLY B 292 6.65 -2.58 -16.36
N TYR B 293 7.15 -1.76 -15.44
CA TYR B 293 6.27 -0.96 -14.60
C TYR B 293 6.94 0.35 -14.19
N PHE B 294 6.14 1.26 -13.64
CA PHE B 294 6.65 2.55 -13.18
C PHE B 294 7.22 2.43 -11.78
N ARG B 295 8.31 3.14 -11.54
CA ARG B 295 8.92 3.16 -10.21
C ARG B 295 9.22 4.58 -9.80
N PHE B 296 8.79 4.96 -8.59
CA PHE B 296 9.10 6.27 -8.07
C PHE B 296 10.54 6.31 -7.58
N ASP B 297 11.28 7.32 -8.01
CA ASP B 297 12.68 7.41 -7.64
C ASP B 297 12.98 8.61 -6.75
N SER B 298 12.43 9.78 -7.10
CA SER B 298 12.73 10.99 -6.33
C SER B 298 11.81 12.15 -6.64
N TRP B 299 11.66 13.05 -5.67
CA TRP B 299 11.01 14.33 -5.90
C TRP B 299 12.02 15.32 -6.48
N VAL B 300 11.65 15.96 -7.58
CA VAL B 300 12.57 16.86 -8.26
C VAL B 300 11.98 18.26 -8.36
N ASN B 301 12.82 19.21 -8.75
CA ASN B 301 12.40 20.58 -8.99
C ASN B 301 11.34 20.61 -10.09
N GLN B 302 10.40 21.56 -10.01
CA GLN B 302 9.35 21.69 -11.02
C GLN B 302 9.91 21.72 -12.43
N PHE B 303 11.06 22.37 -12.58
CA PHE B 303 11.66 22.60 -13.88
C PHE B 303 12.79 21.62 -14.16
N TYR B 304 12.62 20.39 -13.69
CA TYR B 304 13.51 19.29 -14.04
C TYR B 304 13.32 18.96 -15.51
N THR B 305 14.42 18.78 -16.23
CA THR B 305 14.36 18.44 -17.64
C THR B 305 14.54 16.94 -17.84
N LEU B 306 13.45 16.27 -18.18
CA LEU B 306 13.47 14.84 -18.46
C LEU B 306 14.40 14.50 -19.62
N ALA B 307 15.00 13.31 -19.56
CA ALA B 307 15.70 12.76 -20.71
C ALA B 307 14.67 12.41 -21.78
N PRO B 308 15.05 12.53 -23.06
CA PRO B 308 14.14 12.19 -24.17
C PRO B 308 13.69 10.74 -24.09
N MET B 309 12.38 10.52 -24.16
CA MET B 309 11.82 9.18 -24.02
C MET B 309 12.03 8.35 -25.29
N ASP C 1 8.53 18.74 16.28
CA ASP C 1 7.83 19.99 16.03
C ASP C 1 8.62 20.88 15.08
N ILE C 2 7.95 21.33 14.01
CA ILE C 2 8.56 22.25 13.07
C ILE C 2 8.23 23.69 13.45
N ARG C 3 9.23 24.44 13.89
CA ARG C 3 9.02 25.82 14.30
C ARG C 3 8.95 26.75 13.10
N LEU C 4 8.03 27.71 13.15
CA LEU C 4 7.93 28.72 12.12
C LEU C 4 8.30 30.09 12.68
N THR C 5 9.21 30.77 12.00
CA THR C 5 9.58 32.13 12.37
C THR C 5 9.19 33.09 11.25
N GLN C 6 8.36 34.07 11.58
CA GLN C 6 7.94 35.03 10.56
C GLN C 6 8.32 36.45 10.95
N SER C 7 8.94 37.16 10.01
CA SER C 7 9.40 38.52 10.25
C SER C 7 8.81 39.48 9.23
N PRO C 8 8.57 40.74 9.64
CA PRO C 8 8.80 41.26 10.98
C PRO C 8 7.75 40.77 11.97
N SER C 9 7.99 40.99 13.27
CA SER C 9 6.99 40.66 14.27
C SER C 9 5.84 41.65 14.16
N SER C 10 6.16 42.86 13.72
CA SER C 10 5.16 43.90 13.50
C SER C 10 5.62 44.88 12.43
N LEU C 11 4.68 45.48 11.71
CA LEU C 11 4.99 46.48 10.71
C LEU C 11 3.87 47.50 10.57
N SER C 12 4.19 48.65 10.01
CA SER C 12 3.21 49.71 9.80
C SER C 12 3.48 50.42 8.48
N ALA C 13 2.53 50.32 7.55
CA ALA C 13 2.66 50.96 6.25
C ALA C 13 1.40 51.74 5.92
N SER C 14 1.45 52.52 4.84
CA SER C 14 0.33 53.36 4.44
C SER C 14 -0.49 52.70 3.34
N VAL C 15 -1.62 53.31 3.00
CA VAL C 15 -2.52 52.78 1.99
C VAL C 15 -1.89 52.80 0.61
N GLY C 16 -1.79 51.64 -0.02
CA GLY C 16 -1.24 51.53 -1.36
C GLY C 16 0.12 50.88 -1.42
N ASP C 17 0.85 50.91 -0.30
CA ASP C 17 2.18 50.33 -0.24
C ASP C 17 2.15 48.82 -0.37
N ARG C 18 3.22 48.24 -0.92
CA ARG C 18 3.32 46.79 -1.00
C ARG C 18 3.96 46.24 0.27
N VAL C 19 3.17 45.49 1.02
CA VAL C 19 3.61 44.93 2.29
C VAL C 19 4.06 43.47 2.13
N THR C 20 5.19 43.13 2.74
CA THR C 20 5.75 41.80 2.62
C THR C 20 6.01 41.16 3.99
N ILE C 21 5.54 39.92 4.16
CA ILE C 21 5.82 39.16 5.37
C ILE C 21 6.43 37.82 4.99
N THR C 22 7.59 37.52 5.55
CA THR C 22 8.28 36.27 5.26
C THR C 22 8.09 35.24 6.37
N CYS C 23 8.14 33.97 6.00
CA CYS C 23 8.06 32.88 6.96
C CYS C 23 9.23 31.93 6.75
N ARG C 24 9.98 31.65 7.81
CA ARG C 24 11.08 30.70 7.70
C ARG C 24 10.76 29.44 8.51
N ALA C 25 10.98 28.28 7.90
CA ALA C 25 10.64 27.02 8.54
C ALA C 25 11.87 26.34 9.13
N SER C 26 11.67 25.62 10.23
CA SER C 26 12.72 24.85 10.88
C SER C 26 13.32 23.83 9.93
N GLN C 27 12.48 23.29 9.05
CA GLN C 27 12.90 22.34 8.04
C GLN C 27 11.90 22.37 6.89
N SER C 28 12.28 21.77 5.75
CA SER C 28 11.47 21.81 4.55
C SER C 28 10.05 21.29 4.77
N ILE C 29 9.07 22.12 4.42
CA ILE C 29 7.67 21.73 4.53
C ILE C 29 7.02 21.71 3.14
N SER C 30 7.86 21.59 2.12
CA SER C 30 7.42 21.57 0.72
C SER C 30 6.64 22.83 0.39
N SER C 31 5.38 22.66 0.00
CA SER C 31 4.52 23.80 -0.31
C SER C 31 3.33 23.89 0.64
N TYR C 32 3.35 23.07 1.69
CA TYR C 32 2.22 23.03 2.63
C TYR C 32 2.30 24.15 3.66
N LEU C 33 2.27 25.38 3.17
CA LEU C 33 2.29 26.57 4.02
C LEU C 33 1.04 27.41 3.75
N ASN C 34 0.31 27.74 4.81
CA ASN C 34 -0.93 28.49 4.67
C ASN C 34 -0.87 29.81 5.41
N TRP C 35 -1.54 30.83 4.88
CA TRP C 35 -1.56 32.15 5.51
C TRP C 35 -2.97 32.53 5.95
N TYR C 36 -3.07 33.00 7.19
CA TYR C 36 -4.34 33.46 7.75
C TYR C 36 -4.26 34.89 8.24
N GLN C 37 -5.34 35.65 8.07
CA GLN C 37 -5.44 36.94 8.74
C GLN C 37 -6.48 36.83 9.84
N GLN C 38 -6.22 37.47 10.98
CA GLN C 38 -7.16 37.44 12.09
C GLN C 38 -7.47 38.83 12.61
N LYS C 39 -8.72 39.27 12.41
CA LYS C 39 -9.21 40.49 13.00
C LYS C 39 -9.38 40.27 14.50
N PRO C 40 -9.38 41.36 15.28
CA PRO C 40 -9.54 41.20 16.73
C PRO C 40 -10.89 40.59 17.12
N GLY C 41 -10.86 39.56 17.96
CA GLY C 41 -12.06 38.96 18.48
C GLY C 41 -12.78 38.04 17.51
N LYS C 42 -12.16 37.77 16.37
CA LYS C 42 -12.78 36.92 15.35
C LYS C 42 -11.89 35.75 14.97
N ALA C 43 -12.51 34.70 14.43
CA ALA C 43 -11.77 33.54 13.96
C ALA C 43 -10.90 33.93 12.77
N PRO C 44 -9.69 33.35 12.69
CA PRO C 44 -8.79 33.60 11.56
C PRO C 44 -9.43 33.29 10.22
N ASP C 45 -9.02 33.99 9.17
CA ASP C 45 -9.53 33.74 7.83
C ASP C 45 -8.41 33.28 6.91
N LEU C 46 -8.65 32.17 6.20
CA LEU C 46 -7.67 31.65 5.25
C LEU C 46 -7.48 32.61 4.08
N LEU C 47 -6.23 32.96 3.81
CA LEU C 47 -5.89 33.83 2.67
C LEU C 47 -5.26 33.01 1.55
N ILE C 48 -4.18 32.32 1.89
CA ILE C 48 -3.43 31.52 0.93
C ILE C 48 -3.26 30.10 1.45
N TYR C 49 -3.46 29.12 0.58
CA TYR C 49 -3.14 27.74 0.89
C TYR C 49 -2.14 27.22 -0.12
N GLY C 50 -1.40 26.18 0.25
CA GLY C 50 -0.42 25.57 -0.65
C GLY C 50 0.61 26.56 -1.13
N ALA C 51 1.05 27.42 -0.20
CA ALA C 51 2.09 28.42 -0.43
C ALA C 51 1.67 29.57 -1.35
N SER C 52 1.02 29.25 -2.47
CA SER C 52 0.78 30.26 -3.50
C SER C 52 -0.63 30.29 -4.08
N SER C 53 -1.54 29.50 -3.53
CA SER C 53 -2.91 29.48 -4.05
C SER C 53 -3.84 30.40 -3.27
N LEU C 54 -4.48 31.31 -3.99
CA LEU C 54 -5.41 32.26 -3.39
C LEU C 54 -6.72 31.60 -2.99
N GLN C 55 -7.14 31.82 -1.75
CA GLN C 55 -8.43 31.31 -1.28
C GLN C 55 -9.59 32.06 -1.95
N SER C 56 -10.63 31.32 -2.31
CA SER C 56 -11.81 31.91 -2.92
C SER C 56 -12.46 32.93 -2.00
N GLY C 57 -12.70 34.13 -2.54
CA GLY C 57 -13.33 35.19 -1.77
C GLY C 57 -12.33 36.21 -1.24
N VAL C 58 -11.06 35.84 -1.28
CA VAL C 58 -9.99 36.72 -0.81
C VAL C 58 -9.55 37.64 -1.94
N PRO C 59 -9.47 38.96 -1.67
CA PRO C 59 -9.11 39.95 -2.69
C PRO C 59 -7.78 39.64 -3.39
N SER C 60 -7.69 40.02 -4.66
CA SER C 60 -6.59 39.63 -5.53
C SER C 60 -5.24 40.23 -5.14
N ARG C 61 -5.26 41.24 -4.26
CA ARG C 61 -4.03 41.93 -3.89
C ARG C 61 -3.15 41.07 -2.97
N PHE C 62 -3.70 39.98 -2.47
CA PHE C 62 -2.93 39.01 -1.68
C PHE C 62 -2.26 37.98 -2.57
N SER C 63 -0.97 37.76 -2.37
CA SER C 63 -0.25 36.71 -3.08
C SER C 63 0.70 35.99 -2.15
N GLY C 64 1.09 34.79 -2.54
CA GLY C 64 2.03 33.99 -1.76
C GLY C 64 3.05 33.34 -2.67
N SER C 65 4.23 33.05 -2.12
CA SER C 65 5.30 32.41 -2.88
C SER C 65 6.22 31.61 -1.97
N GLY C 66 7.07 30.79 -2.58
CA GLY C 66 8.07 30.05 -1.84
C GLY C 66 7.77 28.59 -1.66
N SER C 67 8.81 27.81 -1.45
CA SER C 67 8.69 26.38 -1.18
C SER C 67 9.90 25.92 -0.37
N GLY C 68 9.70 24.87 0.42
CA GLY C 68 10.76 24.35 1.24
C GLY C 68 10.79 24.99 2.62
N THR C 69 11.66 25.97 2.80
CA THR C 69 11.86 26.57 4.12
C THR C 69 11.53 28.06 4.18
N ASP C 70 11.52 28.72 3.03
CA ASP C 70 11.26 30.16 3.01
C ASP C 70 10.03 30.54 2.20
N PHE C 71 9.13 31.27 2.85
CA PHE C 71 7.85 31.61 2.24
C PHE C 71 7.55 33.10 2.40
N THR C 72 6.66 33.62 1.55
CA THR C 72 6.42 35.05 1.49
C THR C 72 4.97 35.41 1.19
N LEU C 73 4.36 36.21 2.06
CA LEU C 73 3.04 36.78 1.82
C LEU C 73 3.19 38.22 1.36
N THR C 74 2.60 38.55 0.22
CA THR C 74 2.70 39.89 -0.33
C THR C 74 1.33 40.55 -0.45
N ILE C 75 1.21 41.76 0.08
CA ILE C 75 0.02 42.58 -0.11
C ILE C 75 0.36 43.73 -1.05
N SER C 76 -0.13 43.64 -2.30
CA SER C 76 0.29 44.55 -3.35
C SER C 76 -0.21 45.99 -3.18
N SER C 77 -1.45 46.15 -2.72
CA SER C 77 -2.00 47.48 -2.49
C SER C 77 -2.70 47.54 -1.15
N LEU C 78 -1.95 47.86 -0.11
CA LEU C 78 -2.46 47.81 1.26
C LEU C 78 -3.73 48.64 1.43
N GLN C 79 -4.77 48.03 1.97
CA GLN C 79 -6.04 48.70 2.20
C GLN C 79 -6.34 48.78 3.70
N PRO C 80 -7.12 49.79 4.12
CA PRO C 80 -7.45 49.99 5.53
C PRO C 80 -8.08 48.77 6.20
N GLU C 81 -8.71 47.90 5.41
CA GLU C 81 -9.35 46.70 5.94
C GLU C 81 -8.35 45.55 6.11
N ASP C 82 -7.12 45.76 5.67
CA ASP C 82 -6.10 44.72 5.75
C ASP C 82 -5.39 44.72 7.11
N PHE C 83 -5.86 45.56 8.02
CA PHE C 83 -5.34 45.61 9.38
C PHE C 83 -5.55 44.28 10.09
N GLY C 84 -4.64 43.93 10.99
CA GLY C 84 -4.82 42.77 11.84
C GLY C 84 -3.59 41.90 12.00
N ASN C 85 -3.76 40.77 12.66
CA ASN C 85 -2.70 39.79 12.84
C ASN C 85 -2.64 38.81 11.68
N TYR C 86 -1.43 38.50 11.23
CA TYR C 86 -1.25 37.56 10.14
C TYR C 86 -0.39 36.38 10.59
N TYR C 87 -0.91 35.18 10.42
CA TYR C 87 -0.20 33.97 10.82
C TYR C 87 0.12 33.05 9.64
N CYS C 88 1.32 32.48 9.64
CA CYS C 88 1.62 31.40 8.74
C CYS C 88 1.44 30.08 9.49
N GLN C 89 1.14 29.01 8.75
CA GLN C 89 0.87 27.71 9.37
C GLN C 89 1.27 26.58 8.44
N GLN C 90 1.98 25.60 8.98
CA GLN C 90 2.37 24.44 8.19
C GLN C 90 1.45 23.25 8.48
N SER C 91 1.03 22.59 7.41
CA SER C 91 0.16 21.42 7.52
C SER C 91 0.87 20.21 6.90
N PHE C 92 2.20 20.28 6.89
CA PHE C 92 3.04 19.22 6.34
C PHE C 92 3.21 18.05 7.30
N SER C 93 3.27 18.35 8.59
CA SER C 93 3.64 17.35 9.58
C SER C 93 2.96 17.58 10.92
N THR C 94 2.62 16.47 11.60
CA THR C 94 2.13 16.53 12.95
C THR C 94 3.31 16.70 13.90
N PRO C 95 3.21 17.66 14.84
CA PRO C 95 2.07 18.56 15.07
C PRO C 95 2.03 19.75 14.13
N ARG C 96 0.82 20.17 13.74
CA ARG C 96 0.67 21.39 12.97
C ARG C 96 1.10 22.58 13.83
N THR C 97 1.81 23.52 13.22
CA THR C 97 2.35 24.65 13.98
C THR C 97 2.12 25.99 13.28
N PHE C 98 2.09 27.05 14.07
CA PHE C 98 1.89 28.40 13.55
C PHE C 98 3.10 29.26 13.79
N GLY C 99 3.19 30.38 13.07
CA GLY C 99 4.19 31.38 13.36
C GLY C 99 3.76 32.16 14.59
N GLN C 100 4.59 33.11 15.02
CA GLN C 100 4.27 33.91 16.19
C GLN C 100 3.24 35.00 15.86
N GLY C 101 3.08 35.27 14.57
CA GLY C 101 2.12 36.26 14.12
C GLY C 101 2.76 37.60 13.81
N THR C 102 2.21 38.27 12.80
CA THR C 102 2.70 39.60 12.40
C THR C 102 1.57 40.62 12.46
N LYS C 103 1.73 41.65 13.28
CA LYS C 103 0.71 42.68 13.38
C LYS C 103 0.90 43.75 12.31
N VAL C 104 -0.10 43.89 11.45
CA VAL C 104 -0.06 44.89 10.38
C VAL C 104 -1.00 46.05 10.71
N GLU C 105 -0.43 47.22 10.89
CA GLU C 105 -1.22 48.41 11.20
C GLU C 105 -1.06 49.48 10.12
N LEU C 106 -2.10 50.29 9.96
CA LEU C 106 -2.16 51.25 8.86
C LEU C 106 -1.58 52.60 9.24
N LYS C 107 -0.99 53.27 8.26
CA LYS C 107 -0.55 54.65 8.41
C LYS C 107 -1.50 55.58 7.67
N ARG C 108 -1.85 56.69 8.32
CA ARG C 108 -2.71 57.68 7.72
C ARG C 108 -2.31 59.07 8.18
N THR C 109 -3.03 60.09 7.72
CA THR C 109 -2.76 61.46 8.13
C THR C 109 -3.11 61.61 9.61
N VAL C 110 -2.35 62.45 10.30
CA VAL C 110 -2.54 62.68 11.73
C VAL C 110 -3.93 63.22 12.03
N ALA C 111 -4.58 62.65 13.03
CA ALA C 111 -5.89 63.11 13.46
C ALA C 111 -5.92 63.29 14.97
N ALA C 112 -6.22 64.51 15.42
CA ALA C 112 -6.32 64.80 16.85
C ALA C 112 -7.56 64.13 17.44
N PRO C 113 -7.49 63.76 18.73
CA PRO C 113 -8.62 63.10 19.37
C PRO C 113 -9.69 64.08 19.88
N SER C 114 -10.94 63.64 19.83
CA SER C 114 -12.01 64.34 20.53
C SER C 114 -12.03 63.82 21.96
N VAL C 115 -11.97 64.74 22.93
CA VAL C 115 -11.86 64.34 24.33
C VAL C 115 -13.15 64.60 25.10
N PHE C 116 -13.61 63.57 25.81
CA PHE C 116 -14.75 63.68 26.71
C PHE C 116 -14.37 63.17 28.10
N ILE C 117 -15.04 63.68 29.13
CA ILE C 117 -14.81 63.20 30.48
C ILE C 117 -16.14 62.87 31.15
N PHE C 118 -16.19 61.74 31.85
CA PHE C 118 -17.42 61.27 32.48
C PHE C 118 -17.24 61.06 33.98
N PRO C 119 -17.92 61.90 34.80
CA PRO C 119 -17.91 61.73 36.25
C PRO C 119 -18.60 60.44 36.67
N PRO C 120 -18.26 59.90 37.85
CA PRO C 120 -18.89 58.67 38.34
C PRO C 120 -20.40 58.83 38.54
N SER C 121 -21.14 57.75 38.36
CA SER C 121 -22.59 57.75 38.50
C SER C 121 -23.02 57.84 39.97
N ASP C 122 -24.32 58.00 40.20
CA ASP C 122 -24.85 58.07 41.55
C ASP C 122 -24.76 56.71 42.25
N GLU C 123 -25.05 55.65 41.51
CA GLU C 123 -25.15 54.31 42.08
C GLU C 123 -23.78 53.75 42.44
N GLN C 124 -22.79 54.07 41.62
CA GLN C 124 -21.44 53.56 41.84
C GLN C 124 -20.88 54.04 43.17
N LEU C 125 -21.23 55.27 43.53
CA LEU C 125 -20.77 55.86 44.79
C LEU C 125 -21.34 55.12 46.00
N LYS C 126 -22.49 54.49 45.82
CA LYS C 126 -23.10 53.72 46.90
C LYS C 126 -22.29 52.47 47.21
N SER C 127 -21.51 52.01 46.24
CA SER C 127 -20.70 50.81 46.40
C SER C 127 -19.36 51.11 47.06
N GLY C 128 -19.07 52.38 47.28
CA GLY C 128 -17.86 52.79 47.97
C GLY C 128 -16.68 53.11 47.07
N THR C 129 -16.88 52.96 45.75
CA THR C 129 -15.83 53.29 44.79
C THR C 129 -16.35 54.18 43.67
N ALA C 130 -15.48 55.04 43.17
CA ALA C 130 -15.83 55.94 42.08
C ALA C 130 -14.86 55.78 40.90
N SER C 131 -15.42 55.65 39.70
CA SER C 131 -14.59 55.62 38.50
C SER C 131 -14.83 56.86 37.65
N VAL C 132 -13.75 57.59 37.40
CA VAL C 132 -13.77 58.70 36.46
C VAL C 132 -13.13 58.23 35.17
N VAL C 133 -13.80 58.44 34.04
CA VAL C 133 -13.27 57.94 32.77
C VAL C 133 -13.09 59.07 31.75
N CYS C 134 -11.90 59.09 31.13
CA CYS C 134 -11.58 60.03 30.08
C CYS C 134 -11.56 59.31 28.73
N LEU C 135 -12.34 59.80 27.77
CA LEU C 135 -12.41 59.16 26.47
C LEU C 135 -11.67 59.97 25.40
N LEU C 136 -10.76 59.29 24.70
CA LEU C 136 -10.12 59.86 23.53
C LEU C 136 -10.69 59.16 22.30
N ASN C 137 -11.30 59.93 21.41
CA ASN C 137 -12.07 59.33 20.34
C ASN C 137 -11.52 59.60 18.94
N ASN C 138 -11.26 58.52 18.21
CA ASN C 138 -10.90 58.58 16.78
C ASN C 138 -9.70 59.46 16.49
N PHE C 139 -8.51 58.95 16.77
CA PHE C 139 -7.28 59.69 16.56
C PHE C 139 -6.17 58.85 15.95
N TYR C 140 -5.11 59.51 15.51
CA TYR C 140 -3.93 58.84 14.97
C TYR C 140 -2.74 59.78 15.07
N PRO C 141 -1.56 59.26 15.43
CA PRO C 141 -1.22 57.86 15.72
C PRO C 141 -1.75 57.38 17.07
N ARG C 142 -1.53 56.10 17.35
CA ARG C 142 -1.94 55.49 18.61
C ARG C 142 -1.23 56.14 19.80
N GLU C 143 0.00 56.58 19.55
CA GLU C 143 0.82 57.22 20.57
C GLU C 143 0.10 58.42 21.22
N ALA C 144 -0.10 58.35 22.52
CA ALA C 144 -0.80 59.41 23.24
C ALA C 144 -0.41 59.45 24.71
N LYS C 145 -0.52 60.64 25.31
CA LYS C 145 -0.18 60.81 26.71
C LYS C 145 -1.38 61.35 27.50
N VAL C 146 -1.94 60.51 28.35
CA VAL C 146 -3.07 60.92 29.18
C VAL C 146 -2.65 60.99 30.63
N GLN C 147 -2.80 62.18 31.22
CA GLN C 147 -2.44 62.39 32.61
C GLN C 147 -3.63 62.88 33.41
N TRP C 148 -3.83 62.30 34.59
CA TRP C 148 -4.90 62.71 35.48
C TRP C 148 -4.42 63.71 36.51
N LYS C 149 -5.24 64.73 36.75
CA LYS C 149 -4.96 65.69 37.82
C LYS C 149 -6.20 65.88 38.69
N VAL C 150 -6.05 65.63 39.98
CA VAL C 150 -7.12 65.87 40.93
C VAL C 150 -6.70 67.00 41.87
N ASP C 151 -7.33 68.16 41.67
CA ASP C 151 -6.93 69.40 42.34
C ASP C 151 -5.44 69.69 42.10
N ASN C 152 -5.04 69.59 40.83
CA ASN C 152 -3.68 69.85 40.37
C ASN C 152 -2.65 68.85 40.89
N ALA C 153 -3.12 67.76 41.51
CA ALA C 153 -2.23 66.69 41.93
C ALA C 153 -2.15 65.63 40.85
N LEU C 154 -0.97 65.49 40.25
CA LEU C 154 -0.75 64.44 39.25
C LEU C 154 -0.95 63.05 39.85
N GLN C 155 -1.88 62.30 39.29
CA GLN C 155 -2.22 60.97 39.81
C GLN C 155 -1.34 59.90 39.16
N SER C 156 -1.05 58.85 39.93
CA SER C 156 -0.21 57.76 39.44
C SER C 156 -0.50 56.43 40.13
N GLY C 157 -0.59 55.38 39.34
CA GLY C 157 -0.78 54.03 39.87
C GLY C 157 -2.23 53.67 40.12
N ASN C 158 -3.11 54.66 40.00
CA ASN C 158 -4.53 54.45 40.26
C ASN C 158 -5.39 54.60 39.01
N SER C 159 -4.80 54.36 37.84
CA SER C 159 -5.52 54.48 36.58
C SER C 159 -5.07 53.44 35.56
N GLN C 160 -6.04 52.91 34.82
CA GLN C 160 -5.77 51.97 33.75
C GLN C 160 -6.40 52.48 32.46
N GLU C 161 -5.72 52.27 31.33
CA GLU C 161 -6.30 52.66 30.05
C GLU C 161 -6.27 51.49 29.07
N SER C 162 -7.31 51.43 28.25
CA SER C 162 -7.40 50.42 27.20
C SER C 162 -7.58 51.10 25.85
N VAL C 163 -7.02 50.51 24.80
CA VAL C 163 -7.12 51.07 23.46
C VAL C 163 -7.77 50.08 22.53
N THR C 164 -8.78 50.53 21.79
CA THR C 164 -9.37 49.71 20.74
C THR C 164 -8.30 49.42 19.70
N GLU C 165 -8.37 48.24 19.10
CA GLU C 165 -7.48 47.93 17.98
C GLU C 165 -7.81 48.87 16.83
N GLN C 166 -6.86 49.05 15.92
CA GLN C 166 -7.02 50.01 14.83
C GLN C 166 -8.28 49.72 14.01
N ASP C 167 -9.19 50.69 13.98
CA ASP C 167 -10.42 50.56 13.22
C ASP C 167 -10.11 50.42 11.73
N SER C 168 -10.91 49.64 11.00
CA SER C 168 -10.52 49.21 9.67
C SER C 168 -11.22 49.94 8.51
N LYS C 169 -11.33 51.26 8.62
CA LYS C 169 -11.71 52.08 7.47
C LYS C 169 -11.19 53.49 7.66
N ASP C 170 -11.32 54.01 8.87
CA ASP C 170 -10.75 55.31 9.22
C ASP C 170 -9.29 55.17 9.60
N SER C 171 -8.91 53.96 10.00
CA SER C 171 -7.57 53.64 10.47
C SER C 171 -7.17 54.40 11.73
N THR C 172 -8.16 54.77 12.53
CA THR C 172 -7.91 55.51 13.76
C THR C 172 -8.09 54.64 15.00
N TYR C 173 -7.61 55.14 16.13
CA TYR C 173 -7.74 54.45 17.40
C TYR C 173 -8.64 55.24 18.34
N SER C 174 -9.12 54.59 19.39
CA SER C 174 -9.81 55.28 20.47
C SER C 174 -9.26 54.76 21.80
N LEU C 175 -9.22 55.64 22.79
CA LEU C 175 -8.58 55.31 24.06
C LEU C 175 -9.44 55.73 25.23
N SER C 176 -9.48 54.92 26.27
CA SER C 176 -10.23 55.25 27.47
C SER C 176 -9.39 55.04 28.71
N SER C 177 -9.02 56.14 29.37
CA SER C 177 -8.32 56.06 30.64
C SER C 177 -9.34 56.06 31.78
N THR C 178 -9.20 55.10 32.69
CA THR C 178 -10.14 54.98 33.79
C THR C 178 -9.48 55.23 35.14
N LEU C 179 -9.82 56.34 35.76
CA LEU C 179 -9.32 56.68 37.09
C LEU C 179 -10.23 56.10 38.16
N THR C 180 -9.66 55.31 39.06
CA THR C 180 -10.45 54.64 40.09
C THR C 180 -10.06 55.12 41.49
N LEU C 181 -11.08 55.52 42.27
CA LEU C 181 -10.88 56.04 43.61
C LEU C 181 -11.89 55.48 44.59
N SER C 182 -11.63 55.64 45.89
CA SER C 182 -12.62 55.33 46.90
C SER C 182 -13.66 56.45 46.93
N LYS C 183 -14.84 56.17 47.46
CA LYS C 183 -15.87 57.20 47.56
C LYS C 183 -15.40 58.35 48.43
N ALA C 184 -14.67 58.03 49.50
CA ALA C 184 -14.15 59.03 50.42
C ALA C 184 -13.20 59.99 49.71
N ASP C 185 -12.20 59.41 49.05
CA ASP C 185 -11.21 60.21 48.33
C ASP C 185 -11.86 61.05 47.23
N TYR C 186 -12.88 60.50 46.58
CA TYR C 186 -13.54 61.21 45.49
C TYR C 186 -14.26 62.47 45.96
N GLU C 187 -15.02 62.35 47.05
CA GLU C 187 -15.80 63.47 47.55
C GLU C 187 -14.95 64.37 48.45
N LYS C 188 -13.70 63.99 48.62
CA LYS C 188 -12.72 64.80 49.34
C LYS C 188 -12.24 65.95 48.46
N HIS C 189 -12.26 65.72 47.15
CA HIS C 189 -11.71 66.66 46.19
C HIS C 189 -12.79 67.31 45.34
N LYS C 190 -12.38 68.25 44.49
CA LYS C 190 -13.32 69.06 43.72
C LYS C 190 -13.10 69.00 42.22
N VAL C 191 -11.91 69.40 41.77
CA VAL C 191 -11.63 69.49 40.34
C VAL C 191 -10.98 68.23 39.79
N TYR C 192 -11.61 67.65 38.76
CA TYR C 192 -11.11 66.44 38.12
C TYR C 192 -10.79 66.71 36.66
N ALA C 193 -9.54 66.49 36.29
CA ALA C 193 -9.07 66.90 34.96
C ALA C 193 -8.35 65.78 34.22
N CYS C 194 -8.53 65.79 32.90
CA CYS C 194 -7.84 64.86 32.00
C CYS C 194 -7.03 65.67 30.99
N GLU C 195 -5.72 65.61 31.11
CA GLU C 195 -4.84 66.35 30.21
C GLU C 195 -4.27 65.44 29.13
N VAL C 196 -4.63 65.72 27.88
CA VAL C 196 -4.24 64.86 26.77
C VAL C 196 -3.20 65.51 25.86
N THR C 197 -2.05 64.86 25.75
CA THR C 197 -1.01 65.28 24.82
C THR C 197 -0.98 64.35 23.62
N HIS C 198 -0.96 64.93 22.42
CA HIS C 198 -0.99 64.16 21.19
C HIS C 198 -0.32 64.95 20.08
N GLN C 199 0.23 64.25 19.09
CA GLN C 199 0.90 64.91 17.98
C GLN C 199 -0.06 65.81 17.21
N GLY C 200 -1.33 65.44 17.20
CA GLY C 200 -2.36 66.19 16.50
C GLY C 200 -2.83 67.43 17.22
N LEU C 201 -2.29 67.66 18.42
CA LEU C 201 -2.65 68.85 19.20
C LEU C 201 -1.45 69.79 19.35
N SER C 202 -1.70 71.07 19.13
CA SER C 202 -0.64 72.07 19.25
C SER C 202 -0.21 72.21 20.71
N SER C 203 -1.19 72.20 21.61
CA SER C 203 -0.92 72.26 23.04
C SER C 203 -1.87 71.31 23.76
N PRO C 204 -1.42 70.73 24.89
CA PRO C 204 -2.18 69.78 25.69
C PRO C 204 -3.63 70.23 25.99
N VAL C 205 -4.58 69.41 25.53
CA VAL C 205 -6.00 69.67 25.76
C VAL C 205 -6.43 69.13 27.11
N THR C 206 -7.22 69.91 27.85
CA THR C 206 -7.72 69.49 29.15
C THR C 206 -9.24 69.51 29.22
N LYS C 207 -9.81 68.37 29.62
CA LYS C 207 -11.23 68.28 29.93
C LYS C 207 -11.39 68.15 31.44
N SER C 208 -12.29 68.94 32.02
CA SER C 208 -12.41 68.99 33.47
C SER C 208 -13.87 69.08 33.92
N PHE C 209 -14.10 68.76 35.20
CA PHE C 209 -15.40 69.00 35.82
C PHE C 209 -15.26 69.24 37.31
N ASN C 210 -16.21 69.99 37.87
CA ASN C 210 -16.28 70.18 39.31
C ASN C 210 -17.33 69.24 39.92
N ARG C 211 -16.94 68.54 40.97
CA ARG C 211 -17.80 67.54 41.59
C ARG C 211 -19.06 68.16 42.19
N GLN D 1 -24.44 28.22 2.05
CA GLN D 1 -24.01 28.66 3.37
C GLN D 1 -23.34 27.54 4.16
N VAL D 2 -22.02 27.62 4.29
CA VAL D 2 -21.26 26.67 5.09
C VAL D 2 -20.81 27.34 6.38
N GLN D 3 -20.99 26.66 7.51
CA GLN D 3 -20.66 27.26 8.80
C GLN D 3 -20.38 26.23 9.87
N LEU D 4 -19.87 26.71 11.01
CA LEU D 4 -19.60 25.88 12.17
C LEU D 4 -20.04 26.62 13.42
N VAL D 5 -21.06 26.11 14.11
CA VAL D 5 -21.54 26.76 15.31
C VAL D 5 -21.07 26.02 16.55
N GLN D 6 -20.26 26.71 17.36
CA GLN D 6 -19.68 26.10 18.54
C GLN D 6 -20.54 26.33 19.78
N SER D 7 -20.35 25.46 20.78
CA SER D 7 -21.04 25.58 22.06
C SER D 7 -20.30 24.80 23.14
N GLY D 8 -20.61 25.10 24.40
CA GLY D 8 -20.00 24.39 25.51
C GLY D 8 -18.85 25.13 26.17
N GLY D 9 -19.05 26.41 26.47
CA GLY D 9 -18.04 27.20 27.14
C GLY D 9 -17.92 26.87 28.62
N GLY D 10 -17.97 27.90 29.45
CA GLY D 10 -17.96 27.72 30.89
C GLY D 10 -16.55 27.66 31.48
N MET D 11 -16.49 27.61 32.81
CA MET D 11 -15.21 27.51 33.50
C MET D 11 -15.22 26.37 34.53
N VAL D 12 -14.04 25.99 35.00
CA VAL D 12 -13.90 24.93 35.99
C VAL D 12 -12.53 24.97 36.66
N GLN D 13 -12.48 24.63 37.94
CA GLN D 13 -11.22 24.57 38.68
C GLN D 13 -10.34 23.46 38.11
N PRO D 14 -9.01 23.58 38.26
CA PRO D 14 -8.07 22.59 37.71
C PRO D 14 -8.34 21.17 38.17
N GLY D 15 -8.08 20.20 37.29
CA GLY D 15 -8.36 18.81 37.56
C GLY D 15 -9.73 18.42 37.05
N GLY D 16 -10.58 19.41 36.81
CA GLY D 16 -11.94 19.18 36.35
C GLY D 16 -12.02 18.99 34.84
N SER D 17 -13.18 18.52 34.38
CA SER D 17 -13.38 18.28 32.96
C SER D 17 -14.33 19.31 32.34
N LEU D 18 -14.41 19.30 31.01
CA LEU D 18 -15.24 20.25 30.29
C LEU D 18 -15.44 19.78 28.86
N SER D 19 -16.63 20.01 28.31
CA SER D 19 -16.96 19.51 26.97
C SER D 19 -17.10 20.64 25.94
N LEU D 20 -16.73 20.35 24.70
CA LEU D 20 -16.87 21.29 23.60
C LEU D 20 -17.65 20.67 22.45
N SER D 21 -18.56 21.42 21.85
CA SER D 21 -19.30 20.96 20.69
C SER D 21 -19.09 21.88 19.49
N CYS D 22 -19.19 21.31 18.31
CA CYS D 22 -19.09 22.08 17.07
C CYS D 22 -20.04 21.50 16.02
N ALA D 23 -21.22 22.10 15.89
CA ALA D 23 -22.21 21.63 14.94
C ALA D 23 -21.94 22.21 13.56
N ALA D 24 -22.03 21.38 12.54
CA ALA D 24 -21.76 21.82 11.18
C ALA D 24 -23.04 21.92 10.34
N SER D 25 -23.06 22.88 9.44
CA SER D 25 -24.15 23.03 8.50
C SER D 25 -23.60 23.27 7.09
N GLY D 26 -24.24 22.68 6.09
CA GLY D 26 -23.86 22.92 4.71
C GLY D 26 -22.78 21.99 4.18
N PHE D 27 -22.32 21.05 5.01
CA PHE D 27 -21.36 20.06 4.57
C PHE D 27 -21.34 18.87 5.52
N THR D 28 -20.86 17.74 5.03
CA THR D 28 -20.77 16.54 5.87
C THR D 28 -19.43 16.53 6.59
N LEU D 29 -19.48 16.75 7.90
CA LEU D 29 -18.29 16.92 8.72
C LEU D 29 -17.39 15.66 8.75
N SER D 30 -17.97 14.50 8.46
CA SER D 30 -17.23 13.25 8.55
C SER D 30 -16.34 13.01 7.32
N ASN D 31 -16.51 13.82 6.28
CA ASN D 31 -15.69 13.66 5.07
C ASN D 31 -14.44 14.52 5.11
N TYR D 32 -14.40 15.46 6.05
CA TYR D 32 -13.30 16.40 6.15
C TYR D 32 -12.54 16.26 7.45
N ALA D 33 -11.24 16.52 7.40
CA ALA D 33 -10.43 16.58 8.60
C ALA D 33 -10.85 17.78 9.43
N MET D 34 -11.14 17.55 10.71
CA MET D 34 -11.50 18.63 11.60
C MET D 34 -10.41 18.86 12.64
N THR D 35 -10.27 20.10 13.09
CA THR D 35 -9.17 20.48 13.97
C THR D 35 -9.63 21.41 15.10
N TRP D 36 -9.07 21.21 16.29
CA TRP D 36 -9.23 22.18 17.37
C TRP D 36 -7.97 23.01 17.54
N VAL D 37 -8.12 24.33 17.45
CA VAL D 37 -7.01 25.26 17.64
C VAL D 37 -7.37 26.21 18.78
N ARG D 38 -6.43 26.45 19.69
CA ARG D 38 -6.72 27.34 20.82
C ARG D 38 -5.83 28.58 20.83
N GLN D 39 -6.30 29.61 21.50
CA GLN D 39 -5.61 30.89 21.53
C GLN D 39 -5.70 31.53 22.90
N ALA D 40 -4.61 31.44 23.66
CA ALA D 40 -4.53 32.03 24.99
C ALA D 40 -4.75 33.54 24.93
N PRO D 41 -5.22 34.15 26.04
CA PRO D 41 -5.50 35.59 26.11
C PRO D 41 -4.35 36.46 25.61
N GLY D 42 -4.52 37.03 24.42
CA GLY D 42 -3.52 37.92 23.85
C GLY D 42 -2.30 37.20 23.32
N LYS D 43 -2.46 35.93 22.97
CA LYS D 43 -1.35 35.12 22.48
C LYS D 43 -1.59 34.63 21.05
N GLY D 44 -0.66 33.82 20.55
CA GLY D 44 -0.77 33.28 19.20
C GLY D 44 -1.69 32.08 19.11
N LEU D 45 -1.68 31.43 17.95
CA LEU D 45 -2.51 30.26 17.72
C LEU D 45 -1.75 28.97 17.95
N GLU D 46 -2.41 27.98 18.56
CA GLU D 46 -1.78 26.70 18.83
C GLU D 46 -2.70 25.53 18.45
N TRP D 47 -2.14 24.56 17.74
CA TRP D 47 -2.88 23.36 17.36
C TRP D 47 -3.05 22.43 18.57
N VAL D 48 -4.28 21.96 18.77
CA VAL D 48 -4.59 21.12 19.93
C VAL D 48 -4.83 19.67 19.53
N SER D 49 -5.72 19.49 18.56
CA SER D 49 -6.07 18.14 18.11
C SER D 49 -6.73 18.15 16.74
N SER D 50 -6.64 17.01 16.05
CA SER D 50 -7.33 16.85 14.79
C SER D 50 -7.90 15.43 14.66
N ILE D 51 -8.96 15.31 13.88
CA ILE D 51 -9.48 14.00 13.49
C ILE D 51 -9.48 13.95 11.97
N GLY D 52 -9.16 12.79 11.40
CA GLY D 52 -9.09 12.64 9.96
C GLY D 52 -10.46 12.75 9.32
N GLY D 53 -10.50 12.57 8.00
CA GLY D 53 -11.75 12.59 7.26
C GLY D 53 -12.59 11.33 7.47
N SER D 54 -13.01 10.72 6.38
CA SER D 54 -13.93 9.59 6.44
C SER D 54 -13.35 8.37 7.15
N GLY D 55 -12.03 8.28 7.19
CA GLY D 55 -11.38 7.15 7.83
C GLY D 55 -11.04 7.39 9.29
N GLY D 56 -11.28 8.61 9.75
CA GLY D 56 -11.00 8.95 11.14
C GLY D 56 -9.52 9.00 11.47
N THR D 57 -9.13 8.30 12.53
CA THR D 57 -7.81 8.41 13.17
C THR D 57 -7.59 9.80 13.77
N THR D 58 -7.00 9.84 14.96
CA THR D 58 -6.94 11.07 15.73
C THR D 58 -5.50 11.48 16.04
N TYR D 59 -5.31 12.76 16.33
CA TYR D 59 -3.98 13.31 16.56
C TYR D 59 -4.03 14.38 17.66
N TYR D 60 -3.00 14.41 18.50
CA TYR D 60 -2.99 15.29 19.65
C TYR D 60 -1.65 15.97 19.88
N ALA D 61 -1.70 17.22 20.33
CA ALA D 61 -0.51 17.90 20.82
C ALA D 61 -0.02 17.15 22.05
N ASP D 62 1.29 17.07 22.21
CA ASP D 62 1.89 16.36 23.33
C ASP D 62 1.48 16.98 24.67
N SER D 63 1.10 18.26 24.62
CA SER D 63 0.63 18.97 25.80
C SER D 63 -0.69 18.40 26.32
N VAL D 64 -1.47 17.80 25.43
CA VAL D 64 -2.82 17.37 25.78
C VAL D 64 -3.07 15.88 25.55
N LYS D 65 -2.02 15.14 25.21
CA LYS D 65 -2.15 13.72 24.93
C LYS D 65 -2.55 12.95 26.18
N GLY D 66 -3.56 12.09 26.05
CA GLY D 66 -4.04 11.32 27.18
C GLY D 66 -4.98 12.09 28.08
N ARG D 67 -5.09 13.39 27.82
CA ARG D 67 -5.96 14.26 28.62
C ARG D 67 -7.17 14.69 27.80
N PHE D 68 -6.94 15.03 26.54
CA PHE D 68 -8.02 15.45 25.65
C PHE D 68 -8.45 14.30 24.75
N THR D 69 -9.73 14.31 24.36
CA THR D 69 -10.25 13.34 23.41
C THR D 69 -11.09 14.03 22.34
N ILE D 70 -10.65 13.93 21.09
CA ILE D 70 -11.42 14.45 19.98
C ILE D 70 -12.28 13.32 19.39
N SER D 71 -13.47 13.67 18.95
CA SER D 71 -14.38 12.70 18.32
C SER D 71 -15.50 13.42 17.59
N ARG D 72 -16.35 12.64 16.92
CA ARG D 72 -17.44 13.22 16.15
C ARG D 72 -18.62 12.27 16.10
N ASP D 73 -19.77 12.78 15.66
CA ASP D 73 -20.96 11.97 15.47
C ASP D 73 -21.54 12.26 14.10
N SER D 74 -21.44 11.29 13.20
CA SER D 74 -21.97 11.43 11.85
C SER D 74 -23.49 11.62 11.86
N SER D 75 -24.15 10.97 12.82
CA SER D 75 -25.61 11.02 12.91
C SER D 75 -26.14 12.44 13.06
N MET D 76 -25.42 13.28 13.80
CA MET D 76 -25.83 14.65 13.99
C MET D 76 -24.74 15.66 13.63
N ASN D 77 -23.92 15.29 12.65
CA ASN D 77 -22.96 16.18 12.01
C ASN D 77 -22.23 17.13 12.97
N THR D 78 -21.72 16.58 14.06
CA THR D 78 -21.13 17.38 15.12
C THR D 78 -19.75 16.87 15.54
N LEU D 79 -18.81 17.80 15.72
CA LEU D 79 -17.49 17.46 16.22
C LEU D 79 -17.41 17.77 17.72
N TYR D 80 -16.72 16.91 18.47
CA TYR D 80 -16.62 17.08 19.91
C TYR D 80 -15.18 17.18 20.39
N LEU D 81 -15.00 17.76 21.57
CA LEU D 81 -13.71 17.74 22.26
C LEU D 81 -13.92 17.60 23.75
N GLN D 82 -13.74 16.38 24.25
CA GLN D 82 -13.85 16.14 25.69
C GLN D 82 -12.49 16.44 26.33
N MET D 83 -12.49 17.41 27.24
CA MET D 83 -11.27 17.78 27.95
C MET D 83 -11.39 17.40 29.42
N SER D 84 -10.34 16.80 29.97
CA SER D 84 -10.33 16.41 31.39
C SER D 84 -8.98 16.77 32.02
N ASN D 85 -8.96 16.86 33.35
CA ASN D 85 -7.78 17.30 34.09
C ASN D 85 -7.19 18.58 33.50
N LEU D 86 -7.97 19.65 33.55
CA LEU D 86 -7.58 20.92 32.96
C LEU D 86 -6.61 21.69 33.85
N ARG D 87 -5.75 22.49 33.23
CA ARG D 87 -4.81 23.33 33.96
C ARG D 87 -4.94 24.79 33.52
N ALA D 88 -4.24 25.68 34.20
CA ALA D 88 -4.25 27.10 33.86
C ALA D 88 -3.76 27.32 32.43
N GLY D 89 -2.81 26.50 32.00
CA GLY D 89 -2.26 26.61 30.66
C GLY D 89 -3.21 26.20 29.56
N ASP D 90 -4.41 25.77 29.95
CA ASP D 90 -5.44 25.37 28.99
C ASP D 90 -6.49 26.48 28.81
N THR D 91 -6.35 27.54 29.59
CA THR D 91 -7.24 28.69 29.49
C THR D 91 -7.01 29.42 28.18
N ALA D 92 -8.01 29.40 27.31
CA ALA D 92 -7.91 30.00 25.98
C ALA D 92 -9.26 30.07 25.28
N VAL D 93 -9.26 30.65 24.08
CA VAL D 93 -10.41 30.60 23.19
C VAL D 93 -10.23 29.46 22.19
N TYR D 94 -11.12 28.49 22.23
CA TYR D 94 -10.99 27.31 21.39
C TYR D 94 -11.79 27.42 20.10
N TYR D 95 -11.09 27.26 18.98
CA TYR D 95 -11.71 27.29 17.64
C TYR D 95 -11.72 25.90 17.03
N CYS D 96 -12.82 25.52 16.39
CA CYS D 96 -12.81 24.33 15.54
C CYS D 96 -12.66 24.80 14.09
N ALA D 97 -12.04 23.97 13.27
CA ALA D 97 -11.82 24.35 11.88
C ALA D 97 -11.89 23.13 10.96
N LYS D 98 -12.23 23.40 9.70
CA LYS D 98 -12.41 22.39 8.68
C LYS D 98 -11.31 22.46 7.64
N ASP D 99 -10.71 21.31 7.31
CA ASP D 99 -9.72 21.26 6.23
C ASP D 99 -10.41 21.57 4.90
N LYS D 100 -9.68 22.18 3.99
CA LYS D 100 -10.25 22.62 2.72
C LYS D 100 -10.69 21.44 1.84
N THR D 101 -9.89 20.38 1.83
CA THR D 101 -10.13 19.25 0.94
C THR D 101 -10.57 17.97 1.68
N ARG D 102 -11.29 17.11 0.97
CA ARG D 102 -11.72 15.82 1.50
C ARG D 102 -10.61 14.77 1.40
N THR D 103 -10.27 14.16 2.54
CA THR D 103 -9.26 13.11 2.57
C THR D 103 -9.71 11.92 3.40
N LEU D 104 -9.06 10.78 3.17
CA LEU D 104 -9.34 9.58 3.93
C LEU D 104 -8.98 9.77 5.40
N ARG D 105 -7.81 10.35 5.65
CA ARG D 105 -7.35 10.61 7.00
C ARG D 105 -6.97 12.08 7.14
N LEU D 106 -5.84 12.36 7.76
CA LEU D 106 -5.41 13.74 7.95
C LEU D 106 -4.60 14.22 6.74
N GLY D 107 -5.01 15.32 6.14
CA GLY D 107 -4.42 15.82 4.92
C GLY D 107 -3.49 17.00 5.14
N TYR D 108 -3.32 17.82 4.09
CA TYR D 108 -2.28 18.84 4.11
C TYR D 108 -2.74 20.22 3.65
N SER D 109 -4.03 20.38 3.38
CA SER D 109 -4.54 21.67 2.95
C SER D 109 -4.69 22.62 4.15
N GLY D 110 -5.09 23.85 3.87
CA GLY D 110 -5.33 24.82 4.92
C GLY D 110 -6.72 24.63 5.52
N MET D 111 -7.05 25.45 6.50
CA MET D 111 -8.35 25.42 7.15
C MET D 111 -9.22 26.57 6.68
N ASP D 112 -10.23 26.26 5.87
CA ASP D 112 -10.99 27.29 5.15
C ASP D 112 -12.21 27.80 5.90
N VAL D 113 -12.79 26.95 6.74
CA VAL D 113 -13.99 27.33 7.49
C VAL D 113 -13.74 27.20 8.99
N TRP D 114 -14.09 28.25 9.74
CA TRP D 114 -13.83 28.27 11.17
C TRP D 114 -15.10 28.50 11.99
N GLY D 115 -15.09 28.01 13.22
CA GLY D 115 -16.15 28.29 14.16
C GLY D 115 -15.94 29.65 14.79
N GLN D 116 -16.92 30.13 15.54
CA GLN D 116 -16.85 31.47 16.11
C GLN D 116 -16.02 31.49 17.39
N GLY D 117 -15.53 30.33 17.81
CA GLY D 117 -14.71 30.23 19.00
C GLY D 117 -15.51 30.00 20.27
N THR D 118 -14.84 29.50 21.30
CA THR D 118 -15.48 29.20 22.57
C THR D 118 -14.51 29.44 23.72
N THR D 119 -14.94 30.26 24.69
CA THR D 119 -14.09 30.58 25.83
C THR D 119 -14.05 29.44 26.84
N VAL D 120 -12.84 29.01 27.19
CA VAL D 120 -12.64 28.03 28.24
C VAL D 120 -11.70 28.58 29.29
N THR D 121 -12.22 28.77 30.51
CA THR D 121 -11.43 29.35 31.58
C THR D 121 -11.18 28.33 32.68
N VAL D 122 -9.90 28.08 32.98
CA VAL D 122 -9.56 27.15 34.05
C VAL D 122 -9.10 27.92 35.28
N SER D 123 -10.02 28.15 36.21
CA SER D 123 -9.72 28.89 37.43
C SER D 123 -10.47 28.34 38.62
N SER D 124 -9.82 28.34 39.78
CA SER D 124 -10.44 27.88 41.00
C SER D 124 -11.27 28.98 41.65
N ALA D 125 -11.22 30.17 41.07
CA ALA D 125 -11.99 31.31 41.57
C ALA D 125 -13.44 31.21 41.11
N SER D 126 -14.32 31.92 41.80
CA SER D 126 -15.75 31.85 41.53
C SER D 126 -16.21 32.86 40.48
N THR D 127 -17.52 33.05 40.38
CA THR D 127 -18.12 33.87 39.33
C THR D 127 -18.80 35.11 39.89
N LYS D 128 -18.49 36.27 39.30
CA LYS D 128 -19.12 37.52 39.68
C LYS D 128 -19.79 38.20 38.48
N GLY D 129 -21.04 38.61 38.66
CA GLY D 129 -21.75 39.35 37.64
C GLY D 129 -21.36 40.82 37.66
N PRO D 130 -21.47 41.49 36.50
CA PRO D 130 -21.04 42.88 36.37
C PRO D 130 -22.09 43.91 36.79
N SER D 131 -21.66 44.92 37.54
CA SER D 131 -22.51 46.08 37.80
C SER D 131 -22.38 47.04 36.64
N VAL D 132 -23.50 47.59 36.18
CA VAL D 132 -23.48 48.51 35.05
C VAL D 132 -23.85 49.92 35.49
N PHE D 133 -22.94 50.86 35.23
CA PHE D 133 -23.18 52.26 35.56
C PHE D 133 -23.18 53.10 34.28
N PRO D 134 -24.04 54.13 34.25
CA PRO D 134 -24.16 55.00 33.06
C PRO D 134 -23.00 55.99 32.92
N LEU D 135 -22.71 56.37 31.69
CA LEU D 135 -21.77 57.46 31.41
C LEU D 135 -22.51 58.55 30.65
N ALA D 136 -23.19 59.43 31.39
CA ALA D 136 -24.06 60.43 30.82
C ALA D 136 -23.30 61.62 30.22
N PRO D 137 -23.91 62.29 29.22
CA PRO D 137 -23.33 63.50 28.63
C PRO D 137 -23.33 64.67 29.60
N THR D 146 -21.20 64.92 17.91
CA THR D 146 -21.01 66.12 18.70
C THR D 146 -21.23 65.86 20.19
N ALA D 147 -21.85 64.73 20.51
CA ALA D 147 -22.02 64.34 21.92
C ALA D 147 -21.50 62.92 22.15
N ALA D 148 -21.52 62.48 23.40
CA ALA D 148 -20.96 61.18 23.77
C ALA D 148 -21.55 60.63 25.06
N LEU D 149 -22.00 59.38 25.01
CA LEU D 149 -22.50 58.69 26.20
C LEU D 149 -22.00 57.25 26.23
N GLY D 150 -22.16 56.58 27.37
CA GLY D 150 -21.70 55.21 27.48
C GLY D 150 -22.09 54.40 28.71
N CYS D 151 -21.58 53.17 28.76
CA CYS D 151 -21.80 52.27 29.90
C CYS D 151 -20.48 51.80 30.48
N LEU D 152 -20.42 51.73 31.80
CA LEU D 152 -19.25 51.18 32.48
C LEU D 152 -19.56 49.80 33.04
N VAL D 153 -19.18 48.77 32.29
CA VAL D 153 -19.38 47.40 32.75
C VAL D 153 -18.27 47.02 33.71
N LYS D 154 -18.52 47.24 35.00
CA LYS D 154 -17.51 47.07 36.04
C LYS D 154 -17.73 45.79 36.85
N ASP D 155 -16.64 45.23 37.36
CA ASP D 155 -16.67 44.11 38.31
C ASP D 155 -17.25 42.82 37.74
N TYR D 156 -16.49 42.08 36.94
CA TYR D 156 -16.95 40.76 36.50
C TYR D 156 -15.82 39.76 36.29
N PHE D 157 -16.20 38.49 36.16
CA PHE D 157 -15.25 37.38 35.99
C PHE D 157 -15.98 36.10 35.60
N PRO D 158 -15.50 35.42 34.55
CA PRO D 158 -14.44 35.90 33.66
C PRO D 158 -14.99 36.50 32.38
N GLU D 159 -14.16 36.67 31.37
CA GLU D 159 -14.63 37.12 30.08
C GLU D 159 -15.36 36.00 29.34
N PRO D 160 -16.17 36.34 28.32
CA PRO D 160 -16.46 37.67 27.77
C PRO D 160 -17.74 38.31 28.28
N VAL D 161 -17.98 39.54 27.84
CA VAL D 161 -19.23 40.25 28.10
C VAL D 161 -19.77 40.88 26.81
N THR D 162 -20.95 40.46 26.40
CA THR D 162 -21.58 41.01 25.20
C THR D 162 -22.20 42.36 25.50
N VAL D 163 -21.90 43.35 24.69
CA VAL D 163 -22.52 44.67 24.83
C VAL D 163 -23.03 45.16 23.49
N SER D 164 -24.31 45.50 23.44
CA SER D 164 -24.91 46.11 22.26
C SER D 164 -25.83 47.24 22.70
N TRP D 165 -25.93 48.27 21.87
CA TRP D 165 -26.75 49.43 22.21
C TRP D 165 -28.10 49.38 21.53
N ASN D 166 -29.15 49.45 22.35
CA ASN D 166 -30.53 49.26 21.89
C ASN D 166 -30.66 47.93 21.18
N SER D 167 -30.07 46.91 21.79
CA SER D 167 -29.99 45.54 21.26
C SER D 167 -29.59 45.49 19.77
N GLY D 168 -28.77 46.43 19.32
CA GLY D 168 -28.23 46.40 17.98
C GLY D 168 -28.85 47.35 16.98
N ALA D 169 -29.93 48.02 17.37
CA ALA D 169 -30.64 48.93 16.47
C ALA D 169 -29.80 50.16 16.14
N LEU D 170 -28.99 50.59 17.09
CA LEU D 170 -28.12 51.74 16.88
C LEU D 170 -26.68 51.45 17.30
N THR D 171 -25.93 50.82 16.41
CA THR D 171 -24.52 50.54 16.65
C THR D 171 -23.66 51.15 15.55
N SER D 172 -23.87 52.44 15.30
CA SER D 172 -23.10 53.18 14.30
C SER D 172 -22.25 54.25 14.96
N GLY D 173 -20.96 53.96 15.11
CA GLY D 173 -20.06 54.84 15.84
C GLY D 173 -20.04 54.47 17.30
N VAL D 174 -19.95 53.17 17.56
CA VAL D 174 -19.91 52.64 18.92
C VAL D 174 -18.58 51.98 19.21
N HIS D 175 -17.96 52.34 20.32
CA HIS D 175 -16.70 51.73 20.71
C HIS D 175 -16.83 50.99 22.04
N THR D 176 -16.52 49.70 22.01
CA THR D 176 -16.47 48.90 23.23
C THR D 176 -15.03 48.43 23.46
N PHE D 177 -14.45 48.85 24.56
CA PHE D 177 -13.02 48.67 24.80
C PHE D 177 -12.69 47.28 25.34
N PRO D 178 -11.48 46.79 25.01
CA PRO D 178 -10.97 45.55 25.60
C PRO D 178 -10.93 45.64 27.12
N ALA D 179 -11.28 44.54 27.78
CA ALA D 179 -11.36 44.52 29.23
C ALA D 179 -10.00 44.72 29.88
N VAL D 180 -9.99 45.36 31.04
CA VAL D 180 -8.77 45.54 31.80
C VAL D 180 -8.81 44.66 33.05
N LEU D 181 -7.69 44.01 33.35
CA LEU D 181 -7.59 43.18 34.54
C LEU D 181 -7.22 44.06 35.74
N GLN D 182 -8.23 44.46 36.50
CA GLN D 182 -8.04 45.31 37.66
C GLN D 182 -7.22 44.60 38.73
N SER D 183 -6.66 45.35 39.66
CA SER D 183 -5.81 44.78 40.71
C SER D 183 -6.61 43.87 41.64
N SER D 184 -7.93 43.96 41.59
CA SER D 184 -8.80 43.12 42.40
C SER D 184 -8.92 41.72 41.80
N GLY D 185 -8.46 41.56 40.56
CA GLY D 185 -8.55 40.29 39.88
C GLY D 185 -9.81 40.18 39.05
N LEU D 186 -10.58 41.26 38.99
CA LEU D 186 -11.80 41.28 38.20
C LEU D 186 -11.62 42.12 36.94
N TYR D 187 -12.37 41.77 35.89
CA TYR D 187 -12.33 42.51 34.64
C TYR D 187 -13.39 43.61 34.63
N SER D 188 -13.09 44.69 33.91
CA SER D 188 -14.08 45.74 33.66
C SER D 188 -13.77 46.40 32.33
N LEU D 189 -14.79 46.96 31.69
CA LEU D 189 -14.60 47.66 30.43
C LEU D 189 -15.58 48.82 30.28
N SER D 190 -15.52 49.47 29.12
CA SER D 190 -16.41 50.59 28.83
C SER D 190 -16.93 50.50 27.40
N SER D 191 -18.18 50.87 27.22
CA SER D 191 -18.77 50.95 25.89
C SER D 191 -19.33 52.37 25.69
N VAL D 192 -18.85 53.06 24.67
CA VAL D 192 -19.24 54.46 24.45
C VAL D 192 -19.84 54.70 23.08
N VAL D 193 -20.67 55.73 22.95
CA VAL D 193 -21.36 56.02 21.69
C VAL D 193 -21.29 57.49 21.28
N THR D 194 -21.03 57.74 20.00
CA THR D 194 -21.14 59.08 19.40
C THR D 194 -22.59 59.29 18.89
N VAL D 195 -23.27 60.30 19.44
CA VAL D 195 -24.58 60.74 18.94
C VAL D 195 -24.60 62.27 18.77
N PRO D 196 -25.47 62.78 17.88
CA PRO D 196 -25.63 64.24 17.75
C PRO D 196 -26.15 64.87 19.04
N SER D 197 -25.64 66.06 19.39
CA SER D 197 -26.05 66.75 20.61
C SER D 197 -27.55 66.97 20.66
N SER D 198 -28.16 67.06 19.48
CA SER D 198 -29.60 67.05 19.37
C SER D 198 -30.09 65.67 18.93
N SER D 199 -29.73 64.67 19.73
CA SER D 199 -30.42 63.38 19.71
C SER D 199 -31.44 63.45 20.83
N LEU D 200 -31.54 64.66 21.38
CA LEU D 200 -32.60 65.08 22.30
C LEU D 200 -32.67 64.20 23.55
N GLY D 201 -33.86 64.10 24.12
CA GLY D 201 -34.15 63.07 25.11
C GLY D 201 -35.24 62.25 24.48
N THR D 202 -35.04 61.98 23.19
CA THR D 202 -36.09 61.43 22.34
C THR D 202 -35.56 60.20 21.59
N GLN D 203 -34.35 59.75 21.94
CA GLN D 203 -33.80 58.57 21.29
C GLN D 203 -33.78 57.36 22.22
N THR D 204 -33.71 57.60 23.52
CA THR D 204 -33.69 56.54 24.54
C THR D 204 -32.54 55.56 24.30
N TYR D 205 -31.41 55.82 24.95
CA TYR D 205 -30.23 54.97 24.77
C TYR D 205 -30.11 53.94 25.86
N ILE D 206 -30.38 52.68 25.51
CA ILE D 206 -30.29 51.58 26.45
C ILE D 206 -29.16 50.64 26.05
N CYS D 207 -28.20 50.46 26.94
CA CYS D 207 -27.13 49.50 26.70
C CYS D 207 -27.55 48.11 27.16
N ASN D 208 -27.41 47.14 26.28
CA ASN D 208 -27.76 45.77 26.60
C ASN D 208 -26.51 44.92 26.86
N VAL D 209 -26.01 44.96 28.08
CA VAL D 209 -24.83 44.20 28.45
C VAL D 209 -25.25 42.73 28.68
N ASN D 210 -24.25 41.85 28.80
CA ASN D 210 -24.46 40.42 28.89
C ASN D 210 -23.27 39.63 29.47
N HIS D 211 -23.45 38.99 30.62
CA HIS D 211 -22.41 38.11 31.14
C HIS D 211 -23.01 36.76 31.51
N LYS D 212 -23.08 35.87 30.53
CA LYS D 212 -23.70 34.57 30.75
C LYS D 212 -22.86 33.49 31.49
N PRO D 213 -21.62 33.79 31.89
CA PRO D 213 -21.09 32.93 32.96
C PRO D 213 -21.86 33.03 34.28
N SER D 214 -22.90 33.86 34.33
CA SER D 214 -23.75 34.00 35.50
C SER D 214 -25.16 34.38 35.07
N ASN D 215 -25.39 34.43 33.76
CA ASN D 215 -26.70 34.77 33.20
C ASN D 215 -27.26 36.08 33.74
N THR D 216 -26.73 37.19 33.24
CA THR D 216 -27.17 38.51 33.63
C THR D 216 -27.41 39.40 32.42
N LYS D 217 -28.59 40.00 32.39
CA LYS D 217 -29.03 40.85 31.30
C LYS D 217 -29.46 42.19 31.88
N VAL D 218 -28.66 43.23 31.71
CA VAL D 218 -29.02 44.54 32.27
C VAL D 218 -29.57 45.47 31.19
N ASP D 219 -30.69 46.12 31.49
CA ASP D 219 -31.31 47.07 30.58
C ASP D 219 -31.20 48.49 31.13
N LYS D 220 -29.97 48.99 31.20
CA LYS D 220 -29.69 50.30 31.77
C LYS D 220 -29.75 51.41 30.72
N LYS D 221 -30.57 52.43 30.99
CA LYS D 221 -30.72 53.57 30.10
C LYS D 221 -29.77 54.70 30.48
N VAL D 222 -29.31 55.45 29.50
CA VAL D 222 -28.37 56.55 29.73
C VAL D 222 -29.04 57.91 29.62
N GLU D 223 -29.34 58.51 30.77
CA GLU D 223 -29.97 59.83 30.80
C GLU D 223 -28.99 60.88 31.31
N PRO D 224 -29.06 62.09 30.73
CA PRO D 224 -28.20 63.23 31.09
C PRO D 224 -28.43 63.78 32.50
N LYS D 225 -28.75 65.06 32.59
CA LYS D 225 -28.97 65.73 33.87
C LYS D 225 -30.08 65.07 34.68
N GLN E 1 7.47 -31.48 -16.55
CA GLN E 1 8.83 -31.73 -16.10
C GLN E 1 9.54 -30.43 -15.75
N VAL E 2 9.39 -30.00 -14.49
CA VAL E 2 10.02 -28.76 -14.03
C VAL E 2 11.50 -29.00 -13.73
N GLN E 3 12.35 -28.10 -14.21
CA GLN E 3 13.79 -28.35 -14.23
C GLN E 3 14.64 -27.09 -14.32
N LEU E 4 15.77 -27.10 -13.63
CA LEU E 4 16.76 -26.02 -13.74
C LEU E 4 18.10 -26.60 -14.18
N VAL E 5 18.62 -26.11 -15.30
CA VAL E 5 19.91 -26.56 -15.80
C VAL E 5 20.94 -25.43 -15.77
N GLN E 6 22.09 -25.70 -15.16
CA GLN E 6 23.10 -24.66 -14.97
C GLN E 6 24.25 -24.76 -15.95
N SER E 7 24.83 -23.62 -16.27
CA SER E 7 26.02 -23.56 -17.12
C SER E 7 26.99 -22.53 -16.57
N GLY E 8 28.16 -22.43 -17.21
CA GLY E 8 29.16 -21.48 -16.78
C GLY E 8 29.96 -21.96 -15.58
N GLY E 9 30.72 -21.05 -14.98
CA GLY E 9 31.56 -21.40 -13.85
C GLY E 9 33.00 -21.54 -14.27
N GLY E 10 33.71 -22.50 -13.70
CA GLY E 10 35.11 -22.72 -13.98
C GLY E 10 35.98 -22.00 -12.96
N MET E 11 37.27 -21.88 -13.25
CA MET E 11 38.16 -21.22 -12.31
C MET E 11 38.69 -19.91 -12.86
N VAL E 12 38.98 -18.99 -11.94
CA VAL E 12 39.43 -17.65 -12.30
C VAL E 12 40.38 -17.13 -11.23
N GLN E 13 41.38 -16.35 -11.64
CA GLN E 13 42.32 -15.75 -10.71
C GLN E 13 41.61 -14.76 -9.79
N PRO E 14 42.13 -14.57 -8.57
CA PRO E 14 41.55 -13.62 -7.63
C PRO E 14 41.51 -12.19 -8.19
N GLY E 15 40.31 -11.62 -8.26
CA GLY E 15 40.13 -10.30 -8.83
C GLY E 15 39.40 -10.38 -10.16
N GLY E 16 39.34 -11.59 -10.72
CA GLY E 16 38.72 -11.80 -12.00
C GLY E 16 37.21 -11.91 -11.93
N SER E 17 36.59 -12.27 -13.04
CA SER E 17 35.14 -12.33 -13.11
C SER E 17 34.63 -13.59 -13.81
N LEU E 18 33.44 -14.03 -13.42
CA LEU E 18 32.80 -15.21 -14.02
C LEU E 18 31.30 -14.99 -14.13
N SER E 19 30.65 -15.74 -15.02
CA SER E 19 29.21 -15.66 -15.16
C SER E 19 28.55 -17.02 -15.04
N LEU E 20 27.52 -17.09 -14.21
CA LEU E 20 26.73 -18.31 -14.08
C LEU E 20 25.40 -18.16 -14.80
N SER E 21 24.94 -19.24 -15.43
CA SER E 21 23.63 -19.27 -16.07
C SER E 21 22.79 -20.39 -15.49
N CYS E 22 21.47 -20.27 -15.66
CA CYS E 22 20.53 -21.24 -15.12
C CYS E 22 19.25 -21.22 -15.94
N ALA E 23 19.16 -22.14 -16.89
CA ALA E 23 18.01 -22.20 -17.80
C ALA E 23 16.87 -23.03 -17.21
N ALA E 24 15.68 -22.43 -17.16
CA ALA E 24 14.52 -23.09 -16.60
C ALA E 24 13.73 -23.82 -17.68
N SER E 25 13.04 -24.89 -17.28
CA SER E 25 12.17 -25.64 -18.18
C SER E 25 10.95 -26.15 -17.44
N GLY E 26 9.78 -26.02 -18.06
CA GLY E 26 8.55 -26.50 -17.47
C GLY E 26 7.86 -25.47 -16.59
N PHE E 27 8.45 -24.28 -16.50
CA PHE E 27 7.84 -23.19 -15.77
C PHE E 27 8.43 -21.85 -16.18
N THR E 28 7.65 -20.79 -16.02
CA THR E 28 8.09 -19.45 -16.37
C THR E 28 8.88 -18.84 -15.22
N LEU E 29 10.18 -18.67 -15.45
CA LEU E 29 11.11 -18.29 -14.39
C LEU E 29 10.80 -16.91 -13.79
N SER E 30 10.35 -15.99 -14.62
CA SER E 30 10.11 -14.62 -14.19
C SER E 30 8.92 -14.51 -13.22
N ASN E 31 8.16 -15.59 -13.07
CA ASN E 31 6.99 -15.57 -12.19
C ASN E 31 7.33 -15.94 -10.74
N TYR E 32 8.44 -16.64 -10.56
CA TYR E 32 8.85 -17.09 -9.24
C TYR E 32 10.11 -16.37 -8.79
N ALA E 33 10.24 -16.16 -7.48
CA ALA E 33 11.48 -15.67 -6.93
C ALA E 33 12.57 -16.72 -7.12
N MET E 34 13.74 -16.29 -7.57
CA MET E 34 14.86 -17.19 -7.83
C MET E 34 16.04 -16.83 -6.93
N THR E 35 16.76 -17.84 -6.47
CA THR E 35 17.80 -17.63 -5.46
C THR E 35 19.10 -18.33 -5.84
N TRP E 36 20.23 -17.68 -5.54
CA TRP E 36 21.52 -18.33 -5.63
C TRP E 36 22.04 -18.71 -4.25
N VAL E 37 22.28 -20.00 -4.06
CA VAL E 37 22.83 -20.52 -2.81
C VAL E 37 24.18 -21.15 -3.11
N ARG E 38 25.13 -21.00 -2.21
CA ARG E 38 26.46 -21.56 -2.46
C ARG E 38 26.95 -22.39 -1.30
N GLN E 39 27.85 -23.32 -1.61
CA GLN E 39 28.41 -24.19 -0.58
C GLN E 39 29.91 -24.33 -0.81
N ALA E 40 30.68 -23.76 0.11
CA ALA E 40 32.13 -23.89 0.07
C ALA E 40 32.52 -25.34 0.36
N PRO E 41 33.69 -25.78 -0.14
CA PRO E 41 34.16 -27.15 0.11
C PRO E 41 34.13 -27.56 1.58
N GLY E 42 33.33 -28.59 1.89
CA GLY E 42 33.25 -29.12 3.24
C GLY E 42 32.45 -28.27 4.21
N LYS E 43 31.81 -27.22 3.70
CA LYS E 43 31.07 -26.29 4.54
C LYS E 43 29.55 -26.45 4.37
N GLY E 44 28.81 -25.57 5.02
CA GLY E 44 27.35 -25.61 4.95
C GLY E 44 26.80 -24.75 3.82
N LEU E 45 25.50 -24.49 3.87
CA LEU E 45 24.84 -23.72 2.83
C LEU E 45 24.78 -22.23 3.18
N GLU E 46 25.12 -21.38 2.20
CA GLU E 46 25.08 -19.93 2.38
C GLU E 46 24.24 -19.28 1.29
N TRP E 47 23.40 -18.33 1.69
CA TRP E 47 22.59 -17.58 0.74
C TRP E 47 23.40 -16.47 0.09
N VAL E 48 23.33 -16.38 -1.24
CA VAL E 48 24.11 -15.40 -1.99
C VAL E 48 23.25 -14.24 -2.48
N SER E 49 22.20 -14.56 -3.23
CA SER E 49 21.38 -13.54 -3.85
C SER E 49 20.03 -14.09 -4.29
N SER E 50 19.01 -13.23 -4.24
CA SER E 50 17.70 -13.57 -4.76
C SER E 50 17.16 -12.44 -5.62
N ILE E 51 16.32 -12.81 -6.58
CA ILE E 51 15.53 -11.83 -7.33
C ILE E 51 14.07 -12.20 -7.14
N GLY E 52 13.20 -11.21 -7.05
CA GLY E 52 11.79 -11.45 -6.82
C GLY E 52 11.09 -12.03 -8.04
N GLY E 53 9.78 -12.21 -7.93
CA GLY E 53 8.98 -12.71 -9.04
C GLY E 53 8.81 -11.70 -10.17
N SER E 54 7.59 -11.57 -10.65
CA SER E 54 7.30 -10.74 -11.82
C SER E 54 7.64 -9.27 -11.61
N GLY E 55 7.66 -8.83 -10.36
CA GLY E 55 8.04 -7.47 -10.03
C GLY E 55 9.53 -7.32 -9.83
N GLY E 56 10.22 -8.44 -9.73
CA GLY E 56 11.66 -8.44 -9.59
C GLY E 56 12.15 -7.88 -8.27
N THR E 57 13.09 -6.94 -8.36
CA THR E 57 13.86 -6.41 -7.22
C THR E 57 14.87 -7.46 -6.73
N THR E 58 16.03 -6.99 -6.32
CA THR E 58 17.14 -7.89 -6.05
C THR E 58 17.65 -7.76 -4.61
N TYR E 59 18.28 -8.81 -4.11
CA TYR E 59 18.73 -8.88 -2.73
C TYR E 59 20.10 -9.55 -2.64
N TYR E 60 20.93 -9.09 -1.72
CA TYR E 60 22.32 -9.57 -1.66
C TYR E 60 22.82 -9.77 -0.23
N ALA E 61 23.62 -10.81 -0.04
CA ALA E 61 24.39 -10.96 1.19
C ALA E 61 25.46 -9.89 1.20
N ASP E 62 25.79 -9.38 2.38
CA ASP E 62 26.79 -8.33 2.52
C ASP E 62 28.14 -8.74 1.92
N SER E 63 28.43 -10.04 1.98
CA SER E 63 29.67 -10.60 1.46
C SER E 63 29.91 -10.21 0.00
N VAL E 64 28.82 -10.13 -0.77
CA VAL E 64 28.90 -10.00 -2.22
C VAL E 64 28.24 -8.74 -2.75
N LYS E 65 27.77 -7.88 -1.85
CA LYS E 65 27.12 -6.65 -2.24
C LYS E 65 28.10 -5.74 -2.97
N GLY E 66 27.76 -5.39 -4.22
CA GLY E 66 28.62 -4.54 -5.02
C GLY E 66 29.55 -5.33 -5.94
N ARG E 67 29.68 -6.63 -5.68
CA ARG E 67 30.54 -7.48 -6.51
C ARG E 67 29.71 -8.39 -7.40
N PHE E 68 28.57 -8.84 -6.89
CA PHE E 68 27.71 -9.75 -7.62
C PHE E 68 26.47 -9.02 -8.15
N THR E 69 25.95 -9.50 -9.28
CA THR E 69 24.71 -8.98 -9.83
C THR E 69 23.81 -10.11 -10.33
N ILE E 70 22.64 -10.24 -9.73
CA ILE E 70 21.68 -11.23 -10.18
C ILE E 70 20.70 -10.57 -11.15
N SER E 71 20.38 -11.29 -12.21
CA SER E 71 19.44 -10.79 -13.21
C SER E 71 18.86 -11.97 -13.98
N ARG E 72 17.87 -11.68 -14.83
CA ARG E 72 17.24 -12.73 -15.61
C ARG E 72 16.86 -12.22 -16.99
N ASP E 73 16.48 -13.14 -17.87
CA ASP E 73 16.02 -12.79 -19.21
C ASP E 73 14.78 -13.61 -19.54
N SER E 74 13.63 -12.93 -19.59
CA SER E 74 12.35 -13.60 -19.77
C SER E 74 12.21 -14.25 -21.14
N SER E 75 12.86 -13.68 -22.16
CA SER E 75 12.77 -14.20 -23.51
C SER E 75 13.59 -15.49 -23.66
N MET E 76 14.54 -15.68 -22.74
CA MET E 76 15.35 -16.89 -22.74
C MET E 76 15.03 -17.77 -21.52
N ASN E 77 14.13 -17.29 -20.67
CA ASN E 77 13.70 -18.02 -19.48
C ASN E 77 14.90 -18.46 -18.63
N THR E 78 15.90 -17.58 -18.54
CA THR E 78 17.17 -17.91 -17.91
C THR E 78 17.51 -16.94 -16.76
N LEU E 79 18.12 -17.48 -15.71
CA LEU E 79 18.60 -16.67 -14.60
C LEU E 79 20.12 -16.52 -14.68
N TYR E 80 20.62 -15.34 -14.35
CA TYR E 80 22.06 -15.08 -14.43
C TYR E 80 22.64 -14.61 -13.11
N LEU E 81 23.89 -14.95 -12.85
CA LEU E 81 24.64 -14.35 -11.75
C LEU E 81 25.98 -13.87 -12.26
N GLN E 82 26.17 -12.56 -12.24
CA GLN E 82 27.43 -11.97 -12.68
C GLN E 82 28.32 -11.71 -11.47
N MET E 83 29.51 -12.29 -11.48
CA MET E 83 30.44 -12.14 -10.36
C MET E 83 31.71 -11.42 -10.82
N SER E 84 32.16 -10.46 -10.01
CA SER E 84 33.41 -9.76 -10.30
C SER E 84 34.17 -9.46 -9.01
N ASN E 85 35.45 -9.10 -9.16
CA ASN E 85 36.36 -8.90 -8.04
C ASN E 85 36.35 -10.12 -7.10
N LEU E 86 36.32 -11.30 -7.71
CA LEU E 86 36.21 -12.55 -6.97
C LEU E 86 37.40 -12.80 -6.04
N ARG E 87 37.12 -13.34 -4.87
CA ARG E 87 38.16 -13.68 -3.90
C ARG E 87 38.05 -15.16 -3.53
N ALA E 88 39.01 -15.65 -2.75
CA ALA E 88 39.09 -17.07 -2.43
C ALA E 88 37.85 -17.56 -1.68
N GLY E 89 37.27 -16.68 -0.87
CA GLY E 89 36.08 -17.02 -0.12
C GLY E 89 34.83 -17.22 -0.98
N ASP E 90 34.98 -17.01 -2.28
CA ASP E 90 33.87 -17.24 -3.21
C ASP E 90 33.96 -18.61 -3.86
N THR E 91 35.09 -19.29 -3.66
CA THR E 91 35.27 -20.66 -4.14
C THR E 91 34.24 -21.56 -3.48
N ALA E 92 33.34 -22.11 -4.29
CA ALA E 92 32.24 -22.92 -3.79
C ALA E 92 31.49 -23.57 -4.94
N VAL E 93 30.56 -24.47 -4.60
CA VAL E 93 29.57 -24.91 -5.56
C VAL E 93 28.38 -23.99 -5.47
N TYR E 94 27.95 -23.45 -6.61
CA TYR E 94 26.82 -22.52 -6.63
C TYR E 94 25.55 -23.19 -7.15
N TYR E 95 24.46 -23.02 -6.40
CA TYR E 95 23.17 -23.60 -6.77
C TYR E 95 22.14 -22.52 -7.05
N CYS E 96 21.34 -22.68 -8.09
CA CYS E 96 20.16 -21.85 -8.26
C CYS E 96 18.95 -22.62 -7.76
N ALA E 97 17.99 -21.90 -7.20
CA ALA E 97 16.79 -22.55 -6.68
C ALA E 97 15.55 -21.69 -6.89
N LYS E 98 14.40 -22.35 -7.01
CA LYS E 98 13.14 -21.67 -7.29
C LYS E 98 12.21 -21.74 -6.08
N ASP E 99 11.56 -20.63 -5.76
CA ASP E 99 10.57 -20.60 -4.68
C ASP E 99 9.34 -21.39 -5.10
N LYS E 100 8.68 -22.02 -4.13
CA LYS E 100 7.47 -22.79 -4.40
C LYS E 100 6.39 -21.97 -5.09
N THR E 101 6.05 -20.85 -4.46
CA THR E 101 4.89 -20.07 -4.88
C THR E 101 5.25 -18.80 -5.66
N ARG E 102 4.33 -18.39 -6.53
CA ARG E 102 4.48 -17.16 -7.31
C ARG E 102 4.21 -15.95 -6.43
N THR E 103 5.08 -14.95 -6.52
CA THR E 103 4.90 -13.70 -5.78
C THR E 103 5.24 -12.50 -6.66
N LEU E 104 4.93 -11.31 -6.17
CA LEU E 104 5.25 -10.08 -6.87
C LEU E 104 6.74 -9.80 -6.74
N ARG E 105 7.22 -9.87 -5.50
CA ARG E 105 8.63 -9.65 -5.22
C ARG E 105 9.24 -10.87 -4.55
N LEU E 106 9.83 -10.70 -3.38
CA LEU E 106 10.45 -11.83 -2.69
C LEU E 106 9.49 -12.41 -1.65
N GLY E 107 9.22 -13.70 -1.77
CA GLY E 107 8.26 -14.38 -0.90
C GLY E 107 8.83 -15.00 0.35
N TYR E 108 8.11 -15.95 0.93
CA TYR E 108 8.47 -16.53 2.21
C TYR E 108 8.42 -18.06 2.22
N SER E 109 8.27 -18.66 1.06
CA SER E 109 8.21 -20.12 0.96
C SER E 109 9.60 -20.72 0.83
N GLY E 110 9.66 -22.05 0.87
CA GLY E 110 10.92 -22.75 0.69
C GLY E 110 11.28 -22.84 -0.79
N MET E 111 12.37 -23.54 -1.07
CA MET E 111 12.86 -23.68 -2.44
C MET E 111 12.73 -25.13 -2.92
N ASP E 112 11.80 -25.39 -3.82
CA ASP E 112 11.40 -26.75 -4.15
C ASP E 112 12.12 -27.35 -5.36
N VAL E 113 12.65 -26.50 -6.23
CA VAL E 113 13.38 -26.99 -7.40
C VAL E 113 14.79 -26.41 -7.41
N TRP E 114 15.78 -27.26 -7.69
CA TRP E 114 17.17 -26.85 -7.62
C TRP E 114 17.95 -27.20 -8.88
N GLY E 115 18.93 -26.36 -9.21
CA GLY E 115 19.88 -26.68 -10.26
C GLY E 115 20.85 -27.74 -9.76
N GLN E 116 21.57 -28.37 -10.68
CA GLN E 116 22.49 -29.45 -10.31
C GLN E 116 23.78 -28.92 -9.69
N GLY E 117 23.98 -27.62 -9.79
CA GLY E 117 25.15 -26.99 -9.21
C GLY E 117 26.25 -26.73 -10.21
N THR E 118 26.96 -25.63 -10.02
CA THR E 118 28.10 -25.28 -10.84
C THR E 118 29.30 -24.99 -9.93
N THR E 119 30.47 -25.49 -10.32
CA THR E 119 31.67 -25.27 -9.51
C THR E 119 32.38 -23.97 -9.88
N VAL E 120 32.68 -23.17 -8.85
CA VAL E 120 33.47 -21.96 -9.04
C VAL E 120 34.73 -22.00 -8.19
N THR E 121 35.88 -21.85 -8.82
CA THR E 121 37.16 -21.89 -8.12
C THR E 121 37.94 -20.60 -8.31
N VAL E 122 38.29 -19.94 -7.21
CA VAL E 122 39.09 -18.73 -7.30
C VAL E 122 40.49 -19.01 -6.76
N SER E 123 41.44 -19.21 -7.68
CA SER E 123 42.79 -19.60 -7.30
C SER E 123 43.84 -19.02 -8.23
N SER E 124 45.02 -18.74 -7.67
CA SER E 124 46.15 -18.23 -8.44
C SER E 124 46.84 -19.36 -9.19
N ALA E 125 46.62 -20.58 -8.71
CA ALA E 125 47.31 -21.75 -9.23
C ALA E 125 46.89 -22.07 -10.66
N SER E 126 47.79 -22.73 -11.39
CA SER E 126 47.52 -23.11 -12.76
C SER E 126 46.65 -24.36 -12.84
N THR E 127 46.17 -24.67 -14.04
CA THR E 127 45.33 -25.84 -14.25
C THR E 127 46.15 -27.02 -14.73
N LYS E 128 45.89 -28.20 -14.17
CA LYS E 128 46.60 -29.39 -14.59
C LYS E 128 45.65 -30.55 -14.88
N GLY E 129 45.82 -31.14 -16.06
CA GLY E 129 45.06 -32.32 -16.43
C GLY E 129 45.51 -33.53 -15.62
N PRO E 130 44.58 -34.45 -15.39
CA PRO E 130 44.90 -35.64 -14.60
C PRO E 130 45.60 -36.73 -15.42
N SER E 131 46.44 -37.51 -14.74
CA SER E 131 46.93 -38.75 -15.31
C SER E 131 45.96 -39.85 -14.89
N VAL E 132 45.66 -40.76 -15.80
CA VAL E 132 44.70 -41.81 -15.51
C VAL E 132 45.33 -43.18 -15.63
N PHE E 133 45.40 -43.90 -14.51
CA PHE E 133 46.05 -45.20 -14.50
C PHE E 133 45.06 -46.30 -14.14
N PRO E 134 45.20 -47.47 -14.78
CA PRO E 134 44.33 -48.61 -14.51
C PRO E 134 44.64 -49.31 -13.17
N LEU E 135 43.59 -49.63 -12.43
CA LEU E 135 43.73 -50.53 -11.29
C LEU E 135 43.19 -51.89 -11.73
N ALA E 136 44.09 -52.72 -12.24
CA ALA E 136 43.70 -53.97 -12.90
C ALA E 136 43.03 -54.96 -11.96
N PRO E 137 42.04 -55.69 -12.47
CA PRO E 137 41.44 -56.78 -11.69
C PRO E 137 42.41 -57.96 -11.61
N SER E 138 42.40 -58.66 -10.49
CA SER E 138 43.27 -59.80 -10.30
C SER E 138 42.73 -60.69 -9.19
N SER E 139 43.46 -61.75 -8.88
CA SER E 139 43.07 -62.66 -7.81
C SER E 139 43.08 -61.97 -6.45
N LYS E 140 43.83 -60.88 -6.36
CA LYS E 140 43.92 -60.14 -5.10
C LYS E 140 42.90 -59.00 -5.04
N SER E 141 41.96 -58.99 -5.98
CA SER E 141 40.85 -58.04 -5.96
C SER E 141 39.52 -58.79 -6.14
N THR E 142 39.55 -60.10 -5.94
CA THR E 142 38.39 -60.94 -6.16
C THR E 142 37.74 -61.33 -4.82
N SER E 143 36.42 -61.38 -4.82
CA SER E 143 35.65 -61.85 -3.66
C SER E 143 34.34 -62.45 -4.14
N GLY E 144 34.14 -63.73 -3.84
CA GLY E 144 32.96 -64.44 -4.30
C GLY E 144 32.92 -64.51 -5.82
N GLY E 145 31.82 -64.08 -6.42
CA GLY E 145 31.67 -64.10 -7.86
C GLY E 145 32.02 -62.78 -8.52
N THR E 146 32.53 -61.84 -7.72
CA THR E 146 32.80 -60.50 -8.22
C THR E 146 34.29 -60.14 -8.15
N ALA E 147 34.72 -59.31 -9.10
CA ALA E 147 36.08 -58.78 -9.11
C ALA E 147 36.04 -57.27 -9.07
N ALA E 148 36.96 -56.67 -8.33
CA ALA E 148 37.09 -55.22 -8.30
C ALA E 148 38.15 -54.75 -9.27
N LEU E 149 37.84 -53.69 -10.00
CA LEU E 149 38.82 -53.04 -10.88
C LEU E 149 38.52 -51.55 -10.87
N GLY E 150 39.37 -50.75 -11.50
CA GLY E 150 39.13 -49.32 -11.50
C GLY E 150 40.20 -48.43 -12.10
N CYS E 151 40.06 -47.14 -11.83
CA CYS E 151 40.93 -46.12 -12.40
C CYS E 151 41.47 -45.19 -11.33
N LEU E 152 42.79 -45.01 -11.34
CA LEU E 152 43.42 -44.03 -10.49
C LEU E 152 43.54 -42.71 -11.25
N VAL E 153 42.83 -41.68 -10.79
CA VAL E 153 42.87 -40.38 -11.44
C VAL E 153 43.74 -39.42 -10.62
N LYS E 154 44.99 -39.24 -11.05
CA LYS E 154 46.00 -38.61 -10.21
C LYS E 154 46.52 -37.27 -10.74
N ASP E 155 46.87 -36.38 -9.81
CA ASP E 155 47.61 -35.14 -10.09
C ASP E 155 46.87 -34.17 -11.01
N TYR E 156 45.71 -33.69 -10.57
CA TYR E 156 44.95 -32.71 -11.34
C TYR E 156 44.56 -31.51 -10.50
N PHE E 157 44.25 -30.40 -11.18
CA PHE E 157 43.78 -29.20 -10.50
C PHE E 157 43.00 -28.31 -11.46
N PRO E 158 41.86 -27.77 -10.99
CA PRO E 158 41.28 -28.03 -9.68
C PRO E 158 40.18 -29.08 -9.72
N GLU E 159 39.50 -29.27 -8.60
CA GLU E 159 38.26 -30.03 -8.60
C GLU E 159 37.20 -29.24 -9.39
N PRO E 160 36.21 -29.95 -9.96
CA PRO E 160 36.03 -31.40 -9.88
C PRO E 160 36.47 -32.15 -11.14
N VAL E 161 36.35 -33.46 -11.10
CA VAL E 161 36.55 -34.31 -12.26
C VAL E 161 35.37 -35.26 -12.32
N THR E 162 34.91 -35.61 -13.51
CA THR E 162 33.83 -36.58 -13.62
C THR E 162 34.34 -37.89 -14.19
N VAL E 163 33.90 -39.00 -13.60
CA VAL E 163 34.31 -40.32 -14.04
C VAL E 163 33.10 -41.17 -14.37
N SER E 164 33.02 -41.62 -15.62
CA SER E 164 32.01 -42.59 -16.00
C SER E 164 32.69 -43.88 -16.46
N TRP E 165 31.89 -44.94 -16.57
CA TRP E 165 32.42 -46.21 -17.06
C TRP E 165 31.66 -46.68 -18.29
N ASN E 166 32.42 -47.18 -19.27
CA ASN E 166 31.86 -47.61 -20.55
C ASN E 166 30.90 -46.59 -21.14
N SER E 167 31.33 -45.33 -21.15
CA SER E 167 30.56 -44.22 -21.70
C SER E 167 29.20 -44.04 -21.02
N GLY E 168 29.11 -44.46 -19.76
CA GLY E 168 27.89 -44.27 -18.99
C GLY E 168 26.92 -45.43 -19.07
N ALA E 169 27.31 -46.49 -19.78
CA ALA E 169 26.47 -47.68 -19.90
C ALA E 169 26.60 -48.57 -18.66
N LEU E 170 27.64 -48.31 -17.87
CA LEU E 170 27.86 -49.05 -16.63
C LEU E 170 27.76 -48.10 -15.43
N THR E 171 26.69 -48.25 -14.66
CA THR E 171 26.48 -47.36 -13.52
C THR E 171 26.34 -48.10 -12.19
N SER E 172 25.90 -49.36 -12.25
CA SER E 172 25.78 -50.16 -11.04
C SER E 172 27.15 -50.59 -10.51
N GLY E 173 27.35 -50.43 -9.20
CA GLY E 173 28.53 -50.92 -8.54
C GLY E 173 29.76 -50.06 -8.72
N VAL E 174 29.56 -48.77 -8.94
CA VAL E 174 30.66 -47.84 -9.11
C VAL E 174 30.88 -47.03 -7.83
N HIS E 175 32.09 -47.13 -7.26
CA HIS E 175 32.45 -46.32 -6.11
C HIS E 175 33.56 -45.35 -6.46
N THR E 176 33.20 -44.09 -6.67
CA THR E 176 34.19 -43.04 -6.91
C THR E 176 34.52 -42.38 -5.57
N PHE E 177 35.73 -42.64 -5.08
CA PHE E 177 36.14 -42.13 -3.78
C PHE E 177 36.33 -40.62 -3.85
N PRO E 178 35.99 -39.92 -2.75
CA PRO E 178 36.24 -38.49 -2.65
C PRO E 178 37.71 -38.19 -2.90
N ALA E 179 38.00 -37.14 -3.67
CA ALA E 179 39.37 -36.78 -3.97
C ALA E 179 40.10 -36.30 -2.72
N VAL E 180 41.37 -36.66 -2.61
CA VAL E 180 42.20 -36.17 -1.51
C VAL E 180 43.21 -35.15 -2.03
N LEU E 181 43.58 -34.22 -1.16
CA LEU E 181 44.56 -33.22 -1.53
C LEU E 181 45.95 -33.73 -1.19
N GLN E 182 46.80 -33.88 -2.20
CA GLN E 182 48.15 -34.36 -1.99
C GLN E 182 49.07 -33.24 -1.52
N SER E 183 50.24 -33.61 -1.02
CA SER E 183 51.21 -32.63 -0.53
C SER E 183 51.71 -31.72 -1.65
N SER E 184 51.57 -32.18 -2.88
CA SER E 184 52.00 -31.42 -4.05
C SER E 184 51.02 -30.29 -4.37
N GLY E 185 49.87 -30.29 -3.71
CA GLY E 185 48.86 -29.28 -3.97
C GLY E 185 47.87 -29.72 -5.03
N LEU E 186 48.07 -30.93 -5.55
CA LEU E 186 47.18 -31.47 -6.57
C LEU E 186 46.21 -32.49 -5.95
N TYR E 187 45.12 -32.76 -6.67
CA TYR E 187 44.14 -33.74 -6.22
C TYR E 187 44.36 -35.07 -6.89
N SER E 188 43.83 -36.12 -6.26
CA SER E 188 43.79 -37.44 -6.85
C SER E 188 42.64 -38.23 -6.23
N LEU E 189 42.04 -39.11 -7.02
CA LEU E 189 41.01 -39.98 -6.51
C LEU E 189 41.08 -41.33 -7.18
N SER E 190 40.14 -42.20 -6.82
CA SER E 190 40.02 -43.51 -7.45
C SER E 190 38.56 -43.76 -7.79
N SER E 191 38.34 -44.45 -8.90
CA SER E 191 37.00 -44.90 -9.26
C SER E 191 37.03 -46.41 -9.38
N VAL E 192 36.33 -47.08 -8.48
CA VAL E 192 36.36 -48.54 -8.43
C VAL E 192 34.99 -49.14 -8.75
N VAL E 193 34.96 -50.07 -9.68
CA VAL E 193 33.72 -50.75 -10.06
C VAL E 193 33.80 -52.23 -9.71
N THR E 194 32.69 -52.78 -9.22
CA THR E 194 32.59 -54.19 -8.87
C THR E 194 31.80 -54.96 -9.94
N VAL E 195 32.50 -55.81 -10.68
CA VAL E 195 31.89 -56.54 -11.80
C VAL E 195 31.92 -58.05 -11.57
N PRO E 196 31.12 -58.81 -12.33
CA PRO E 196 31.20 -60.26 -12.20
C PRO E 196 32.51 -60.83 -12.73
N SER E 197 33.07 -61.82 -12.03
CA SER E 197 34.31 -62.46 -12.44
C SER E 197 34.18 -63.13 -13.80
N SER E 198 32.98 -63.62 -14.11
CA SER E 198 32.73 -64.32 -15.35
C SER E 198 32.84 -63.40 -16.57
N SER E 199 32.70 -62.10 -16.34
CA SER E 199 32.67 -61.13 -17.42
C SER E 199 34.06 -60.64 -17.85
N LEU E 200 35.07 -60.93 -17.02
CA LEU E 200 36.39 -60.35 -17.19
C LEU E 200 37.06 -60.67 -18.52
N GLY E 201 36.73 -61.82 -19.09
CA GLY E 201 37.31 -62.20 -20.36
C GLY E 201 36.54 -61.73 -21.57
N THR E 202 35.27 -61.37 -21.37
CA THR E 202 34.38 -61.05 -22.49
C THR E 202 33.98 -59.59 -22.52
N GLN E 203 33.92 -58.95 -21.36
CA GLN E 203 33.44 -57.57 -21.27
C GLN E 203 34.58 -56.57 -21.15
N THR E 204 34.56 -55.55 -22.01
CA THR E 204 35.53 -54.46 -21.94
C THR E 204 35.13 -53.45 -20.88
N TYR E 205 36.10 -53.00 -20.10
CA TYR E 205 35.85 -51.96 -19.11
C TYR E 205 36.74 -50.76 -19.36
N ILE E 206 36.11 -49.62 -19.62
CA ILE E 206 36.82 -48.39 -19.93
C ILE E 206 36.32 -47.25 -19.05
N CYS E 207 37.23 -46.62 -18.32
CA CYS E 207 36.86 -45.44 -17.55
C CYS E 207 36.98 -44.21 -18.44
N ASN E 208 35.95 -43.38 -18.42
CA ASN E 208 35.96 -42.13 -19.16
C ASN E 208 36.12 -40.97 -18.18
N VAL E 209 37.24 -40.26 -18.30
CA VAL E 209 37.57 -39.20 -17.37
C VAL E 209 37.50 -37.83 -18.04
N ASN E 210 36.69 -36.95 -17.47
CA ASN E 210 36.52 -35.60 -18.01
C ASN E 210 37.01 -34.55 -17.03
N HIS E 211 37.91 -33.68 -17.49
CA HIS E 211 38.35 -32.56 -16.66
C HIS E 211 38.19 -31.25 -17.44
N LYS E 212 37.02 -30.65 -17.29
CA LYS E 212 36.68 -29.42 -18.01
C LYS E 212 37.67 -28.25 -17.81
N PRO E 213 38.18 -28.03 -16.59
CA PRO E 213 39.10 -26.88 -16.43
C PRO E 213 40.35 -26.94 -17.31
N SER E 214 40.71 -28.13 -17.80
CA SER E 214 41.88 -28.29 -18.65
C SER E 214 41.51 -28.82 -20.03
N ASN E 215 40.21 -29.02 -20.25
CA ASN E 215 39.69 -29.61 -21.48
C ASN E 215 40.35 -30.95 -21.78
N THR E 216 40.59 -31.72 -20.72
CA THR E 216 41.20 -33.03 -20.83
C THR E 216 40.16 -34.14 -20.72
N LYS E 217 40.12 -35.01 -21.74
CA LYS E 217 39.24 -36.18 -21.70
C LYS E 217 40.02 -37.44 -22.07
N VAL E 218 40.01 -38.40 -21.16
CA VAL E 218 40.81 -39.62 -21.29
C VAL E 218 39.96 -40.88 -21.19
N ASP E 219 40.13 -41.79 -22.13
CA ASP E 219 39.47 -43.09 -22.08
C ASP E 219 40.51 -44.19 -21.83
N LYS E 220 40.44 -44.82 -20.67
CA LYS E 220 41.40 -45.87 -20.33
C LYS E 220 40.77 -47.24 -20.18
N LYS E 221 41.19 -48.17 -21.04
CA LYS E 221 40.78 -49.56 -20.94
C LYS E 221 41.47 -50.22 -19.75
N VAL E 222 40.69 -50.88 -18.90
CA VAL E 222 41.24 -51.57 -17.75
C VAL E 222 41.10 -53.08 -17.91
N GLU E 223 42.24 -53.77 -17.97
CA GLU E 223 42.26 -55.22 -18.20
C GLU E 223 43.09 -55.94 -17.14
N PRO E 224 42.85 -57.25 -16.97
CA PRO E 224 43.76 -58.09 -16.18
C PRO E 224 45.13 -58.19 -16.85
N LYS E 225 46.17 -58.47 -16.08
CA LYS E 225 47.52 -58.57 -16.63
C LYS E 225 47.97 -60.02 -16.78
N ASP F 1 20.88 -10.04 10.73
CA ASP F 1 21.20 -11.44 10.51
C ASP F 1 20.55 -12.35 11.54
N ILE F 2 19.54 -13.11 11.12
CA ILE F 2 18.92 -14.09 11.99
C ILE F 2 19.72 -15.38 12.02
N ARG F 3 20.27 -15.69 13.20
CA ARG F 3 21.09 -16.89 13.39
C ARG F 3 20.22 -18.12 13.67
N LEU F 4 20.48 -19.20 12.95
CA LEU F 4 19.81 -20.48 13.21
C LEU F 4 20.80 -21.50 13.76
N THR F 5 20.46 -22.11 14.89
CA THR F 5 21.32 -23.10 15.51
C THR F 5 20.64 -24.46 15.62
N GLN F 6 21.13 -25.43 14.85
CA GLN F 6 20.59 -26.78 14.89
C GLN F 6 21.21 -27.63 16.00
N SER F 7 20.42 -28.54 16.55
CA SER F 7 20.92 -29.49 17.54
C SER F 7 20.31 -30.86 17.31
N PRO F 8 21.14 -31.90 17.27
CA PRO F 8 22.60 -31.84 17.43
C PRO F 8 23.32 -31.62 16.11
N SER F 9 24.65 -31.49 16.15
CA SER F 9 25.44 -31.28 14.94
C SER F 9 25.61 -32.58 14.15
N SER F 10 25.58 -33.70 14.86
CA SER F 10 25.59 -35.01 14.23
C SER F 10 24.89 -36.03 15.11
N LEU F 11 24.35 -37.07 14.48
CA LEU F 11 23.73 -38.15 15.24
C LEU F 11 23.82 -39.46 14.47
N SER F 12 23.73 -40.57 15.19
CA SER F 12 23.64 -41.88 14.56
C SER F 12 22.50 -42.65 15.20
N ALA F 13 21.77 -43.40 14.39
CA ALA F 13 20.62 -44.14 14.90
C ALA F 13 20.35 -45.37 14.05
N SER F 14 19.65 -46.34 14.63
CA SER F 14 19.32 -47.56 13.93
C SER F 14 18.12 -47.37 13.01
N VAL F 15 17.98 -48.25 12.04
CA VAL F 15 16.78 -48.27 11.21
C VAL F 15 15.55 -48.46 12.08
N GLY F 16 14.53 -47.65 11.85
CA GLY F 16 13.28 -47.76 12.58
C GLY F 16 13.19 -46.82 13.78
N ASP F 17 14.31 -46.21 14.14
CA ASP F 17 14.35 -45.32 15.30
C ASP F 17 13.70 -43.99 15.03
N ARG F 18 13.31 -43.30 16.11
CA ARG F 18 12.76 -41.97 16.01
C ARG F 18 13.87 -40.93 16.14
N VAL F 19 14.05 -40.11 15.10
CA VAL F 19 15.11 -39.12 15.08
C VAL F 19 14.54 -37.70 15.16
N THR F 20 15.14 -36.89 16.02
CA THR F 20 14.67 -35.52 16.24
C THR F 20 15.80 -34.49 16.09
N ILE F 21 15.60 -33.56 15.18
CA ILE F 21 16.53 -32.45 14.98
C ILE F 21 15.84 -31.14 15.32
N THR F 22 16.41 -30.38 16.25
CA THR F 22 15.82 -29.11 16.64
C THR F 22 16.58 -27.93 16.03
N CYS F 23 15.83 -26.88 15.71
CA CYS F 23 16.41 -25.64 15.17
C CYS F 23 15.93 -24.48 16.03
N ARG F 24 16.86 -23.66 16.51
CA ARG F 24 16.46 -22.49 17.29
C ARG F 24 16.92 -21.19 16.62
N ALA F 25 16.01 -20.21 16.57
CA ALA F 25 16.29 -18.93 15.92
C ALA F 25 16.64 -17.85 16.94
N SER F 26 17.47 -16.91 16.52
CA SER F 26 17.89 -15.81 17.39
C SER F 26 16.72 -14.88 17.68
N GLN F 27 15.76 -14.86 16.77
CA GLN F 27 14.53 -14.08 16.95
C GLN F 27 13.40 -14.73 16.17
N SER F 28 12.16 -14.35 16.51
CA SER F 28 10.98 -14.98 15.93
C SER F 28 10.95 -14.90 14.41
N ILE F 29 10.77 -16.06 13.77
CA ILE F 29 10.64 -16.12 12.32
C ILE F 29 9.26 -16.66 11.93
N SER F 30 8.30 -16.50 12.84
CA SER F 30 6.94 -17.01 12.65
C SER F 30 6.98 -18.50 12.35
N SER F 31 6.47 -18.88 11.18
CA SER F 31 6.48 -20.28 10.77
C SER F 31 7.23 -20.43 9.44
N TYR F 32 7.95 -19.39 9.05
CA TYR F 32 8.67 -19.43 7.79
C TYR F 32 10.00 -20.14 7.94
N LEU F 33 9.93 -21.41 8.33
CA LEU F 33 11.12 -22.24 8.46
C LEU F 33 11.01 -23.47 7.58
N ASN F 34 12.08 -23.75 6.83
CA ASN F 34 12.10 -24.88 5.93
C ASN F 34 13.21 -25.86 6.25
N TRP F 35 12.98 -27.13 5.94
CA TRP F 35 13.98 -28.16 6.14
C TRP F 35 14.42 -28.78 4.81
N TYR F 36 15.72 -29.03 4.68
CA TYR F 36 16.29 -29.62 3.47
C TYR F 36 17.14 -30.84 3.82
N GLN F 37 17.18 -31.80 2.90
CA GLN F 37 18.08 -32.93 3.01
C GLN F 37 19.12 -32.86 1.88
N GLN F 38 20.40 -32.94 2.24
CA GLN F 38 21.43 -32.94 1.21
C GLN F 38 22.27 -34.20 1.25
N LYS F 39 22.24 -34.93 0.13
CA LYS F 39 23.15 -36.04 -0.10
C LYS F 39 24.47 -35.45 -0.60
N PRO F 40 25.59 -36.13 -0.33
CA PRO F 40 26.89 -35.61 -0.76
C PRO F 40 26.99 -35.48 -2.28
N GLY F 41 27.48 -34.34 -2.75
CA GLY F 41 27.65 -34.11 -4.18
C GLY F 41 26.36 -33.84 -4.93
N LYS F 42 25.28 -33.58 -4.21
CA LYS F 42 23.98 -33.32 -4.84
C LYS F 42 23.28 -32.11 -4.26
N ALA F 43 22.39 -31.52 -5.06
CA ALA F 43 21.60 -30.37 -4.63
C ALA F 43 20.65 -30.77 -3.49
N PRO F 44 20.40 -29.85 -2.55
CA PRO F 44 19.50 -30.11 -1.43
C PRO F 44 18.06 -30.38 -1.89
N ASP F 45 17.32 -31.13 -1.08
CA ASP F 45 15.91 -31.41 -1.36
C ASP F 45 15.01 -30.84 -0.28
N LEU F 46 14.03 -30.05 -0.70
CA LEU F 46 13.02 -29.52 0.21
C LEU F 46 12.18 -30.66 0.81
N LEU F 47 12.15 -30.73 2.14
CA LEU F 47 11.37 -31.75 2.85
C LEU F 47 10.15 -31.14 3.50
N ILE F 48 10.40 -30.14 4.33
CA ILE F 48 9.34 -29.44 5.06
C ILE F 48 9.39 -27.95 4.74
N TYR F 49 8.24 -27.36 4.46
CA TYR F 49 8.17 -25.92 4.28
C TYR F 49 7.10 -25.34 5.20
N GLY F 50 7.34 -24.14 5.70
CA GLY F 50 6.39 -23.50 6.58
C GLY F 50 6.31 -24.22 7.91
N ALA F 51 7.46 -24.74 8.34
CA ALA F 51 7.65 -25.42 9.62
C ALA F 51 6.98 -26.79 9.70
N SER F 52 5.81 -26.97 9.08
CA SER F 52 5.07 -28.22 9.27
C SER F 52 4.44 -28.83 8.02
N SER F 53 4.63 -28.22 6.86
CA SER F 53 4.01 -28.76 5.65
C SER F 53 4.95 -29.69 4.89
N LEU F 54 4.44 -30.87 4.56
CA LEU F 54 5.21 -31.87 3.85
C LEU F 54 5.25 -31.60 2.35
N GLN F 55 6.45 -31.40 1.81
CA GLN F 55 6.63 -31.25 0.37
C GLN F 55 6.19 -32.53 -0.33
N SER F 56 5.65 -32.41 -1.54
CA SER F 56 5.16 -33.57 -2.26
C SER F 56 6.31 -34.44 -2.77
N GLY F 57 6.15 -35.75 -2.65
CA GLY F 57 7.19 -36.68 -3.04
C GLY F 57 8.01 -37.11 -1.85
N VAL F 58 7.85 -36.37 -0.75
CA VAL F 58 8.58 -36.66 0.48
C VAL F 58 7.77 -37.62 1.35
N PRO F 59 8.42 -38.70 1.83
CA PRO F 59 7.78 -39.73 2.65
C PRO F 59 7.12 -39.19 3.92
N SER F 60 6.05 -39.85 4.34
CA SER F 60 5.25 -39.43 5.50
C SER F 60 6.02 -39.45 6.81
N ARG F 61 7.12 -40.19 6.86
CA ARG F 61 7.88 -40.34 8.09
C ARG F 61 8.60 -39.04 8.48
N PHE F 62 8.74 -38.12 7.52
CA PHE F 62 9.22 -36.77 7.83
C PHE F 62 8.07 -35.90 8.32
N SER F 63 8.34 -35.13 9.38
CA SER F 63 7.35 -34.20 9.89
C SER F 63 8.03 -33.06 10.65
N GLY F 64 7.43 -31.88 10.61
CA GLY F 64 7.97 -30.73 11.28
C GLY F 64 6.97 -30.08 12.24
N SER F 65 7.49 -29.34 13.21
CA SER F 65 6.63 -28.62 14.13
C SER F 65 7.33 -27.38 14.69
N GLY F 66 6.56 -26.53 15.37
CA GLY F 66 7.11 -25.36 16.03
C GLY F 66 6.83 -24.06 15.33
N SER F 67 6.89 -22.97 16.09
CA SER F 67 6.78 -21.62 15.53
C SER F 67 7.50 -20.65 16.44
N GLY F 68 7.70 -19.43 15.96
CA GLY F 68 8.43 -18.42 16.71
C GLY F 68 9.92 -18.63 16.62
N THR F 69 10.50 -19.21 17.67
CA THR F 69 11.95 -19.38 17.73
C THR F 69 12.40 -20.84 17.71
N ASP F 70 11.50 -21.76 18.07
CA ASP F 70 11.90 -23.15 18.24
C ASP F 70 11.15 -24.11 17.31
N PHE F 71 11.92 -24.94 16.61
CA PHE F 71 11.37 -25.82 15.58
C PHE F 71 11.96 -27.23 15.67
N THR F 72 11.26 -28.20 15.11
CA THR F 72 11.72 -29.58 15.16
C THR F 72 11.44 -30.36 13.89
N LEU F 73 12.49 -30.94 13.32
CA LEU F 73 12.33 -31.95 12.28
C LEU F 73 12.30 -33.31 12.95
N THR F 74 11.30 -34.12 12.61
CA THR F 74 11.19 -35.46 13.18
C THR F 74 11.12 -36.51 12.09
N ILE F 75 11.94 -37.55 12.22
CA ILE F 75 11.83 -38.71 11.36
C ILE F 75 11.30 -39.86 12.21
N SER F 76 10.06 -40.25 11.97
CA SER F 76 9.36 -41.21 12.82
C SER F 76 10.01 -42.59 12.77
N SER F 77 10.49 -42.98 11.60
CA SER F 77 11.13 -44.28 11.43
C SER F 77 12.32 -44.17 10.47
N LEU F 78 13.51 -44.04 11.03
CA LEU F 78 14.71 -43.78 10.24
C LEU F 78 15.00 -44.89 9.23
N GLN F 79 15.37 -44.47 8.03
CA GLN F 79 15.64 -45.39 6.92
C GLN F 79 17.06 -45.18 6.40
N PRO F 80 17.64 -46.22 5.78
CA PRO F 80 19.01 -46.11 5.27
C PRO F 80 19.18 -44.98 4.24
N GLU F 81 18.12 -44.71 3.48
CA GLU F 81 18.20 -43.64 2.48
C GLU F 81 18.10 -42.26 3.12
N ASP F 82 17.82 -42.22 4.42
CA ASP F 82 17.69 -40.94 5.11
C ASP F 82 19.03 -40.40 5.57
N PHE F 83 20.10 -41.13 5.27
CA PHE F 83 21.45 -40.67 5.56
C PHE F 83 21.71 -39.35 4.84
N GLY F 84 22.48 -38.47 5.47
CA GLY F 84 22.91 -37.24 4.82
C GLY F 84 22.93 -36.07 5.77
N ASN F 85 22.98 -34.87 5.21
CA ASN F 85 22.99 -33.66 6.00
C ASN F 85 21.66 -32.91 5.93
N TYR F 86 21.20 -32.45 7.08
CA TYR F 86 19.91 -31.77 7.15
C TYR F 86 20.10 -30.32 7.56
N TYR F 87 19.51 -29.42 6.78
CA TYR F 87 19.63 -27.99 7.02
C TYR F 87 18.28 -27.37 7.28
N CYS F 88 18.17 -26.57 8.33
CA CYS F 88 17.00 -25.74 8.50
C CYS F 88 17.31 -24.37 7.88
N GLN F 89 16.27 -23.72 7.37
CA GLN F 89 16.45 -22.44 6.68
C GLN F 89 15.25 -21.54 6.89
N GLN F 90 15.51 -20.29 7.27
CA GLN F 90 14.42 -19.33 7.44
C GLN F 90 14.27 -18.46 6.20
N SER F 91 13.04 -18.11 5.90
CA SER F 91 12.75 -17.26 4.76
C SER F 91 11.86 -16.09 5.22
N PHE F 92 11.89 -15.85 6.53
CA PHE F 92 11.12 -14.77 7.15
C PHE F 92 11.58 -13.40 6.69
N SER F 93 12.90 -13.23 6.61
CA SER F 93 13.48 -11.96 6.20
C SER F 93 14.86 -12.15 5.60
N THR F 94 15.28 -11.17 4.78
CA THR F 94 16.64 -11.18 4.24
C THR F 94 17.59 -10.58 5.26
N PRO F 95 18.84 -11.08 5.29
CA PRO F 95 19.36 -12.18 4.48
C PRO F 95 18.81 -13.54 4.89
N ARG F 96 18.43 -14.35 3.91
CA ARG F 96 18.00 -15.71 4.18
C ARG F 96 19.16 -16.47 4.79
N THR F 97 18.88 -17.23 5.86
CA THR F 97 19.95 -17.90 6.57
C THR F 97 19.68 -19.38 6.76
N PHE F 98 20.76 -20.15 6.89
CA PHE F 98 20.69 -21.58 7.10
C PHE F 98 21.26 -21.95 8.46
N GLY F 99 20.83 -23.09 8.98
CA GLY F 99 21.48 -23.66 10.15
C GLY F 99 22.81 -24.23 9.72
N GLN F 100 23.68 -24.55 10.68
CA GLN F 100 25.01 -25.06 10.33
C GLN F 100 24.95 -26.50 9.81
N GLY F 101 23.77 -27.10 9.86
CA GLY F 101 23.57 -28.44 9.34
C GLY F 101 23.75 -29.54 10.38
N THR F 102 23.10 -30.67 10.12
CA THR F 102 23.21 -31.83 11.00
C THR F 102 23.50 -33.10 10.21
N LYS F 103 24.58 -33.78 10.57
CA LYS F 103 24.94 -35.06 9.95
C LYS F 103 24.13 -36.20 10.55
N VAL F 104 23.42 -36.93 9.71
CA VAL F 104 22.65 -38.09 10.17
C VAL F 104 23.21 -39.37 9.58
N GLU F 105 23.69 -40.25 10.44
CA GLU F 105 24.28 -41.51 10.01
C GLU F 105 23.51 -42.69 10.60
N LEU F 106 23.61 -43.84 9.96
CA LEU F 106 22.87 -45.00 10.44
C LEU F 106 23.75 -46.04 11.10
N LYS F 107 23.25 -46.57 12.23
CA LYS F 107 23.87 -47.70 12.88
C LYS F 107 23.38 -48.98 12.24
N ARG F 108 24.17 -50.05 12.35
CA ARG F 108 23.77 -51.35 11.84
C ARG F 108 24.72 -52.42 12.40
N THR F 109 24.44 -53.67 12.07
CA THR F 109 25.28 -54.77 12.54
C THR F 109 26.66 -54.67 11.90
N VAL F 110 27.66 -55.16 12.63
CA VAL F 110 29.04 -55.13 12.16
C VAL F 110 29.20 -55.91 10.86
N ALA F 111 29.93 -55.32 9.92
CA ALA F 111 30.29 -56.01 8.68
C ALA F 111 31.80 -55.88 8.47
N ALA F 112 32.47 -57.02 8.33
CA ALA F 112 33.91 -57.03 8.09
C ALA F 112 34.21 -56.52 6.69
N PRO F 113 35.34 -55.81 6.54
CA PRO F 113 35.73 -55.29 5.23
C PRO F 113 36.27 -56.39 4.32
N SER F 114 36.03 -56.24 3.02
CA SER F 114 36.74 -57.04 2.04
C SER F 114 37.97 -56.25 1.62
N VAL F 115 39.14 -56.84 1.77
CA VAL F 115 40.39 -56.12 1.55
C VAL F 115 41.08 -56.53 0.26
N PHE F 116 41.16 -55.58 -0.67
CA PHE F 116 41.83 -55.81 -1.95
C PHE F 116 43.11 -54.97 -2.00
N ILE F 117 44.08 -55.42 -2.78
CA ILE F 117 45.30 -54.65 -2.95
C ILE F 117 45.67 -54.56 -4.42
N PHE F 118 46.09 -53.37 -4.84
CA PHE F 118 46.39 -53.10 -6.25
C PHE F 118 47.81 -52.58 -6.40
N PRO F 119 48.68 -53.35 -7.05
CA PRO F 119 50.03 -52.86 -7.33
C PRO F 119 49.99 -51.79 -8.41
N PRO F 120 50.98 -50.89 -8.45
CA PRO F 120 50.98 -49.85 -9.48
C PRO F 120 51.06 -50.40 -10.90
N SER F 121 50.37 -49.75 -11.83
CA SER F 121 50.43 -50.13 -13.23
C SER F 121 51.81 -49.83 -13.79
N ASP F 122 52.19 -50.55 -14.85
CA ASP F 122 53.48 -50.32 -15.49
C ASP F 122 53.52 -48.96 -16.16
N GLU F 123 52.34 -48.44 -16.50
CA GLU F 123 52.24 -47.15 -17.16
C GLU F 123 52.58 -46.01 -16.22
N GLN F 124 52.21 -46.14 -14.94
CA GLN F 124 52.55 -45.13 -13.95
C GLN F 124 54.03 -45.16 -13.60
N LEU F 125 54.62 -46.36 -13.61
CA LEU F 125 56.03 -46.52 -13.30
C LEU F 125 56.93 -45.80 -14.29
N LYS F 126 56.45 -45.63 -15.52
CA LYS F 126 57.20 -44.91 -16.53
C LYS F 126 57.35 -43.44 -16.15
N SER F 127 56.32 -42.88 -15.54
CA SER F 127 56.32 -41.46 -15.18
C SER F 127 57.21 -41.17 -13.98
N GLY F 128 57.67 -42.22 -13.30
CA GLY F 128 58.58 -42.08 -12.19
C GLY F 128 57.94 -42.05 -10.81
N THR F 129 56.71 -42.55 -10.73
CA THR F 129 55.97 -42.58 -9.48
C THR F 129 55.24 -43.91 -9.32
N ALA F 130 55.13 -44.40 -8.09
CA ALA F 130 54.42 -45.63 -7.81
C ALA F 130 53.32 -45.42 -6.78
N SER F 131 52.10 -45.76 -7.15
CA SER F 131 50.98 -45.70 -6.20
C SER F 131 50.47 -47.11 -5.92
N VAL F 132 50.53 -47.51 -4.65
CA VAL F 132 49.95 -48.77 -4.23
C VAL F 132 48.63 -48.48 -3.54
N VAL F 133 47.59 -49.24 -3.88
CA VAL F 133 46.25 -48.95 -3.39
C VAL F 133 45.65 -50.12 -2.60
N CYS F 134 45.16 -49.83 -1.41
CA CYS F 134 44.50 -50.82 -0.59
C CYS F 134 43.01 -50.46 -0.45
N LEU F 135 42.14 -51.42 -0.72
CA LEU F 135 40.70 -51.18 -0.64
C LEU F 135 40.04 -51.91 0.52
N LEU F 136 39.26 -51.17 1.29
CA LEU F 136 38.37 -51.76 2.29
C LEU F 136 36.92 -51.56 1.84
N ASN F 137 36.32 -52.61 1.30
CA ASN F 137 34.99 -52.48 0.71
C ASN F 137 33.87 -52.91 1.64
N ASN F 138 32.84 -52.07 1.72
CA ASN F 138 31.57 -52.42 2.34
C ASN F 138 31.69 -52.95 3.77
N PHE F 139 32.06 -52.07 4.69
CA PHE F 139 32.23 -52.47 6.08
C PHE F 139 31.53 -51.52 7.03
N TYR F 140 31.33 -52.00 8.26
CA TYR F 140 30.78 -51.19 9.34
C TYR F 140 31.26 -51.77 10.67
N PRO F 141 31.60 -50.89 11.63
CA PRO F 141 31.54 -49.43 11.60
C PRO F 141 32.69 -48.79 10.84
N ARG F 142 32.62 -47.47 10.69
CA ARG F 142 33.56 -46.71 9.86
C ARG F 142 34.99 -46.83 10.35
N GLU F 143 35.15 -46.91 11.68
CA GLU F 143 36.47 -46.96 12.29
C GLU F 143 37.28 -48.16 11.83
N ALA F 144 38.49 -47.89 11.34
CA ALA F 144 39.38 -48.94 10.85
C ALA F 144 40.81 -48.43 10.81
N LYS F 145 41.77 -49.30 11.15
CA LYS F 145 43.17 -48.94 11.04
C LYS F 145 43.81 -49.66 9.86
N VAL F 146 44.45 -48.89 8.98
CA VAL F 146 45.11 -49.47 7.81
C VAL F 146 46.57 -49.06 7.79
N GLN F 147 47.46 -50.03 7.98
CA GLN F 147 48.89 -49.76 8.03
C GLN F 147 49.64 -50.39 6.87
N TRP F 148 50.59 -49.65 6.31
CA TRP F 148 51.42 -50.16 5.24
C TRP F 148 52.74 -50.69 5.77
N LYS F 149 53.12 -51.87 5.31
CA LYS F 149 54.43 -52.43 5.60
C LYS F 149 55.15 -52.71 4.29
N VAL F 150 56.31 -52.08 4.12
CA VAL F 150 57.15 -52.34 2.96
C VAL F 150 58.41 -53.05 3.44
N ASP F 151 58.54 -54.32 3.05
CA ASP F 151 59.59 -55.20 3.59
C ASP F 151 59.61 -55.14 5.11
N ASN F 152 58.43 -55.26 5.71
CA ASN F 152 58.19 -55.28 7.15
C ASN F 152 58.43 -53.93 7.84
N ALA F 153 58.70 -52.89 7.06
CA ALA F 153 58.85 -51.55 7.63
C ALA F 153 57.51 -50.83 7.66
N LEU F 154 57.11 -50.37 8.84
CA LEU F 154 55.88 -49.62 8.99
C LEU F 154 56.03 -48.22 8.37
N GLN F 155 55.09 -47.87 7.49
CA GLN F 155 55.18 -46.62 6.74
C GLN F 155 54.49 -45.47 7.47
N SER F 156 55.09 -44.28 7.37
CA SER F 156 54.52 -43.08 7.96
C SER F 156 54.72 -41.88 7.06
N GLY F 157 53.62 -41.21 6.73
CA GLY F 157 53.69 -39.94 6.01
C GLY F 157 53.64 -40.02 4.49
N ASN F 158 53.52 -41.23 3.96
CA ASN F 158 53.46 -41.39 2.51
C ASN F 158 52.20 -42.12 2.05
N SER F 159 51.14 -42.02 2.84
CA SER F 159 49.87 -42.61 2.47
C SER F 159 48.70 -41.67 2.79
N GLN F 160 47.63 -41.81 2.01
CA GLN F 160 46.42 -41.02 2.23
C GLN F 160 45.20 -41.92 2.15
N GLU F 161 44.25 -41.71 3.05
CA GLU F 161 43.02 -42.47 3.03
C GLU F 161 41.86 -41.65 2.49
N SER F 162 40.86 -42.34 1.98
CA SER F 162 39.64 -41.70 1.52
C SER F 162 38.47 -42.63 1.83
N VAL F 163 37.48 -42.11 2.54
CA VAL F 163 36.31 -42.88 2.91
C VAL F 163 35.11 -42.42 2.13
N THR F 164 34.31 -43.37 1.63
CA THR F 164 33.10 -43.01 0.92
C THR F 164 32.05 -42.49 1.89
N GLU F 165 31.03 -41.84 1.34
CA GLU F 165 29.79 -41.57 2.06
C GLU F 165 29.18 -42.88 2.53
N GLN F 166 28.40 -42.83 3.61
CA GLN F 166 27.67 -44.01 4.04
C GLN F 166 26.70 -44.45 2.96
N ASP F 167 26.70 -45.72 2.63
CA ASP F 167 25.84 -46.24 1.57
C ASP F 167 24.36 -46.04 1.92
N SER F 168 23.60 -45.52 0.96
CA SER F 168 22.21 -45.19 1.22
C SER F 168 21.30 -46.42 1.19
N LYS F 169 21.86 -47.56 0.83
CA LYS F 169 21.07 -48.78 0.79
C LYS F 169 21.43 -49.77 1.91
N ASP F 170 22.73 -49.99 2.16
CA ASP F 170 23.12 -50.97 3.19
C ASP F 170 23.91 -50.35 4.35
N SER F 171 24.09 -49.04 4.31
CA SER F 171 24.73 -48.28 5.40
C SER F 171 26.18 -48.66 5.69
N THR F 172 26.85 -49.31 4.74
CA THR F 172 28.26 -49.64 4.93
C THR F 172 29.17 -48.55 4.37
N TYR F 173 30.45 -48.64 4.70
CA TYR F 173 31.45 -47.70 4.22
C TYR F 173 32.47 -48.40 3.33
N SER F 174 33.17 -47.62 2.53
CA SER F 174 34.29 -48.14 1.77
C SER F 174 35.46 -47.18 1.87
N LEU F 175 36.67 -47.73 1.93
CA LEU F 175 37.85 -46.92 2.18
C LEU F 175 38.98 -47.28 1.23
N SER F 176 39.71 -46.28 0.77
CA SER F 176 40.91 -46.52 -0.03
C SER F 176 42.12 -45.94 0.66
N SER F 177 43.19 -46.72 0.75
CA SER F 177 44.46 -46.22 1.27
C SER F 177 45.47 -46.27 0.15
N THR F 178 46.13 -45.14 -0.10
CA THR F 178 47.04 -45.03 -1.22
C THR F 178 48.45 -44.71 -0.75
N LEU F 179 49.38 -45.62 -1.00
CA LEU F 179 50.77 -45.46 -0.63
C LEU F 179 51.56 -44.98 -1.83
N THR F 180 52.20 -43.82 -1.71
CA THR F 180 52.89 -43.23 -2.84
C THR F 180 54.41 -43.24 -2.64
N LEU F 181 55.10 -43.79 -3.63
CA LEU F 181 56.55 -43.89 -3.59
C LEU F 181 57.16 -43.45 -4.91
N SER F 182 58.44 -43.10 -4.89
CA SER F 182 59.17 -42.87 -6.12
C SER F 182 59.40 -44.22 -6.80
N LYS F 183 59.50 -44.21 -8.12
CA LYS F 183 59.81 -45.41 -8.88
C LYS F 183 61.07 -46.10 -8.34
N ALA F 184 62.01 -45.30 -7.85
CA ALA F 184 63.27 -45.82 -7.31
C ALA F 184 63.05 -46.61 -6.03
N ASP F 185 62.33 -46.02 -5.08
CA ASP F 185 62.05 -46.68 -3.81
C ASP F 185 61.15 -47.88 -3.97
N TYR F 186 60.26 -47.81 -4.97
CA TYR F 186 59.33 -48.92 -5.21
C TYR F 186 60.07 -50.15 -5.72
N GLU F 187 61.12 -49.93 -6.51
CA GLU F 187 61.80 -51.04 -7.17
C GLU F 187 62.93 -51.66 -6.32
N LYS F 188 63.26 -51.02 -5.21
CA LYS F 188 64.31 -51.56 -4.34
C LYS F 188 63.70 -52.43 -3.26
N HIS F 189 62.37 -52.51 -3.25
CA HIS F 189 61.65 -53.32 -2.28
C HIS F 189 60.86 -54.43 -2.94
N LYS F 190 60.53 -55.47 -2.17
CA LYS F 190 59.88 -56.65 -2.70
C LYS F 190 58.46 -56.85 -2.19
N VAL F 191 58.31 -56.95 -0.88
CA VAL F 191 57.00 -57.26 -0.29
C VAL F 191 56.24 -56.00 0.11
N TYR F 192 55.07 -55.81 -0.50
CA TYR F 192 54.20 -54.70 -0.16
C TYR F 192 52.95 -55.22 0.52
N ALA F 193 52.68 -54.72 1.72
CA ALA F 193 51.65 -55.30 2.57
C ALA F 193 50.76 -54.24 3.19
N CYS F 194 49.50 -54.61 3.35
CA CYS F 194 48.49 -53.74 3.93
C CYS F 194 47.74 -54.53 5.01
N GLU F 195 47.97 -54.19 6.27
CA GLU F 195 47.28 -54.90 7.34
C GLU F 195 46.14 -54.06 7.93
N VAL F 196 44.98 -54.69 8.04
CA VAL F 196 43.74 -54.01 8.39
C VAL F 196 43.18 -54.48 9.73
N THR F 197 42.88 -53.53 10.61
CA THR F 197 42.23 -53.83 11.88
C THR F 197 40.82 -53.27 11.89
N HIS F 198 39.86 -54.11 12.22
CA HIS F 198 38.46 -53.70 12.23
C HIS F 198 37.67 -54.60 13.17
N GLN F 199 36.56 -54.09 13.69
CA GLN F 199 35.75 -54.82 14.64
C GLN F 199 35.25 -56.14 14.06
N GLY F 200 35.06 -56.18 12.74
CA GLY F 200 34.58 -57.37 12.07
C GLY F 200 35.62 -58.46 11.90
N LEU F 201 36.86 -58.17 12.28
CA LEU F 201 37.95 -59.13 12.13
C LEU F 201 38.42 -59.59 13.51
N SER F 202 38.51 -60.90 13.68
CA SER F 202 38.92 -61.48 14.97
C SER F 202 40.40 -61.24 15.24
N SER F 203 41.15 -61.02 14.16
CA SER F 203 42.57 -60.70 14.24
C SER F 203 42.94 -59.96 12.97
N PRO F 204 43.91 -59.03 13.05
CA PRO F 204 44.30 -58.21 11.89
C PRO F 204 44.63 -59.03 10.65
N VAL F 205 44.12 -58.60 9.50
CA VAL F 205 44.31 -59.31 8.25
C VAL F 205 45.32 -58.57 7.37
N THR F 206 46.18 -59.33 6.70
CA THR F 206 47.18 -58.73 5.82
C THR F 206 47.00 -59.19 4.37
N LYS F 207 46.84 -58.22 3.47
CA LYS F 207 46.91 -58.49 2.04
C LYS F 207 48.23 -57.95 1.51
N SER F 208 48.86 -58.69 0.61
CA SER F 208 50.20 -58.35 0.16
C SER F 208 50.54 -58.92 -1.21
N PHE F 209 51.64 -58.43 -1.79
CA PHE F 209 52.14 -59.00 -3.04
C PHE F 209 53.66 -58.86 -3.13
N ASN F 210 54.26 -59.65 -4.02
CA ASN F 210 55.68 -59.48 -4.34
C ASN F 210 55.84 -58.73 -5.66
N ARG F 211 56.67 -57.69 -5.65
CA ARG F 211 56.94 -56.94 -6.86
C ARG F 211 57.79 -57.75 -7.84
#